data_1JSE
# 
_entry.id   1JSE 
# 
_audit_conform.dict_name       mmcif_pdbx.dic 
_audit_conform.dict_version    5.398 
_audit_conform.dict_location   http://mmcif.pdb.org/dictionaries/ascii/mmcif_pdbx.dic 
# 
loop_
_database_2.database_id 
_database_2.database_code 
_database_2.pdbx_database_accession 
_database_2.pdbx_DOI 
PDB   1JSE         pdb_00001jse 10.2210/pdb1jse/pdb 
WWPDB D_1000174365 ?            ?                   
# 
loop_
_pdbx_audit_revision_history.ordinal 
_pdbx_audit_revision_history.data_content_type 
_pdbx_audit_revision_history.major_revision 
_pdbx_audit_revision_history.minor_revision 
_pdbx_audit_revision_history.revision_date 
1 'Structure model' 1 0 1998-04-29 
2 'Structure model' 1 1 2008-03-24 
3 'Structure model' 1 2 2011-07-13 
4 'Structure model' 1 3 2021-03-10 
5 'Structure model' 1 4 2023-08-09 
6 'Structure model' 1 5 2024-10-30 
# 
_pdbx_audit_revision_details.ordinal             1 
_pdbx_audit_revision_details.revision_ordinal    1 
_pdbx_audit_revision_details.data_content_type   'Structure model' 
_pdbx_audit_revision_details.provider            repository 
_pdbx_audit_revision_details.type                'Initial release' 
_pdbx_audit_revision_details.description         ? 
_pdbx_audit_revision_details.details             ? 
# 
loop_
_pdbx_audit_revision_group.ordinal 
_pdbx_audit_revision_group.revision_ordinal 
_pdbx_audit_revision_group.data_content_type 
_pdbx_audit_revision_group.group 
1 2 'Structure model' 'Version format compliance' 
2 3 'Structure model' 'Version format compliance' 
3 4 'Structure model' Advisory                    
4 4 'Structure model' 'Derived calculations'      
5 4 'Structure model' Other                       
6 5 'Structure model' 'Database references'       
7 5 'Structure model' 'Refinement description'    
8 6 'Structure model' 'Data collection'           
9 6 'Structure model' 'Structure summary'         
# 
loop_
_pdbx_audit_revision_category.ordinal 
_pdbx_audit_revision_category.revision_ordinal 
_pdbx_audit_revision_category.data_content_type 
_pdbx_audit_revision_category.category 
1  4 'Structure model' pdbx_database_status          
2  4 'Structure model' pdbx_distant_solvent_atoms    
3  4 'Structure model' struct_conn                   
4  4 'Structure model' struct_conn_type              
5  4 'Structure model' struct_site                   
6  5 'Structure model' database_2                    
7  5 'Structure model' pdbx_initial_refinement_model 
8  6 'Structure model' chem_comp_atom                
9  6 'Structure model' chem_comp_bond                
10 6 'Structure model' pdbx_entry_details            
11 6 'Structure model' pdbx_modification_feature     
# 
loop_
_pdbx_audit_revision_item.ordinal 
_pdbx_audit_revision_item.revision_ordinal 
_pdbx_audit_revision_item.data_content_type 
_pdbx_audit_revision_item.item 
1 4 'Structure model' '_pdbx_database_status.process_site'  
2 4 'Structure model' '_struct_site.pdbx_auth_asym_id'      
3 4 'Structure model' '_struct_site.pdbx_auth_comp_id'      
4 4 'Structure model' '_struct_site.pdbx_auth_seq_id'       
5 5 'Structure model' '_database_2.pdbx_DOI'                
6 5 'Structure model' '_database_2.pdbx_database_accession' 
# 
_pdbx_database_status.status_code                     REL 
_pdbx_database_status.entry_id                        1JSE 
_pdbx_database_status.recvd_initial_deposition_date   1998-01-05 
_pdbx_database_status.deposit_site                    ? 
_pdbx_database_status.process_site                    BNL 
_pdbx_database_status.status_code_sf                  REL 
_pdbx_database_status.status_code_mr                  ? 
_pdbx_database_status.SG_entry                        ? 
_pdbx_database_status.pdb_format_compatible           Y 
_pdbx_database_status.status_code_cs                  ? 
_pdbx_database_status.status_code_nmr_data            ? 
_pdbx_database_status.methods_development_category    ? 
# 
loop_
_audit_author.name 
_audit_author.pdbx_ordinal 
'Harata, K.' 1 
'Abe, Y.'    2 
'Muraki, M.' 3 
# 
_citation.id                        primary 
_citation.title                     'Full-matrix least-squares refinement of lysozymes and analysis of anisotropic thermal motion.' 
_citation.journal_abbrev            Proteins 
_citation.journal_volume            30 
_citation.page_first                232 
_citation.page_last                 243 
_citation.year                      1998 
_citation.journal_id_ASTM           PSFGEY 
_citation.country                   US 
_citation.journal_id_ISSN           0887-3585 
_citation.journal_id_CSD            0867 
_citation.book_publisher            ? 
_citation.pdbx_database_id_PubMed   9517539 
_citation.pdbx_database_id_DOI      '10.1002/(SICI)1097-0134(19980215)30:3<232::AID-PROT3>3.3.CO;2-B' 
# 
loop_
_citation_author.citation_id 
_citation_author.name 
_citation_author.ordinal 
_citation_author.identifier_ORCID 
primary 'Harata, K.' 1 ? 
primary 'Abe, Y.'    2 ? 
primary 'Muraki, M.' 3 ? 
# 
loop_
_entity.id 
_entity.type 
_entity.src_method 
_entity.pdbx_description 
_entity.formula_weight 
_entity.pdbx_number_of_molecules 
_entity.pdbx_ec 
_entity.pdbx_mutation 
_entity.pdbx_fragment 
_entity.details 
1 polymer     nat LYSOZYME   14228.105 1   3.2.1.17 ? ? ? 
2 non-polymer syn N-PROPANOL 60.095    1   ?        ? ? ? 
3 water       nat water      18.015    143 ?        ? ? ? 
# 
_entity_poly.entity_id                      1 
_entity_poly.type                           'polypeptide(L)' 
_entity_poly.nstd_linkage                   no 
_entity_poly.nstd_monomer                   no 
_entity_poly.pdbx_seq_one_letter_code       
;KVYGRCELAAAMKRLGLDNYRGYSLGNWVCAAKFESNFNTHATNRNTDGSTDYGILQINSRWWCNDGRTPGSKNLCNIPC
SALLSSDITASVNCAKKIASGGNGMNAWVAWRNRCKGTDVHAWIRGCRL
;
_entity_poly.pdbx_seq_one_letter_code_can   
;KVYGRCELAAAMKRLGLDNYRGYSLGNWVCAAKFESNFNTHATNRNTDGSTDYGILQINSRWWCNDGRTPGSKNLCNIPC
SALLSSDITASVNCAKKIASGGNGMNAWVAWRNRCKGTDVHAWIRGCRL
;
_entity_poly.pdbx_strand_id                 A 
_entity_poly.pdbx_target_identifier         ? 
# 
loop_
_pdbx_entity_nonpoly.entity_id 
_pdbx_entity_nonpoly.name 
_pdbx_entity_nonpoly.comp_id 
2 N-PROPANOL POL 
3 water      HOH 
# 
loop_
_entity_poly_seq.entity_id 
_entity_poly_seq.num 
_entity_poly_seq.mon_id 
_entity_poly_seq.hetero 
1 1   LYS n 
1 2   VAL n 
1 3   TYR n 
1 4   GLY n 
1 5   ARG n 
1 6   CYS n 
1 7   GLU n 
1 8   LEU n 
1 9   ALA n 
1 10  ALA n 
1 11  ALA n 
1 12  MET n 
1 13  LYS n 
1 14  ARG n 
1 15  LEU n 
1 16  GLY n 
1 17  LEU n 
1 18  ASP n 
1 19  ASN n 
1 20  TYR n 
1 21  ARG n 
1 22  GLY n 
1 23  TYR n 
1 24  SER n 
1 25  LEU n 
1 26  GLY n 
1 27  ASN n 
1 28  TRP n 
1 29  VAL n 
1 30  CYS n 
1 31  ALA n 
1 32  ALA n 
1 33  LYS n 
1 34  PHE n 
1 35  GLU n 
1 36  SER n 
1 37  ASN n 
1 38  PHE n 
1 39  ASN n 
1 40  THR n 
1 41  HIS n 
1 42  ALA n 
1 43  THR n 
1 44  ASN n 
1 45  ARG n 
1 46  ASN n 
1 47  THR n 
1 48  ASP n 
1 49  GLY n 
1 50  SER n 
1 51  THR n 
1 52  ASP n 
1 53  TYR n 
1 54  GLY n 
1 55  ILE n 
1 56  LEU n 
1 57  GLN n 
1 58  ILE n 
1 59  ASN n 
1 60  SER n 
1 61  ARG n 
1 62  TRP n 
1 63  TRP n 
1 64  CYS n 
1 65  ASN n 
1 66  ASP n 
1 67  GLY n 
1 68  ARG n 
1 69  THR n 
1 70  PRO n 
1 71  GLY n 
1 72  SER n 
1 73  LYS n 
1 74  ASN n 
1 75  LEU n 
1 76  CYS n 
1 77  ASN n 
1 78  ILE n 
1 79  PRO n 
1 80  CYS n 
1 81  SER n 
1 82  ALA n 
1 83  LEU n 
1 84  LEU n 
1 85  SER n 
1 86  SER n 
1 87  ASP n 
1 88  ILE n 
1 89  THR n 
1 90  ALA n 
1 91  SER n 
1 92  VAL n 
1 93  ASN n 
1 94  CYS n 
1 95  ALA n 
1 96  LYS n 
1 97  LYS n 
1 98  ILE n 
1 99  ALA n 
1 100 SER n 
1 101 GLY n 
1 102 GLY n 
1 103 ASN n 
1 104 GLY n 
1 105 MET n 
1 106 ASN n 
1 107 ALA n 
1 108 TRP n 
1 109 VAL n 
1 110 ALA n 
1 111 TRP n 
1 112 ARG n 
1 113 ASN n 
1 114 ARG n 
1 115 CYS n 
1 116 LYS n 
1 117 GLY n 
1 118 THR n 
1 119 ASP n 
1 120 VAL n 
1 121 HIS n 
1 122 ALA n 
1 123 TRP n 
1 124 ILE n 
1 125 ARG n 
1 126 GLY n 
1 127 CYS n 
1 128 ARG n 
1 129 LEU n 
# 
_entity_src_nat.entity_id                  1 
_entity_src_nat.pdbx_src_id                1 
_entity_src_nat.pdbx_alt_source_flag       sample 
_entity_src_nat.pdbx_beg_seq_num           ? 
_entity_src_nat.pdbx_end_seq_num           ? 
_entity_src_nat.common_name                turkey 
_entity_src_nat.pdbx_organism_scientific   'Meleagris gallopavo' 
_entity_src_nat.pdbx_ncbi_taxonomy_id      9103 
_entity_src_nat.genus                      Meleagris 
_entity_src_nat.species                    ? 
_entity_src_nat.strain                     ? 
_entity_src_nat.tissue                     ? 
_entity_src_nat.tissue_fraction            ? 
_entity_src_nat.pdbx_secretion             ? 
_entity_src_nat.pdbx_fragment              ? 
_entity_src_nat.pdbx_variant               ? 
_entity_src_nat.pdbx_cell_line             ? 
_entity_src_nat.pdbx_atcc                  ? 
_entity_src_nat.pdbx_cellular_location     'CYTOPLASM (WHITE)' 
_entity_src_nat.pdbx_organ                 ? 
_entity_src_nat.pdbx_organelle             ? 
_entity_src_nat.pdbx_cell                  EGG 
_entity_src_nat.pdbx_plasmid_name          ? 
_entity_src_nat.pdbx_plasmid_details       ? 
_entity_src_nat.details                    ? 
# 
loop_
_chem_comp.id 
_chem_comp.type 
_chem_comp.mon_nstd_flag 
_chem_comp.name 
_chem_comp.pdbx_synonyms 
_chem_comp.formula 
_chem_comp.formula_weight 
ALA 'L-peptide linking' y ALANINE         ?          'C3 H7 N O2'     89.093  
ARG 'L-peptide linking' y ARGININE        ?          'C6 H15 N4 O2 1' 175.209 
ASN 'L-peptide linking' y ASPARAGINE      ?          'C4 H8 N2 O3'    132.118 
ASP 'L-peptide linking' y 'ASPARTIC ACID' ?          'C4 H7 N O4'     133.103 
CYS 'L-peptide linking' y CYSTEINE        ?          'C3 H7 N O2 S'   121.158 
GLN 'L-peptide linking' y GLUTAMINE       ?          'C5 H10 N2 O3'   146.144 
GLU 'L-peptide linking' y 'GLUTAMIC ACID' ?          'C5 H9 N O4'     147.129 
GLY 'peptide linking'   y GLYCINE         ?          'C2 H5 N O2'     75.067  
HIS 'L-peptide linking' y HISTIDINE       ?          'C6 H10 N3 O2 1' 156.162 
HOH non-polymer         . WATER           ?          'H2 O'           18.015  
ILE 'L-peptide linking' y ISOLEUCINE      ?          'C6 H13 N O2'    131.173 
LEU 'L-peptide linking' y LEUCINE         ?          'C6 H13 N O2'    131.173 
LYS 'L-peptide linking' y LYSINE          ?          'C6 H15 N2 O2 1' 147.195 
MET 'L-peptide linking' y METHIONINE      ?          'C5 H11 N O2 S'  149.211 
PHE 'L-peptide linking' y PHENYLALANINE   ?          'C9 H11 N O2'    165.189 
POL non-polymer         . N-PROPANOL      1-PROPONOL 'C3 H8 O'        60.095  
PRO 'L-peptide linking' y PROLINE         ?          'C5 H9 N O2'     115.130 
SER 'L-peptide linking' y SERINE          ?          'C3 H7 N O3'     105.093 
THR 'L-peptide linking' y THREONINE       ?          'C4 H9 N O3'     119.119 
TRP 'L-peptide linking' y TRYPTOPHAN      ?          'C11 H12 N2 O2'  204.225 
TYR 'L-peptide linking' y TYROSINE        ?          'C9 H11 N O3'    181.189 
VAL 'L-peptide linking' y VALINE          ?          'C5 H11 N O2'    117.146 
# 
loop_
_pdbx_poly_seq_scheme.asym_id 
_pdbx_poly_seq_scheme.entity_id 
_pdbx_poly_seq_scheme.seq_id 
_pdbx_poly_seq_scheme.mon_id 
_pdbx_poly_seq_scheme.ndb_seq_num 
_pdbx_poly_seq_scheme.pdb_seq_num 
_pdbx_poly_seq_scheme.auth_seq_num 
_pdbx_poly_seq_scheme.pdb_mon_id 
_pdbx_poly_seq_scheme.auth_mon_id 
_pdbx_poly_seq_scheme.pdb_strand_id 
_pdbx_poly_seq_scheme.pdb_ins_code 
_pdbx_poly_seq_scheme.hetero 
A 1 1   LYS 1   1   1   LYS LYS A . n 
A 1 2   VAL 2   2   2   VAL VAL A . n 
A 1 3   TYR 3   3   3   TYR TYR A . n 
A 1 4   GLY 4   4   4   GLY GLY A . n 
A 1 5   ARG 5   5   5   ARG ARG A . n 
A 1 6   CYS 6   6   6   CYS CYS A . n 
A 1 7   GLU 7   7   7   GLU GLU A . n 
A 1 8   LEU 8   8   8   LEU LEU A . n 
A 1 9   ALA 9   9   9   ALA ALA A . n 
A 1 10  ALA 10  10  10  ALA ALA A . n 
A 1 11  ALA 11  11  11  ALA ALA A . n 
A 1 12  MET 12  12  12  MET MET A . n 
A 1 13  LYS 13  13  13  LYS LYS A . n 
A 1 14  ARG 14  14  14  ARG ARG A . n 
A 1 15  LEU 15  15  15  LEU LEU A . n 
A 1 16  GLY 16  16  16  GLY GLY A . n 
A 1 17  LEU 17  17  17  LEU LEU A . n 
A 1 18  ASP 18  18  18  ASP ASP A . n 
A 1 19  ASN 19  19  19  ASN ASN A . n 
A 1 20  TYR 20  20  20  TYR TYR A . n 
A 1 21  ARG 21  21  21  ARG ARG A . n 
A 1 22  GLY 22  22  22  GLY GLY A . n 
A 1 23  TYR 23  23  23  TYR TYR A . n 
A 1 24  SER 24  24  24  SER SER A . n 
A 1 25  LEU 25  25  25  LEU LEU A . n 
A 1 26  GLY 26  26  26  GLY GLY A . n 
A 1 27  ASN 27  27  27  ASN ASN A . n 
A 1 28  TRP 28  28  28  TRP TRP A . n 
A 1 29  VAL 29  29  29  VAL VAL A . n 
A 1 30  CYS 30  30  30  CYS CYS A . n 
A 1 31  ALA 31  31  31  ALA ALA A . n 
A 1 32  ALA 32  32  32  ALA ALA A . n 
A 1 33  LYS 33  33  33  LYS LYS A . n 
A 1 34  PHE 34  34  34  PHE PHE A . n 
A 1 35  GLU 35  35  35  GLU GLU A . n 
A 1 36  SER 36  36  36  SER SER A . n 
A 1 37  ASN 37  37  37  ASN ASN A . n 
A 1 38  PHE 38  38  38  PHE PHE A . n 
A 1 39  ASN 39  39  39  ASN ASN A . n 
A 1 40  THR 40  40  40  THR THR A . n 
A 1 41  HIS 41  41  41  HIS HIS A . n 
A 1 42  ALA 42  42  42  ALA ALA A . n 
A 1 43  THR 43  43  43  THR THR A . n 
A 1 44  ASN 44  44  44  ASN ASN A . n 
A 1 45  ARG 45  45  45  ARG ARG A . n 
A 1 46  ASN 46  46  46  ASN ASN A . n 
A 1 47  THR 47  47  47  THR THR A . n 
A 1 48  ASP 48  48  48  ASP ASP A . n 
A 1 49  GLY 49  49  49  GLY GLY A . n 
A 1 50  SER 50  50  50  SER SER A . n 
A 1 51  THR 51  51  51  THR THR A . n 
A 1 52  ASP 52  52  52  ASP ASP A . n 
A 1 53  TYR 53  53  53  TYR TYR A . n 
A 1 54  GLY 54  54  54  GLY GLY A . n 
A 1 55  ILE 55  55  55  ILE ILE A . n 
A 1 56  LEU 56  56  56  LEU LEU A . n 
A 1 57  GLN 57  57  57  GLN GLN A . n 
A 1 58  ILE 58  58  58  ILE ILE A . n 
A 1 59  ASN 59  59  59  ASN ASN A . n 
A 1 60  SER 60  60  60  SER SER A . n 
A 1 61  ARG 61  61  61  ARG ARG A . n 
A 1 62  TRP 62  62  62  TRP TRP A . n 
A 1 63  TRP 63  63  63  TRP TRP A . n 
A 1 64  CYS 64  64  64  CYS CYS A . n 
A 1 65  ASN 65  65  65  ASN ASN A . n 
A 1 66  ASP 66  66  66  ASP ASP A . n 
A 1 67  GLY 67  67  67  GLY GLY A . n 
A 1 68  ARG 68  68  68  ARG ARG A . n 
A 1 69  THR 69  69  69  THR THR A . n 
A 1 70  PRO 70  70  70  PRO PRO A . n 
A 1 71  GLY 71  71  71  GLY GLY A . n 
A 1 72  SER 72  72  72  SER SER A . n 
A 1 73  LYS 73  73  73  LYS LYS A . n 
A 1 74  ASN 74  74  74  ASN ASN A . n 
A 1 75  LEU 75  75  75  LEU LEU A . n 
A 1 76  CYS 76  76  76  CYS CYS A . n 
A 1 77  ASN 77  77  77  ASN ASN A . n 
A 1 78  ILE 78  78  78  ILE ILE A . n 
A 1 79  PRO 79  79  79  PRO PRO A . n 
A 1 80  CYS 80  80  80  CYS CYS A . n 
A 1 81  SER 81  81  81  SER SER A . n 
A 1 82  ALA 82  82  82  ALA ALA A . n 
A 1 83  LEU 83  83  83  LEU LEU A . n 
A 1 84  LEU 84  84  84  LEU LEU A . n 
A 1 85  SER 85  85  85  SER SER A . n 
A 1 86  SER 86  86  86  SER SER A . n 
A 1 87  ASP 87  87  87  ASP ASP A . n 
A 1 88  ILE 88  88  88  ILE ILE A . n 
A 1 89  THR 89  89  89  THR THR A . n 
A 1 90  ALA 90  90  90  ALA ALA A . n 
A 1 91  SER 91  91  91  SER SER A . n 
A 1 92  VAL 92  92  92  VAL VAL A . n 
A 1 93  ASN 93  93  93  ASN ASN A . n 
A 1 94  CYS 94  94  94  CYS CYS A . n 
A 1 95  ALA 95  95  95  ALA ALA A . n 
A 1 96  LYS 96  96  96  LYS LYS A . n 
A 1 97  LYS 97  97  97  LYS LYS A . n 
A 1 98  ILE 98  98  98  ILE ILE A . n 
A 1 99  ALA 99  99  99  ALA ALA A . n 
A 1 100 SER 100 100 100 SER SER A . n 
A 1 101 GLY 101 101 101 GLY GLY A . n 
A 1 102 GLY 102 102 102 GLY GLY A . n 
A 1 103 ASN 103 103 103 ASN ASN A . n 
A 1 104 GLY 104 104 104 GLY GLY A . n 
A 1 105 MET 105 105 105 MET MET A . n 
A 1 106 ASN 106 106 106 ASN ASN A . n 
A 1 107 ALA 107 107 107 ALA ALA A . n 
A 1 108 TRP 108 108 108 TRP TRP A . n 
A 1 109 VAL 109 109 109 VAL VAL A . n 
A 1 110 ALA 110 110 110 ALA ALA A . n 
A 1 111 TRP 111 111 111 TRP TRP A . n 
A 1 112 ARG 112 112 112 ARG ARG A . n 
A 1 113 ASN 113 113 113 ASN ASN A . n 
A 1 114 ARG 114 114 114 ARG ARG A . n 
A 1 115 CYS 115 115 115 CYS CYS A . n 
A 1 116 LYS 116 116 116 LYS LYS A . n 
A 1 117 GLY 117 117 117 GLY GLY A . n 
A 1 118 THR 118 118 118 THR THR A . n 
A 1 119 ASP 119 119 119 ASP ASP A . n 
A 1 120 VAL 120 120 120 VAL VAL A . n 
A 1 121 HIS 121 121 121 HIS HIS A . n 
A 1 122 ALA 122 122 122 ALA ALA A . n 
A 1 123 TRP 123 123 123 TRP TRP A . n 
A 1 124 ILE 124 124 124 ILE ILE A . n 
A 1 125 ARG 125 125 125 ARG ARG A . n 
A 1 126 GLY 126 126 126 GLY GLY A . n 
A 1 127 CYS 127 127 127 CYS CYS A . n 
A 1 128 ARG 128 128 128 ARG ARG A . n 
A 1 129 LEU 129 129 129 LEU LEU A . n 
# 
loop_
_pdbx_nonpoly_scheme.asym_id 
_pdbx_nonpoly_scheme.entity_id 
_pdbx_nonpoly_scheme.mon_id 
_pdbx_nonpoly_scheme.ndb_seq_num 
_pdbx_nonpoly_scheme.pdb_seq_num 
_pdbx_nonpoly_scheme.auth_seq_num 
_pdbx_nonpoly_scheme.pdb_mon_id 
_pdbx_nonpoly_scheme.auth_mon_id 
_pdbx_nonpoly_scheme.pdb_strand_id 
_pdbx_nonpoly_scheme.pdb_ins_code 
B 2 POL 1   130 130 POL POL A . 
C 3 HOH 1   201 201 HOH HOH A . 
C 3 HOH 2   202 202 HOH HOH A . 
C 3 HOH 3   203 203 HOH HOH A . 
C 3 HOH 4   204 204 HOH HOH A . 
C 3 HOH 5   205 205 HOH HOH A . 
C 3 HOH 6   206 206 HOH HOH A . 
C 3 HOH 7   207 207 HOH HOH A . 
C 3 HOH 8   208 208 HOH HOH A . 
C 3 HOH 9   209 209 HOH HOH A . 
C 3 HOH 10  210 210 HOH HOH A . 
C 3 HOH 11  211 211 HOH HOH A . 
C 3 HOH 12  212 212 HOH HOH A . 
C 3 HOH 13  213 213 HOH HOH A . 
C 3 HOH 14  214 214 HOH HOH A . 
C 3 HOH 15  215 215 HOH HOH A . 
C 3 HOH 16  216 216 HOH HOH A . 
C 3 HOH 17  217 217 HOH HOH A . 
C 3 HOH 18  218 218 HOH HOH A . 
C 3 HOH 19  219 219 HOH HOH A . 
C 3 HOH 20  220 220 HOH HOH A . 
C 3 HOH 21  221 221 HOH HOH A . 
C 3 HOH 22  222 222 HOH HOH A . 
C 3 HOH 23  223 223 HOH HOH A . 
C 3 HOH 24  224 224 HOH HOH A . 
C 3 HOH 25  225 225 HOH HOH A . 
C 3 HOH 26  226 226 HOH HOH A . 
C 3 HOH 27  227 227 HOH HOH A . 
C 3 HOH 28  228 228 HOH HOH A . 
C 3 HOH 29  229 229 HOH HOH A . 
C 3 HOH 30  230 230 HOH HOH A . 
C 3 HOH 31  231 231 HOH HOH A . 
C 3 HOH 32  232 232 HOH HOH A . 
C 3 HOH 33  233 233 HOH HOH A . 
C 3 HOH 34  234 234 HOH HOH A . 
C 3 HOH 35  235 235 HOH HOH A . 
C 3 HOH 36  236 236 HOH HOH A . 
C 3 HOH 37  237 237 HOH HOH A . 
C 3 HOH 38  238 238 HOH HOH A . 
C 3 HOH 39  239 239 HOH HOH A . 
C 3 HOH 40  240 240 HOH HOH A . 
C 3 HOH 41  241 241 HOH HOH A . 
C 3 HOH 42  242 242 HOH HOH A . 
C 3 HOH 43  243 243 HOH HOH A . 
C 3 HOH 44  244 244 HOH HOH A . 
C 3 HOH 45  245 245 HOH HOH A . 
C 3 HOH 46  246 246 HOH HOH A . 
C 3 HOH 47  247 247 HOH HOH A . 
C 3 HOH 48  248 248 HOH HOH A . 
C 3 HOH 49  249 249 HOH HOH A . 
C 3 HOH 50  250 250 HOH HOH A . 
C 3 HOH 51  251 251 HOH HOH A . 
C 3 HOH 52  252 252 HOH HOH A . 
C 3 HOH 53  253 253 HOH HOH A . 
C 3 HOH 54  254 254 HOH HOH A . 
C 3 HOH 55  255 255 HOH HOH A . 
C 3 HOH 56  256 256 HOH HOH A . 
C 3 HOH 57  257 257 HOH HOH A . 
C 3 HOH 58  258 258 HOH HOH A . 
C 3 HOH 59  259 259 HOH HOH A . 
C 3 HOH 60  260 260 HOH HOH A . 
C 3 HOH 61  261 261 HOH HOH A . 
C 3 HOH 62  262 262 HOH HOH A . 
C 3 HOH 63  263 263 HOH HOH A . 
C 3 HOH 64  264 264 HOH HOH A . 
C 3 HOH 65  265 265 HOH HOH A . 
C 3 HOH 66  266 266 HOH HOH A . 
C 3 HOH 67  267 267 HOH HOH A . 
C 3 HOH 68  268 268 HOH HOH A . 
C 3 HOH 69  269 269 HOH HOH A . 
C 3 HOH 70  270 270 HOH HOH A . 
C 3 HOH 71  271 271 HOH HOH A . 
C 3 HOH 72  272 272 HOH HOH A . 
C 3 HOH 73  273 273 HOH HOH A . 
C 3 HOH 74  274 274 HOH HOH A . 
C 3 HOH 75  275 275 HOH HOH A . 
C 3 HOH 76  276 276 HOH HOH A . 
C 3 HOH 77  277 277 HOH HOH A . 
C 3 HOH 78  278 278 HOH HOH A . 
C 3 HOH 79  279 279 HOH HOH A . 
C 3 HOH 80  280 280 HOH HOH A . 
C 3 HOH 81  281 281 HOH HOH A . 
C 3 HOH 82  282 282 HOH HOH A . 
C 3 HOH 83  283 283 HOH HOH A . 
C 3 HOH 84  284 284 HOH HOH A . 
C 3 HOH 85  285 285 HOH HOH A . 
C 3 HOH 86  286 286 HOH HOH A . 
C 3 HOH 87  287 287 HOH HOH A . 
C 3 HOH 88  288 288 HOH HOH A . 
C 3 HOH 89  289 289 HOH HOH A . 
C 3 HOH 90  290 290 HOH HOH A . 
C 3 HOH 91  291 291 HOH HOH A . 
C 3 HOH 92  292 292 HOH HOH A . 
C 3 HOH 93  293 293 HOH HOH A . 
C 3 HOH 94  294 294 HOH HOH A . 
C 3 HOH 95  295 295 HOH HOH A . 
C 3 HOH 96  296 296 HOH HOH A . 
C 3 HOH 97  297 297 HOH HOH A . 
C 3 HOH 98  298 298 HOH HOH A . 
C 3 HOH 99  299 299 HOH HOH A . 
C 3 HOH 100 300 300 HOH HOH A . 
C 3 HOH 101 301 301 HOH HOH A . 
C 3 HOH 102 302 302 HOH HOH A . 
C 3 HOH 103 303 303 HOH HOH A . 
C 3 HOH 104 304 304 HOH HOH A . 
C 3 HOH 105 305 305 HOH HOH A . 
C 3 HOH 106 306 306 HOH HOH A . 
C 3 HOH 107 307 307 HOH HOH A . 
C 3 HOH 108 308 308 HOH HOH A . 
C 3 HOH 109 309 309 HOH HOH A . 
C 3 HOH 110 310 310 HOH HOH A . 
C 3 HOH 111 311 311 HOH HOH A . 
C 3 HOH 112 312 312 HOH HOH A . 
C 3 HOH 113 313 313 HOH HOH A . 
C 3 HOH 114 314 314 HOH HOH A . 
C 3 HOH 115 315 315 HOH HOH A . 
C 3 HOH 116 316 316 HOH HOH A . 
C 3 HOH 117 317 317 HOH HOH A . 
C 3 HOH 118 318 318 HOH HOH A . 
C 3 HOH 119 319 319 HOH HOH A . 
C 3 HOH 120 320 320 HOH HOH A . 
C 3 HOH 121 321 321 HOH HOH A . 
C 3 HOH 122 322 322 HOH HOH A . 
C 3 HOH 123 323 323 HOH HOH A . 
C 3 HOH 124 324 324 HOH HOH A . 
C 3 HOH 125 325 325 HOH HOH A . 
C 3 HOH 126 326 326 HOH HOH A . 
C 3 HOH 127 327 327 HOH HOH A . 
C 3 HOH 128 328 328 HOH HOH A . 
C 3 HOH 129 329 329 HOH HOH A . 
C 3 HOH 130 330 330 HOH HOH A . 
C 3 HOH 131 331 331 HOH HOH A . 
C 3 HOH 132 400 400 HOH HOH A . 
C 3 HOH 133 401 401 HOH HOH A . 
C 3 HOH 134 402 402 HOH HOH A . 
C 3 HOH 135 403 403 HOH HOH A . 
C 3 HOH 136 404 404 HOH HOH A . 
C 3 HOH 137 405 405 HOH HOH A . 
C 3 HOH 138 406 406 HOH HOH A . 
C 3 HOH 139 407 407 HOH HOH A . 
C 3 HOH 140 408 408 HOH HOH A . 
C 3 HOH 141 409 409 HOH HOH A . 
C 3 HOH 142 410 410 HOH HOH A . 
C 3 HOH 143 411 411 HOH HOH A . 
# 
loop_
_software.name 
_software.classification 
_software.version 
_software.citation_id 
_software.pdbx_ordinal 
MADNES    'data collection' . ? 1  
MERGEF    'data reduction'  . ? 2  
SHELXL-93 'model building'  . ? 3  
X-PLOR    'model building'  . ? 4  
SHELXL-93 refinement        . ? 5  
X-PLOR    refinement        . ? 6  
MADNES    'data reduction'  . ? 7  
MERGEF    'data scaling'    . ? 8  
SHELXL-93 phasing           . ? 9  
X-PLOR    phasing           . ? 10 
# 
_cell.entry_id           1JSE 
_cell.length_a           38.150 
_cell.length_b           33.320 
_cell.length_c           46.240 
_cell.angle_alpha        90.00 
_cell.angle_beta         110.14 
_cell.angle_gamma        90.00 
_cell.Z_PDB              2 
_cell.pdbx_unique_axis   ? 
# 
_symmetry.entry_id                         1JSE 
_symmetry.space_group_name_H-M             'P 1 21 1' 
_symmetry.pdbx_full_space_group_name_H-M   ? 
_symmetry.cell_setting                     ? 
_symmetry.Int_Tables_number                4 
# 
_exptl.entry_id          1JSE 
_exptl.method            'X-RAY DIFFRACTION' 
_exptl.crystals_number   1 
# 
_exptl_crystal.id                    1 
_exptl_crystal.density_meas          ? 
_exptl_crystal.density_Matthews      1.91 
_exptl_crystal.density_percent_sol   35.6 
_exptl_crystal.description           ? 
# 
_exptl_crystal_grow.crystal_id      1 
_exptl_crystal_grow.method          ? 
_exptl_crystal_grow.temp            ? 
_exptl_crystal_grow.temp_details    ? 
_exptl_crystal_grow.pH              4.2 
_exptl_crystal_grow.pdbx_pH_range   ? 
_exptl_crystal_grow.pdbx_details    '2.2M AMMONIUM SULFATE SOLUTION AT PH 4.2 CONTAINING 10% 1-PROPANOL AND 4% PROTEIN' 
# 
_diffrn.id                     1 
_diffrn.ambient_temp           285 
_diffrn.ambient_temp_details   ? 
_diffrn.crystal_id             1 
# 
_diffrn_detector.diffrn_id              1 
_diffrn_detector.detector               'AREA DETECTOR' 
_diffrn_detector.type                   ENRAF-NONIUS 
_diffrn_detector.pdbx_collection_date   1996-01 
_diffrn_detector.details                ? 
# 
_diffrn_radiation.diffrn_id                        1 
_diffrn_radiation.wavelength_id                    1 
_diffrn_radiation.pdbx_monochromatic_or_laue_m_l   M 
_diffrn_radiation.monochromator                    'GRAPHITE(002)' 
_diffrn_radiation.pdbx_diffrn_protocol             ? 
_diffrn_radiation.pdbx_scattering_type             x-ray 
# 
_diffrn_radiation_wavelength.id           1 
_diffrn_radiation_wavelength.wavelength   1.5418 
_diffrn_radiation_wavelength.wt           1.0 
# 
_diffrn_source.diffrn_id                   1 
_diffrn_source.source                      'ROTATING ANODE' 
_diffrn_source.type                        'ENRAF-NONIUS FR571' 
_diffrn_source.pdbx_synchrotron_site       ? 
_diffrn_source.pdbx_synchrotron_beamline   ? 
_diffrn_source.pdbx_wavelength             1.5418 
_diffrn_source.pdbx_wavelength_list        ? 
# 
_reflns.entry_id                     1JSE 
_reflns.observed_criterion_sigma_I   0.0 
_reflns.observed_criterion_sigma_F   ? 
_reflns.d_resolution_low             22.3 
_reflns.d_resolution_high            1.12 
_reflns.number_obs                   36320 
_reflns.number_all                   ? 
_reflns.percent_possible_obs         86.1 
_reflns.pdbx_Rmerge_I_obs            0.043 
_reflns.pdbx_Rsym_value              ? 
_reflns.pdbx_netI_over_sigmaI        5.3 
_reflns.B_iso_Wilson_estimate        ? 
_reflns.pdbx_redundancy              3.1 
_reflns.pdbx_diffrn_id               1 
_reflns.pdbx_ordinal                 1 
# 
_reflns_shell.d_res_high             1.12 
_reflns_shell.d_res_low              1.14 
_reflns_shell.percent_possible_all   53.3 
_reflns_shell.Rmerge_I_obs           0.227 
_reflns_shell.pdbx_Rsym_value        ? 
_reflns_shell.meanI_over_sigI_obs    ? 
_reflns_shell.pdbx_redundancy        ? 
_reflns_shell.pdbx_diffrn_id         ? 
_reflns_shell.pdbx_ordinal           1 
# 
_refine.entry_id                                 1JSE 
_refine.ls_number_reflns_obs                     ? 
_refine.ls_number_reflns_all                     36302 
_refine.pdbx_ls_sigma_I                          ? 
_refine.pdbx_ls_sigma_F                          0. 
_refine.pdbx_data_cutoff_high_absF               ? 
_refine.pdbx_data_cutoff_low_absF                ? 
_refine.pdbx_data_cutoff_high_rms_absF           ? 
_refine.ls_d_res_low                             22.3 
_refine.ls_d_res_high                            1.12 
_refine.ls_percent_reflns_obs                    86.1 
_refine.ls_R_factor_obs                          0.103 
_refine.ls_R_factor_all                          0.104 
_refine.ls_R_factor_R_work                       ? 
_refine.ls_R_factor_R_free                       0.14 
_refine.ls_R_factor_R_free_error                 ? 
_refine.ls_R_factor_R_free_error_details         ? 
_refine.ls_percent_reflns_R_free                 10. 
_refine.ls_number_reflns_R_free                  ? 
_refine.ls_number_parameters                     10631 
_refine.ls_number_restraints                     12784 
_refine.occupancy_min                            ? 
_refine.occupancy_max                            ? 
_refine.B_iso_mean                               ? 
_refine.aniso_B[1][1]                            ? 
_refine.aniso_B[2][2]                            ? 
_refine.aniso_B[3][3]                            ? 
_refine.aniso_B[1][2]                            ? 
_refine.aniso_B[1][3]                            ? 
_refine.aniso_B[2][3]                            ? 
_refine.solvent_model_details                    SWAT 
_refine.solvent_model_param_ksol                 ? 
_refine.solvent_model_param_bsol                 ? 
_refine.pdbx_ls_cross_valid_method               'FREE R' 
_refine.details                                  ? 
_refine.pdbx_starting_model                      'PDB ENTRY 1LZ3' 
_refine.pdbx_method_to_determine_struct          'MOLECULAR REPLACEMENT' 
_refine.pdbx_isotropic_thermal_model             ? 
_refine.pdbx_stereochemistry_target_values       ? 
_refine.pdbx_stereochem_target_val_spec_case     ? 
_refine.pdbx_R_Free_selection_details            ? 
_refine.pdbx_overall_ESU_R                       ? 
_refine.pdbx_overall_ESU_R_Free                  ? 
_refine.overall_SU_ML                            ? 
_refine.overall_SU_B                             ? 
_refine.pdbx_refine_id                           'X-RAY DIFFRACTION' 
_refine.pdbx_diffrn_id                           1 
_refine.pdbx_TLS_residual_ADP_flag               ? 
_refine.correlation_coeff_Fo_to_Fc               ? 
_refine.correlation_coeff_Fo_to_Fc_free          ? 
_refine.pdbx_solvent_vdw_probe_radii             ? 
_refine.pdbx_solvent_ion_probe_radii             ? 
_refine.pdbx_solvent_shrinkage_radii             ? 
_refine.pdbx_overall_phase_error                 ? 
_refine.overall_SU_R_Cruickshank_DPI             ? 
_refine.pdbx_overall_SU_R_free_Cruickshank_DPI   ? 
_refine.pdbx_overall_SU_R_Blow_DPI               ? 
_refine.pdbx_overall_SU_R_free_Blow_DPI          ? 
# 
_refine_analyze.entry_id                        1JSE 
_refine_analyze.Luzzati_coordinate_error_obs    ? 
_refine_analyze.Luzzati_sigma_a_obs             ? 
_refine_analyze.Luzzati_d_res_low_obs           ? 
_refine_analyze.Luzzati_coordinate_error_free   ? 
_refine_analyze.Luzzati_sigma_a_free            ? 
_refine_analyze.Luzzati_d_res_low_free          ? 
_refine_analyze.number_disordered_residues      5 
_refine_analyze.occupancy_sum_hydrogen          ? 
_refine_analyze.occupancy_sum_non_hydrogen      ? 
_refine_analyze.pdbx_refine_id                  'X-RAY DIFFRACTION' 
# 
_refine_hist.pdbx_refine_id                   'X-RAY DIFFRACTION' 
_refine_hist.cycle_id                         LAST 
_refine_hist.pdbx_number_atoms_protein        1016 
_refine_hist.pdbx_number_atoms_nucleic_acid   0 
_refine_hist.pdbx_number_atoms_ligand         8 
_refine_hist.number_atoms_solvent             157 
_refine_hist.number_atoms_total               1181 
_refine_hist.d_res_high                       1.12 
_refine_hist.d_res_low                        22.3 
# 
loop_
_refine_ls_restr.type 
_refine_ls_restr.dev_ideal 
_refine_ls_restr.dev_ideal_target 
_refine_ls_restr.weight 
_refine_ls_restr.number 
_refine_ls_restr.pdbx_refine_id 
_refine_ls_restr.pdbx_restraint_function 
s_bond_d               0.013 ? ? ? 'X-RAY DIFFRACTION' ? 
s_angle_d              ?     ? ? ? 'X-RAY DIFFRACTION' ? 
s_similar_dist         ?     ? ? ? 'X-RAY DIFFRACTION' ? 
s_from_restr_planes    0.216 ? ? ? 'X-RAY DIFFRACTION' ? 
s_zero_chiral_vol      0.080 ? ? ? 'X-RAY DIFFRACTION' ? 
s_non_zero_chiral_vol  ?     ? ? ? 'X-RAY DIFFRACTION' ? 
s_anti_bump_dis_restr  ?     ? ? ? 'X-RAY DIFFRACTION' ? 
s_rigid_bond_adp_cmpnt ?     ? ? ? 'X-RAY DIFFRACTION' ? 
s_similar_adp_cmpnt    ?     ? ? ? 'X-RAY DIFFRACTION' ? 
s_approx_iso_adps      ?     ? ? ? 'X-RAY DIFFRACTION' ? 
# 
_pdbx_refine.entry_id                                    1JSE 
_pdbx_refine.R_factor_all_no_cutoff                      0.104 
_pdbx_refine.R_factor_obs_no_cutoff                      0.103 
_pdbx_refine.free_R_factor_no_cutoff                     0.14 
_pdbx_refine.free_R_val_test_set_size_perc_no_cutoff     10. 
_pdbx_refine.free_R_val_test_set_ct_no_cutoff            ? 
_pdbx_refine.R_factor_all_4sig_cutoff                    0.092 
_pdbx_refine.R_factor_obs_4sig_cutoff                    0.091 
_pdbx_refine.free_R_factor_4sig_cutoff                   ? 
_pdbx_refine.free_R_val_test_set_size_perc_4sig_cutoff   ? 
_pdbx_refine.free_R_val_test_set_ct_4sig_cutoff          ? 
_pdbx_refine.number_reflns_obs_4sig_cutoff               24505 
_pdbx_refine.pdbx_refine_id                              'X-RAY DIFFRACTION' 
_pdbx_refine.free_R_error_no_cutoff                      ? 
# 
_struct.entry_id                  1JSE 
_struct.title                     'FULL-MATRIX LEAST-SQUARES REFINEMENT OF TURKEY LYSOZYME' 
_struct.pdbx_model_details        ? 
_struct.pdbx_CASP_flag            ? 
_struct.pdbx_model_type_details   ? 
# 
_struct_keywords.entry_id        1JSE 
_struct_keywords.pdbx_keywords   HYDROLASE 
_struct_keywords.text            'HYDROLASE, O-GLYCOSYL, TURKEY LYSOZYME, ENZYME' 
# 
loop_
_struct_asym.id 
_struct_asym.pdbx_blank_PDB_chainid_flag 
_struct_asym.pdbx_modified 
_struct_asym.entity_id 
_struct_asym.details 
A N N 1 ? 
B N N 2 ? 
C N N 3 ? 
# 
_struct_ref.id                         1 
_struct_ref.db_name                    UNP 
_struct_ref.db_code                    LYSC_MELGA 
_struct_ref.entity_id                  1 
_struct_ref.pdbx_db_accession          P00703 
_struct_ref.pdbx_align_begin           1 
_struct_ref.pdbx_seq_one_letter_code   
;MRSLLILVLCFLPLAALGKVYGRCELAAAMKRLGLDNYRGYSLGNWVCAAKFESNFNTHATNRNTDGSTDYGILQINSRW
WCNDGRTPGSKNLCNIPCSALLSSDITASVNCAKKIASGGNGMNAWVAWRNRCKGTDVHAWIRGCRL
;
_struct_ref.pdbx_db_isoform            ? 
# 
_struct_ref_seq.align_id                      1 
_struct_ref_seq.ref_id                        1 
_struct_ref_seq.pdbx_PDB_id_code              1JSE 
_struct_ref_seq.pdbx_strand_id                A 
_struct_ref_seq.seq_align_beg                 1 
_struct_ref_seq.pdbx_seq_align_beg_ins_code   ? 
_struct_ref_seq.seq_align_end                 129 
_struct_ref_seq.pdbx_seq_align_end_ins_code   ? 
_struct_ref_seq.pdbx_db_accession             P00703 
_struct_ref_seq.db_align_beg                  19 
_struct_ref_seq.pdbx_db_align_beg_ins_code    ? 
_struct_ref_seq.db_align_end                  147 
_struct_ref_seq.pdbx_db_align_end_ins_code    ? 
_struct_ref_seq.pdbx_auth_seq_align_beg       1 
_struct_ref_seq.pdbx_auth_seq_align_end       129 
# 
_pdbx_struct_assembly.id                   1 
_pdbx_struct_assembly.details              author_defined_assembly 
_pdbx_struct_assembly.method_details       ? 
_pdbx_struct_assembly.oligomeric_details   monomeric 
_pdbx_struct_assembly.oligomeric_count     1 
# 
_pdbx_struct_assembly_gen.assembly_id       1 
_pdbx_struct_assembly_gen.oper_expression   1 
_pdbx_struct_assembly_gen.asym_id_list      A,B,C 
# 
_pdbx_struct_oper_list.id                   1 
_pdbx_struct_oper_list.type                 'identity operation' 
_pdbx_struct_oper_list.name                 1_555 
_pdbx_struct_oper_list.symmetry_operation   x,y,z 
_pdbx_struct_oper_list.matrix[1][1]         1.0000000000 
_pdbx_struct_oper_list.matrix[1][2]         0.0000000000 
_pdbx_struct_oper_list.matrix[1][3]         0.0000000000 
_pdbx_struct_oper_list.vector[1]            0.0000000000 
_pdbx_struct_oper_list.matrix[2][1]         0.0000000000 
_pdbx_struct_oper_list.matrix[2][2]         1.0000000000 
_pdbx_struct_oper_list.matrix[2][3]         0.0000000000 
_pdbx_struct_oper_list.vector[2]            0.0000000000 
_pdbx_struct_oper_list.matrix[3][1]         0.0000000000 
_pdbx_struct_oper_list.matrix[3][2]         0.0000000000 
_pdbx_struct_oper_list.matrix[3][3]         1.0000000000 
_pdbx_struct_oper_list.vector[3]            0.0000000000 
# 
loop_
_struct_conf.conf_type_id 
_struct_conf.id 
_struct_conf.pdbx_PDB_helix_id 
_struct_conf.beg_label_comp_id 
_struct_conf.beg_label_asym_id 
_struct_conf.beg_label_seq_id 
_struct_conf.pdbx_beg_PDB_ins_code 
_struct_conf.end_label_comp_id 
_struct_conf.end_label_asym_id 
_struct_conf.end_label_seq_id 
_struct_conf.pdbx_end_PDB_ins_code 
_struct_conf.beg_auth_comp_id 
_struct_conf.beg_auth_asym_id 
_struct_conf.beg_auth_seq_id 
_struct_conf.end_auth_comp_id 
_struct_conf.end_auth_asym_id 
_struct_conf.end_auth_seq_id 
_struct_conf.pdbx_PDB_helix_class 
_struct_conf.details 
_struct_conf.pdbx_PDB_helix_length 
HELX_P HELX_P1 1 ARG A 5   ? LEU A 15  ? ARG A 5   LEU A 15  1 ? 11 
HELX_P HELX_P2 2 TYR A 20  ? GLY A 22  ? TYR A 20  GLY A 22  5 ? 3  
HELX_P HELX_P3 3 LEU A 25  ? SER A 36  ? LEU A 25  SER A 36  1 ? 12 
HELX_P HELX_P4 4 CYS A 80  ? LEU A 84  ? CYS A 80  LEU A 84  5 ? 5  
HELX_P HELX_P5 5 THR A 89  ? SER A 100 ? THR A 89  SER A 100 1 ? 12 
HELX_P HELX_P6 6 GLY A 104 ? ALA A 107 ? GLY A 104 ALA A 107 5 ? 4  
HELX_P HELX_P7 7 VAL A 109 ? ARG A 114 ? VAL A 109 ARG A 114 1 ? 6  
HELX_P HELX_P8 8 HIS A 121 ? ILE A 124 ? HIS A 121 ILE A 124 5 ? 4  
# 
_struct_conf_type.id          HELX_P 
_struct_conf_type.criteria    ? 
_struct_conf_type.reference   ? 
# 
loop_
_struct_conn.id 
_struct_conn.conn_type_id 
_struct_conn.pdbx_leaving_atom_flag 
_struct_conn.pdbx_PDB_id 
_struct_conn.ptnr1_label_asym_id 
_struct_conn.ptnr1_label_comp_id 
_struct_conn.ptnr1_label_seq_id 
_struct_conn.ptnr1_label_atom_id 
_struct_conn.pdbx_ptnr1_label_alt_id 
_struct_conn.pdbx_ptnr1_PDB_ins_code 
_struct_conn.pdbx_ptnr1_standard_comp_id 
_struct_conn.ptnr1_symmetry 
_struct_conn.ptnr2_label_asym_id 
_struct_conn.ptnr2_label_comp_id 
_struct_conn.ptnr2_label_seq_id 
_struct_conn.ptnr2_label_atom_id 
_struct_conn.pdbx_ptnr2_label_alt_id 
_struct_conn.pdbx_ptnr2_PDB_ins_code 
_struct_conn.ptnr1_auth_asym_id 
_struct_conn.ptnr1_auth_comp_id 
_struct_conn.ptnr1_auth_seq_id 
_struct_conn.ptnr2_auth_asym_id 
_struct_conn.ptnr2_auth_comp_id 
_struct_conn.ptnr2_auth_seq_id 
_struct_conn.ptnr2_symmetry 
_struct_conn.pdbx_ptnr3_label_atom_id 
_struct_conn.pdbx_ptnr3_label_seq_id 
_struct_conn.pdbx_ptnr3_label_comp_id 
_struct_conn.pdbx_ptnr3_label_asym_id 
_struct_conn.pdbx_ptnr3_label_alt_id 
_struct_conn.pdbx_ptnr3_PDB_ins_code 
_struct_conn.details 
_struct_conn.pdbx_dist_value 
_struct_conn.pdbx_value_order 
_struct_conn.pdbx_role 
disulf1 disulf ? ? A CYS 6  SG ? ? ? 1_555 A CYS 127 SG ? ? A CYS 6  A CYS 127 1_555 ? ? ? ? ? ? ? 2.017 ? ? 
disulf2 disulf ? ? A CYS 30 SG ? ? ? 1_555 A CYS 115 SG ? ? A CYS 30 A CYS 115 1_555 ? ? ? ? ? ? ? 2.042 ? ? 
disulf3 disulf ? ? A CYS 64 SG ? ? ? 1_555 A CYS 80  SG ? ? A CYS 64 A CYS 80  1_555 ? ? ? ? ? ? ? 2.027 ? ? 
disulf4 disulf ? ? A CYS 76 SG ? ? ? 1_555 A CYS 94  SG ? ? A CYS 76 A CYS 94  1_555 ? ? ? ? ? ? ? 2.022 ? ? 
# 
_struct_conn_type.id          disulf 
_struct_conn_type.criteria    ? 
_struct_conn_type.reference   ? 
# 
loop_
_pdbx_modification_feature.ordinal 
_pdbx_modification_feature.label_comp_id 
_pdbx_modification_feature.label_asym_id 
_pdbx_modification_feature.label_seq_id 
_pdbx_modification_feature.label_alt_id 
_pdbx_modification_feature.modified_residue_label_comp_id 
_pdbx_modification_feature.modified_residue_label_asym_id 
_pdbx_modification_feature.modified_residue_label_seq_id 
_pdbx_modification_feature.modified_residue_label_alt_id 
_pdbx_modification_feature.auth_comp_id 
_pdbx_modification_feature.auth_asym_id 
_pdbx_modification_feature.auth_seq_id 
_pdbx_modification_feature.PDB_ins_code 
_pdbx_modification_feature.symmetry 
_pdbx_modification_feature.modified_residue_auth_comp_id 
_pdbx_modification_feature.modified_residue_auth_asym_id 
_pdbx_modification_feature.modified_residue_auth_seq_id 
_pdbx_modification_feature.modified_residue_PDB_ins_code 
_pdbx_modification_feature.modified_residue_symmetry 
_pdbx_modification_feature.comp_id_linking_atom 
_pdbx_modification_feature.modified_residue_id_linking_atom 
_pdbx_modification_feature.modified_residue_id 
_pdbx_modification_feature.ref_pcm_id 
_pdbx_modification_feature.ref_comp_id 
_pdbx_modification_feature.type 
_pdbx_modification_feature.category 
1 CYS A 6  ? CYS A 127 ? CYS A 6  ? 1_555 CYS A 127 ? 1_555 SG SG . . . None 'Disulfide bridge' 
2 CYS A 30 ? CYS A 115 ? CYS A 30 ? 1_555 CYS A 115 ? 1_555 SG SG . . . None 'Disulfide bridge' 
3 CYS A 64 ? CYS A 80  ? CYS A 64 ? 1_555 CYS A 80  ? 1_555 SG SG . . . None 'Disulfide bridge' 
4 CYS A 76 ? CYS A 94  ? CYS A 76 ? 1_555 CYS A 94  ? 1_555 SG SG . . . None 'Disulfide bridge' 
# 
_struct_sheet.id               A 
_struct_sheet.type             ? 
_struct_sheet.number_strands   3 
_struct_sheet.details          ? 
# 
loop_
_struct_sheet_order.sheet_id 
_struct_sheet_order.range_id_1 
_struct_sheet_order.range_id_2 
_struct_sheet_order.offset 
_struct_sheet_order.sense 
A 1 2 ? anti-parallel 
A 2 3 ? anti-parallel 
# 
loop_
_struct_sheet_range.sheet_id 
_struct_sheet_range.id 
_struct_sheet_range.beg_label_comp_id 
_struct_sheet_range.beg_label_asym_id 
_struct_sheet_range.beg_label_seq_id 
_struct_sheet_range.pdbx_beg_PDB_ins_code 
_struct_sheet_range.end_label_comp_id 
_struct_sheet_range.end_label_asym_id 
_struct_sheet_range.end_label_seq_id 
_struct_sheet_range.pdbx_end_PDB_ins_code 
_struct_sheet_range.beg_auth_comp_id 
_struct_sheet_range.beg_auth_asym_id 
_struct_sheet_range.beg_auth_seq_id 
_struct_sheet_range.end_auth_comp_id 
_struct_sheet_range.end_auth_asym_id 
_struct_sheet_range.end_auth_seq_id 
A 1 THR A 43 ? ARG A 45 ? THR A 43 ARG A 45 
A 2 THR A 51 ? TYR A 53 ? THR A 51 TYR A 53 
A 3 ILE A 58 ? ASN A 59 ? ILE A 58 ASN A 59 
# 
loop_
_pdbx_struct_sheet_hbond.sheet_id 
_pdbx_struct_sheet_hbond.range_id_1 
_pdbx_struct_sheet_hbond.range_id_2 
_pdbx_struct_sheet_hbond.range_1_label_atom_id 
_pdbx_struct_sheet_hbond.range_1_label_comp_id 
_pdbx_struct_sheet_hbond.range_1_label_asym_id 
_pdbx_struct_sheet_hbond.range_1_label_seq_id 
_pdbx_struct_sheet_hbond.range_1_PDB_ins_code 
_pdbx_struct_sheet_hbond.range_1_auth_atom_id 
_pdbx_struct_sheet_hbond.range_1_auth_comp_id 
_pdbx_struct_sheet_hbond.range_1_auth_asym_id 
_pdbx_struct_sheet_hbond.range_1_auth_seq_id 
_pdbx_struct_sheet_hbond.range_2_label_atom_id 
_pdbx_struct_sheet_hbond.range_2_label_comp_id 
_pdbx_struct_sheet_hbond.range_2_label_asym_id 
_pdbx_struct_sheet_hbond.range_2_label_seq_id 
_pdbx_struct_sheet_hbond.range_2_PDB_ins_code 
_pdbx_struct_sheet_hbond.range_2_auth_atom_id 
_pdbx_struct_sheet_hbond.range_2_auth_comp_id 
_pdbx_struct_sheet_hbond.range_2_auth_asym_id 
_pdbx_struct_sheet_hbond.range_2_auth_seq_id 
A 1 2 O ASN A 44 ? O ASN A 44 N ASP A 52 ? N ASP A 52 
A 2 3 N TYR A 53 ? N TYR A 53 O ILE A 58 ? O ILE A 58 
# 
_struct_site.id                   AC1 
_struct_site.pdbx_evidence_code   Software 
_struct_site.pdbx_auth_asym_id    A 
_struct_site.pdbx_auth_comp_id    POL 
_struct_site.pdbx_auth_seq_id     130 
_struct_site.pdbx_auth_ins_code   ? 
_struct_site.pdbx_num_residues    10 
_struct_site.details              'BINDING SITE FOR RESIDUE POL A 130' 
# 
loop_
_struct_site_gen.id 
_struct_site_gen.site_id 
_struct_site_gen.pdbx_num_res 
_struct_site_gen.label_comp_id 
_struct_site_gen.label_asym_id 
_struct_site_gen.label_seq_id 
_struct_site_gen.pdbx_auth_ins_code 
_struct_site_gen.auth_comp_id 
_struct_site_gen.auth_asym_id 
_struct_site_gen.auth_seq_id 
_struct_site_gen.label_atom_id 
_struct_site_gen.label_alt_id 
_struct_site_gen.symmetry 
_struct_site_gen.details 
1  AC1 10 GLY A 22  ? GLY A 22  . ? 1_555 ? 
2  AC1 10 SER A 24  ? SER A 24  . ? 1_555 ? 
3  AC1 10 ASN A 27  ? ASN A 27  . ? 1_555 ? 
4  AC1 10 THR A 43  ? THR A 43  . ? 1_545 ? 
5  AC1 10 THR A 118 ? THR A 118 . ? 1_555 ? 
6  AC1 10 VAL A 120 ? VAL A 120 . ? 1_555 ? 
7  AC1 10 HIS A 121 ? HIS A 121 . ? 1_555 ? 
8  AC1 10 HOH C .   ? HOH A 220 . ? 1_545 ? 
9  AC1 10 HOH C .   ? HOH A 400 . ? 1_555 ? 
10 AC1 10 HOH C .   ? HOH A 406 . ? 1_545 ? 
# 
_pdbx_entry_details.entry_id                   1JSE 
_pdbx_entry_details.compound_details           ? 
_pdbx_entry_details.source_details             ? 
_pdbx_entry_details.nonpolymer_details         ? 
_pdbx_entry_details.sequence_details           ? 
_pdbx_entry_details.has_ligand_of_interest     ? 
_pdbx_entry_details.has_protein_modification   Y 
# 
loop_
_pdbx_validate_close_contact.id 
_pdbx_validate_close_contact.PDB_model_num 
_pdbx_validate_close_contact.auth_atom_id_1 
_pdbx_validate_close_contact.auth_asym_id_1 
_pdbx_validate_close_contact.auth_comp_id_1 
_pdbx_validate_close_contact.auth_seq_id_1 
_pdbx_validate_close_contact.PDB_ins_code_1 
_pdbx_validate_close_contact.label_alt_id_1 
_pdbx_validate_close_contact.auth_atom_id_2 
_pdbx_validate_close_contact.auth_asym_id_2 
_pdbx_validate_close_contact.auth_comp_id_2 
_pdbx_validate_close_contact.auth_seq_id_2 
_pdbx_validate_close_contact.PDB_ins_code_2 
_pdbx_validate_close_contact.label_alt_id_2 
_pdbx_validate_close_contact.dist 
1 1 O   A HOH 223 ? ? O   A HOH 237 ? ? 1.99 
2 1 NH2 A ARG 45  ? ? C   A GLY 49  ? ? 2.09 
3 1 OD1 A ASN 46  ? ? OD1 A ASN 59  ? B 2.13 
# 
loop_
_pdbx_validate_rmsd_angle.id 
_pdbx_validate_rmsd_angle.PDB_model_num 
_pdbx_validate_rmsd_angle.auth_atom_id_1 
_pdbx_validate_rmsd_angle.auth_asym_id_1 
_pdbx_validate_rmsd_angle.auth_comp_id_1 
_pdbx_validate_rmsd_angle.auth_seq_id_1 
_pdbx_validate_rmsd_angle.PDB_ins_code_1 
_pdbx_validate_rmsd_angle.label_alt_id_1 
_pdbx_validate_rmsd_angle.auth_atom_id_2 
_pdbx_validate_rmsd_angle.auth_asym_id_2 
_pdbx_validate_rmsd_angle.auth_comp_id_2 
_pdbx_validate_rmsd_angle.auth_seq_id_2 
_pdbx_validate_rmsd_angle.PDB_ins_code_2 
_pdbx_validate_rmsd_angle.label_alt_id_2 
_pdbx_validate_rmsd_angle.auth_atom_id_3 
_pdbx_validate_rmsd_angle.auth_asym_id_3 
_pdbx_validate_rmsd_angle.auth_comp_id_3 
_pdbx_validate_rmsd_angle.auth_seq_id_3 
_pdbx_validate_rmsd_angle.PDB_ins_code_3 
_pdbx_validate_rmsd_angle.label_alt_id_3 
_pdbx_validate_rmsd_angle.angle_value 
_pdbx_validate_rmsd_angle.angle_target_value 
_pdbx_validate_rmsd_angle.angle_deviation 
_pdbx_validate_rmsd_angle.angle_standard_deviation 
_pdbx_validate_rmsd_angle.linker_flag 
1 1 NE A ARG 68 ? ? CZ A ARG 68 ? ? NH1 A ARG 68 ? ? 116.58 120.30 -3.72 0.50 N 
2 1 NE A ARG 68 ? ? CZ A ARG 68 ? ? NH2 A ARG 68 ? ? 123.52 120.30 3.22  0.50 N 
# 
loop_
_pdbx_validate_torsion.id 
_pdbx_validate_torsion.PDB_model_num 
_pdbx_validate_torsion.auth_comp_id 
_pdbx_validate_torsion.auth_asym_id 
_pdbx_validate_torsion.auth_seq_id 
_pdbx_validate_torsion.PDB_ins_code 
_pdbx_validate_torsion.label_alt_id 
_pdbx_validate_torsion.phi 
_pdbx_validate_torsion.psi 
1 1 SER A 36 ? ? -140.32 -1.14 
2 1 THR A 47 ? ? -68.42  6.88  
# 
loop_
_pdbx_validate_planes.id 
_pdbx_validate_planes.PDB_model_num 
_pdbx_validate_planes.auth_comp_id 
_pdbx_validate_planes.auth_asym_id 
_pdbx_validate_planes.auth_seq_id 
_pdbx_validate_planes.PDB_ins_code 
_pdbx_validate_planes.label_alt_id 
_pdbx_validate_planes.rmsd 
_pdbx_validate_planes.type 
1 1 ARG A 14  ? ? 0.107 'SIDE CHAIN' 
2 1 ARG A 21  ? ? 0.299 'SIDE CHAIN' 
3 1 ARG A 45  ? ? 0.269 'SIDE CHAIN' 
4 1 ARG A 61  ? ? 0.101 'SIDE CHAIN' 
5 1 ARG A 68  ? ? 0.103 'SIDE CHAIN' 
6 1 ARG A 112 ? ? 0.160 'SIDE CHAIN' 
7 1 ARG A 125 ? ? 0.244 'SIDE CHAIN' 
8 1 ARG A 128 ? ? 0.144 'SIDE CHAIN' 
# 
loop_
_pdbx_distant_solvent_atoms.id 
_pdbx_distant_solvent_atoms.PDB_model_num 
_pdbx_distant_solvent_atoms.auth_atom_id 
_pdbx_distant_solvent_atoms.label_alt_id 
_pdbx_distant_solvent_atoms.auth_asym_id 
_pdbx_distant_solvent_atoms.auth_comp_id 
_pdbx_distant_solvent_atoms.auth_seq_id 
_pdbx_distant_solvent_atoms.PDB_ins_code 
_pdbx_distant_solvent_atoms.neighbor_macromolecule_distance 
_pdbx_distant_solvent_atoms.neighbor_ligand_distance 
1 1 O ? A HOH 273 ? 5.83 . 
2 1 O ? A HOH 289 ? 6.66 . 
3 1 O ? A HOH 315 ? 6.44 . 
4 1 O ? A HOH 319 ? 6.72 . 
5 1 O ? A HOH 324 ? 7.21 . 
6 1 O ? A HOH 328 ? 6.33 . 
7 1 O A A HOH 404 ? 7.17 . 
8 1 O A A HOH 407 ? 7.63 . 
9 1 O A A HOH 408 ? 9.61 . 
# 
loop_
_chem_comp_atom.comp_id 
_chem_comp_atom.atom_id 
_chem_comp_atom.type_symbol 
_chem_comp_atom.pdbx_aromatic_flag 
_chem_comp_atom.pdbx_stereo_config 
_chem_comp_atom.pdbx_ordinal 
ALA N    N N N 1   
ALA CA   C N S 2   
ALA C    C N N 3   
ALA O    O N N 4   
ALA CB   C N N 5   
ALA OXT  O N N 6   
ALA H    H N N 7   
ALA H2   H N N 8   
ALA HA   H N N 9   
ALA HB1  H N N 10  
ALA HB2  H N N 11  
ALA HB3  H N N 12  
ALA HXT  H N N 13  
ARG N    N N N 14  
ARG CA   C N S 15  
ARG C    C N N 16  
ARG O    O N N 17  
ARG CB   C N N 18  
ARG CG   C N N 19  
ARG CD   C N N 20  
ARG NE   N N N 21  
ARG CZ   C N N 22  
ARG NH1  N N N 23  
ARG NH2  N N N 24  
ARG OXT  O N N 25  
ARG H    H N N 26  
ARG H2   H N N 27  
ARG HA   H N N 28  
ARG HB2  H N N 29  
ARG HB3  H N N 30  
ARG HG2  H N N 31  
ARG HG3  H N N 32  
ARG HD2  H N N 33  
ARG HD3  H N N 34  
ARG HE   H N N 35  
ARG HH11 H N N 36  
ARG HH12 H N N 37  
ARG HH21 H N N 38  
ARG HH22 H N N 39  
ARG HXT  H N N 40  
ASN N    N N N 41  
ASN CA   C N S 42  
ASN C    C N N 43  
ASN O    O N N 44  
ASN CB   C N N 45  
ASN CG   C N N 46  
ASN OD1  O N N 47  
ASN ND2  N N N 48  
ASN OXT  O N N 49  
ASN H    H N N 50  
ASN H2   H N N 51  
ASN HA   H N N 52  
ASN HB2  H N N 53  
ASN HB3  H N N 54  
ASN HD21 H N N 55  
ASN HD22 H N N 56  
ASN HXT  H N N 57  
ASP N    N N N 58  
ASP CA   C N S 59  
ASP C    C N N 60  
ASP O    O N N 61  
ASP CB   C N N 62  
ASP CG   C N N 63  
ASP OD1  O N N 64  
ASP OD2  O N N 65  
ASP OXT  O N N 66  
ASP H    H N N 67  
ASP H2   H N N 68  
ASP HA   H N N 69  
ASP HB2  H N N 70  
ASP HB3  H N N 71  
ASP HD2  H N N 72  
ASP HXT  H N N 73  
CYS N    N N N 74  
CYS CA   C N R 75  
CYS C    C N N 76  
CYS O    O N N 77  
CYS CB   C N N 78  
CYS SG   S N N 79  
CYS OXT  O N N 80  
CYS H    H N N 81  
CYS H2   H N N 82  
CYS HA   H N N 83  
CYS HB2  H N N 84  
CYS HB3  H N N 85  
CYS HG   H N N 86  
CYS HXT  H N N 87  
GLN N    N N N 88  
GLN CA   C N S 89  
GLN C    C N N 90  
GLN O    O N N 91  
GLN CB   C N N 92  
GLN CG   C N N 93  
GLN CD   C N N 94  
GLN OE1  O N N 95  
GLN NE2  N N N 96  
GLN OXT  O N N 97  
GLN H    H N N 98  
GLN H2   H N N 99  
GLN HA   H N N 100 
GLN HB2  H N N 101 
GLN HB3  H N N 102 
GLN HG2  H N N 103 
GLN HG3  H N N 104 
GLN HE21 H N N 105 
GLN HE22 H N N 106 
GLN HXT  H N N 107 
GLU N    N N N 108 
GLU CA   C N S 109 
GLU C    C N N 110 
GLU O    O N N 111 
GLU CB   C N N 112 
GLU CG   C N N 113 
GLU CD   C N N 114 
GLU OE1  O N N 115 
GLU OE2  O N N 116 
GLU OXT  O N N 117 
GLU H    H N N 118 
GLU H2   H N N 119 
GLU HA   H N N 120 
GLU HB2  H N N 121 
GLU HB3  H N N 122 
GLU HG2  H N N 123 
GLU HG3  H N N 124 
GLU HE2  H N N 125 
GLU HXT  H N N 126 
GLY N    N N N 127 
GLY CA   C N N 128 
GLY C    C N N 129 
GLY O    O N N 130 
GLY OXT  O N N 131 
GLY H    H N N 132 
GLY H2   H N N 133 
GLY HA2  H N N 134 
GLY HA3  H N N 135 
GLY HXT  H N N 136 
HIS N    N N N 137 
HIS CA   C N S 138 
HIS C    C N N 139 
HIS O    O N N 140 
HIS CB   C N N 141 
HIS CG   C Y N 142 
HIS ND1  N Y N 143 
HIS CD2  C Y N 144 
HIS CE1  C Y N 145 
HIS NE2  N Y N 146 
HIS OXT  O N N 147 
HIS H    H N N 148 
HIS H2   H N N 149 
HIS HA   H N N 150 
HIS HB2  H N N 151 
HIS HB3  H N N 152 
HIS HD1  H N N 153 
HIS HD2  H N N 154 
HIS HE1  H N N 155 
HIS HE2  H N N 156 
HIS HXT  H N N 157 
HOH O    O N N 158 
HOH H1   H N N 159 
HOH H2   H N N 160 
ILE N    N N N 161 
ILE CA   C N S 162 
ILE C    C N N 163 
ILE O    O N N 164 
ILE CB   C N S 165 
ILE CG1  C N N 166 
ILE CG2  C N N 167 
ILE CD1  C N N 168 
ILE OXT  O N N 169 
ILE H    H N N 170 
ILE H2   H N N 171 
ILE HA   H N N 172 
ILE HB   H N N 173 
ILE HG12 H N N 174 
ILE HG13 H N N 175 
ILE HG21 H N N 176 
ILE HG22 H N N 177 
ILE HG23 H N N 178 
ILE HD11 H N N 179 
ILE HD12 H N N 180 
ILE HD13 H N N 181 
ILE HXT  H N N 182 
LEU N    N N N 183 
LEU CA   C N S 184 
LEU C    C N N 185 
LEU O    O N N 186 
LEU CB   C N N 187 
LEU CG   C N N 188 
LEU CD1  C N N 189 
LEU CD2  C N N 190 
LEU OXT  O N N 191 
LEU H    H N N 192 
LEU H2   H N N 193 
LEU HA   H N N 194 
LEU HB2  H N N 195 
LEU HB3  H N N 196 
LEU HG   H N N 197 
LEU HD11 H N N 198 
LEU HD12 H N N 199 
LEU HD13 H N N 200 
LEU HD21 H N N 201 
LEU HD22 H N N 202 
LEU HD23 H N N 203 
LEU HXT  H N N 204 
LYS N    N N N 205 
LYS CA   C N S 206 
LYS C    C N N 207 
LYS O    O N N 208 
LYS CB   C N N 209 
LYS CG   C N N 210 
LYS CD   C N N 211 
LYS CE   C N N 212 
LYS NZ   N N N 213 
LYS OXT  O N N 214 
LYS H    H N N 215 
LYS H2   H N N 216 
LYS HA   H N N 217 
LYS HB2  H N N 218 
LYS HB3  H N N 219 
LYS HG2  H N N 220 
LYS HG3  H N N 221 
LYS HD2  H N N 222 
LYS HD3  H N N 223 
LYS HE2  H N N 224 
LYS HE3  H N N 225 
LYS HZ1  H N N 226 
LYS HZ2  H N N 227 
LYS HZ3  H N N 228 
LYS HXT  H N N 229 
MET N    N N N 230 
MET CA   C N S 231 
MET C    C N N 232 
MET O    O N N 233 
MET CB   C N N 234 
MET CG   C N N 235 
MET SD   S N N 236 
MET CE   C N N 237 
MET OXT  O N N 238 
MET H    H N N 239 
MET H2   H N N 240 
MET HA   H N N 241 
MET HB2  H N N 242 
MET HB3  H N N 243 
MET HG2  H N N 244 
MET HG3  H N N 245 
MET HE1  H N N 246 
MET HE2  H N N 247 
MET HE3  H N N 248 
MET HXT  H N N 249 
PHE N    N N N 250 
PHE CA   C N S 251 
PHE C    C N N 252 
PHE O    O N N 253 
PHE CB   C N N 254 
PHE CG   C Y N 255 
PHE CD1  C Y N 256 
PHE CD2  C Y N 257 
PHE CE1  C Y N 258 
PHE CE2  C Y N 259 
PHE CZ   C Y N 260 
PHE OXT  O N N 261 
PHE H    H N N 262 
PHE H2   H N N 263 
PHE HA   H N N 264 
PHE HB2  H N N 265 
PHE HB3  H N N 266 
PHE HD1  H N N 267 
PHE HD2  H N N 268 
PHE HE1  H N N 269 
PHE HE2  H N N 270 
PHE HZ   H N N 271 
PHE HXT  H N N 272 
POL O    O N N 273 
POL C1   C N N 274 
POL C2   C N N 275 
POL C3   C N N 276 
POL HO   H N N 277 
POL H11  H N N 278 
POL H12  H N N 279 
POL H21  H N N 280 
POL H22  H N N 281 
POL H31  H N N 282 
POL H32  H N N 283 
POL H33  H N N 284 
PRO N    N N N 285 
PRO CA   C N S 286 
PRO C    C N N 287 
PRO O    O N N 288 
PRO CB   C N N 289 
PRO CG   C N N 290 
PRO CD   C N N 291 
PRO OXT  O N N 292 
PRO H    H N N 293 
PRO HA   H N N 294 
PRO HB2  H N N 295 
PRO HB3  H N N 296 
PRO HG2  H N N 297 
PRO HG3  H N N 298 
PRO HD2  H N N 299 
PRO HD3  H N N 300 
PRO HXT  H N N 301 
SER N    N N N 302 
SER CA   C N S 303 
SER C    C N N 304 
SER O    O N N 305 
SER CB   C N N 306 
SER OG   O N N 307 
SER OXT  O N N 308 
SER H    H N N 309 
SER H2   H N N 310 
SER HA   H N N 311 
SER HB2  H N N 312 
SER HB3  H N N 313 
SER HG   H N N 314 
SER HXT  H N N 315 
THR N    N N N 316 
THR CA   C N S 317 
THR C    C N N 318 
THR O    O N N 319 
THR CB   C N R 320 
THR OG1  O N N 321 
THR CG2  C N N 322 
THR OXT  O N N 323 
THR H    H N N 324 
THR H2   H N N 325 
THR HA   H N N 326 
THR HB   H N N 327 
THR HG1  H N N 328 
THR HG21 H N N 329 
THR HG22 H N N 330 
THR HG23 H N N 331 
THR HXT  H N N 332 
TRP N    N N N 333 
TRP CA   C N S 334 
TRP C    C N N 335 
TRP O    O N N 336 
TRP CB   C N N 337 
TRP CG   C Y N 338 
TRP CD1  C Y N 339 
TRP CD2  C Y N 340 
TRP NE1  N Y N 341 
TRP CE2  C Y N 342 
TRP CE3  C Y N 343 
TRP CZ2  C Y N 344 
TRP CZ3  C Y N 345 
TRP CH2  C Y N 346 
TRP OXT  O N N 347 
TRP H    H N N 348 
TRP H2   H N N 349 
TRP HA   H N N 350 
TRP HB2  H N N 351 
TRP HB3  H N N 352 
TRP HD1  H N N 353 
TRP HE1  H N N 354 
TRP HE3  H N N 355 
TRP HZ2  H N N 356 
TRP HZ3  H N N 357 
TRP HH2  H N N 358 
TRP HXT  H N N 359 
TYR N    N N N 360 
TYR CA   C N S 361 
TYR C    C N N 362 
TYR O    O N N 363 
TYR CB   C N N 364 
TYR CG   C Y N 365 
TYR CD1  C Y N 366 
TYR CD2  C Y N 367 
TYR CE1  C Y N 368 
TYR CE2  C Y N 369 
TYR CZ   C Y N 370 
TYR OH   O N N 371 
TYR OXT  O N N 372 
TYR H    H N N 373 
TYR H2   H N N 374 
TYR HA   H N N 375 
TYR HB2  H N N 376 
TYR HB3  H N N 377 
TYR HD1  H N N 378 
TYR HD2  H N N 379 
TYR HE1  H N N 380 
TYR HE2  H N N 381 
TYR HH   H N N 382 
TYR HXT  H N N 383 
VAL N    N N N 384 
VAL CA   C N S 385 
VAL C    C N N 386 
VAL O    O N N 387 
VAL CB   C N N 388 
VAL CG1  C N N 389 
VAL CG2  C N N 390 
VAL OXT  O N N 391 
VAL H    H N N 392 
VAL H2   H N N 393 
VAL HA   H N N 394 
VAL HB   H N N 395 
VAL HG11 H N N 396 
VAL HG12 H N N 397 
VAL HG13 H N N 398 
VAL HG21 H N N 399 
VAL HG22 H N N 400 
VAL HG23 H N N 401 
VAL HXT  H N N 402 
# 
loop_
_chem_comp_bond.comp_id 
_chem_comp_bond.atom_id_1 
_chem_comp_bond.atom_id_2 
_chem_comp_bond.value_order 
_chem_comp_bond.pdbx_aromatic_flag 
_chem_comp_bond.pdbx_stereo_config 
_chem_comp_bond.pdbx_ordinal 
ALA N   CA   sing N N 1   
ALA N   H    sing N N 2   
ALA N   H2   sing N N 3   
ALA CA  C    sing N N 4   
ALA CA  CB   sing N N 5   
ALA CA  HA   sing N N 6   
ALA C   O    doub N N 7   
ALA C   OXT  sing N N 8   
ALA CB  HB1  sing N N 9   
ALA CB  HB2  sing N N 10  
ALA CB  HB3  sing N N 11  
ALA OXT HXT  sing N N 12  
ARG N   CA   sing N N 13  
ARG N   H    sing N N 14  
ARG N   H2   sing N N 15  
ARG CA  C    sing N N 16  
ARG CA  CB   sing N N 17  
ARG CA  HA   sing N N 18  
ARG C   O    doub N N 19  
ARG C   OXT  sing N N 20  
ARG CB  CG   sing N N 21  
ARG CB  HB2  sing N N 22  
ARG CB  HB3  sing N N 23  
ARG CG  CD   sing N N 24  
ARG CG  HG2  sing N N 25  
ARG CG  HG3  sing N N 26  
ARG CD  NE   sing N N 27  
ARG CD  HD2  sing N N 28  
ARG CD  HD3  sing N N 29  
ARG NE  CZ   sing N N 30  
ARG NE  HE   sing N N 31  
ARG CZ  NH1  sing N N 32  
ARG CZ  NH2  doub N N 33  
ARG NH1 HH11 sing N N 34  
ARG NH1 HH12 sing N N 35  
ARG NH2 HH21 sing N N 36  
ARG NH2 HH22 sing N N 37  
ARG OXT HXT  sing N N 38  
ASN N   CA   sing N N 39  
ASN N   H    sing N N 40  
ASN N   H2   sing N N 41  
ASN CA  C    sing N N 42  
ASN CA  CB   sing N N 43  
ASN CA  HA   sing N N 44  
ASN C   O    doub N N 45  
ASN C   OXT  sing N N 46  
ASN CB  CG   sing N N 47  
ASN CB  HB2  sing N N 48  
ASN CB  HB3  sing N N 49  
ASN CG  OD1  doub N N 50  
ASN CG  ND2  sing N N 51  
ASN ND2 HD21 sing N N 52  
ASN ND2 HD22 sing N N 53  
ASN OXT HXT  sing N N 54  
ASP N   CA   sing N N 55  
ASP N   H    sing N N 56  
ASP N   H2   sing N N 57  
ASP CA  C    sing N N 58  
ASP CA  CB   sing N N 59  
ASP CA  HA   sing N N 60  
ASP C   O    doub N N 61  
ASP C   OXT  sing N N 62  
ASP CB  CG   sing N N 63  
ASP CB  HB2  sing N N 64  
ASP CB  HB3  sing N N 65  
ASP CG  OD1  doub N N 66  
ASP CG  OD2  sing N N 67  
ASP OD2 HD2  sing N N 68  
ASP OXT HXT  sing N N 69  
CYS N   CA   sing N N 70  
CYS N   H    sing N N 71  
CYS N   H2   sing N N 72  
CYS CA  C    sing N N 73  
CYS CA  CB   sing N N 74  
CYS CA  HA   sing N N 75  
CYS C   O    doub N N 76  
CYS C   OXT  sing N N 77  
CYS CB  SG   sing N N 78  
CYS CB  HB2  sing N N 79  
CYS CB  HB3  sing N N 80  
CYS SG  HG   sing N N 81  
CYS OXT HXT  sing N N 82  
GLN N   CA   sing N N 83  
GLN N   H    sing N N 84  
GLN N   H2   sing N N 85  
GLN CA  C    sing N N 86  
GLN CA  CB   sing N N 87  
GLN CA  HA   sing N N 88  
GLN C   O    doub N N 89  
GLN C   OXT  sing N N 90  
GLN CB  CG   sing N N 91  
GLN CB  HB2  sing N N 92  
GLN CB  HB3  sing N N 93  
GLN CG  CD   sing N N 94  
GLN CG  HG2  sing N N 95  
GLN CG  HG3  sing N N 96  
GLN CD  OE1  doub N N 97  
GLN CD  NE2  sing N N 98  
GLN NE2 HE21 sing N N 99  
GLN NE2 HE22 sing N N 100 
GLN OXT HXT  sing N N 101 
GLU N   CA   sing N N 102 
GLU N   H    sing N N 103 
GLU N   H2   sing N N 104 
GLU CA  C    sing N N 105 
GLU CA  CB   sing N N 106 
GLU CA  HA   sing N N 107 
GLU C   O    doub N N 108 
GLU C   OXT  sing N N 109 
GLU CB  CG   sing N N 110 
GLU CB  HB2  sing N N 111 
GLU CB  HB3  sing N N 112 
GLU CG  CD   sing N N 113 
GLU CG  HG2  sing N N 114 
GLU CG  HG3  sing N N 115 
GLU CD  OE1  doub N N 116 
GLU CD  OE2  sing N N 117 
GLU OE2 HE2  sing N N 118 
GLU OXT HXT  sing N N 119 
GLY N   CA   sing N N 120 
GLY N   H    sing N N 121 
GLY N   H2   sing N N 122 
GLY CA  C    sing N N 123 
GLY CA  HA2  sing N N 124 
GLY CA  HA3  sing N N 125 
GLY C   O    doub N N 126 
GLY C   OXT  sing N N 127 
GLY OXT HXT  sing N N 128 
HIS N   CA   sing N N 129 
HIS N   H    sing N N 130 
HIS N   H2   sing N N 131 
HIS CA  C    sing N N 132 
HIS CA  CB   sing N N 133 
HIS CA  HA   sing N N 134 
HIS C   O    doub N N 135 
HIS C   OXT  sing N N 136 
HIS CB  CG   sing N N 137 
HIS CB  HB2  sing N N 138 
HIS CB  HB3  sing N N 139 
HIS CG  ND1  sing Y N 140 
HIS CG  CD2  doub Y N 141 
HIS ND1 CE1  doub Y N 142 
HIS ND1 HD1  sing N N 143 
HIS CD2 NE2  sing Y N 144 
HIS CD2 HD2  sing N N 145 
HIS CE1 NE2  sing Y N 146 
HIS CE1 HE1  sing N N 147 
HIS NE2 HE2  sing N N 148 
HIS OXT HXT  sing N N 149 
HOH O   H1   sing N N 150 
HOH O   H2   sing N N 151 
ILE N   CA   sing N N 152 
ILE N   H    sing N N 153 
ILE N   H2   sing N N 154 
ILE CA  C    sing N N 155 
ILE CA  CB   sing N N 156 
ILE CA  HA   sing N N 157 
ILE C   O    doub N N 158 
ILE C   OXT  sing N N 159 
ILE CB  CG1  sing N N 160 
ILE CB  CG2  sing N N 161 
ILE CB  HB   sing N N 162 
ILE CG1 CD1  sing N N 163 
ILE CG1 HG12 sing N N 164 
ILE CG1 HG13 sing N N 165 
ILE CG2 HG21 sing N N 166 
ILE CG2 HG22 sing N N 167 
ILE CG2 HG23 sing N N 168 
ILE CD1 HD11 sing N N 169 
ILE CD1 HD12 sing N N 170 
ILE CD1 HD13 sing N N 171 
ILE OXT HXT  sing N N 172 
LEU N   CA   sing N N 173 
LEU N   H    sing N N 174 
LEU N   H2   sing N N 175 
LEU CA  C    sing N N 176 
LEU CA  CB   sing N N 177 
LEU CA  HA   sing N N 178 
LEU C   O    doub N N 179 
LEU C   OXT  sing N N 180 
LEU CB  CG   sing N N 181 
LEU CB  HB2  sing N N 182 
LEU CB  HB3  sing N N 183 
LEU CG  CD1  sing N N 184 
LEU CG  CD2  sing N N 185 
LEU CG  HG   sing N N 186 
LEU CD1 HD11 sing N N 187 
LEU CD1 HD12 sing N N 188 
LEU CD1 HD13 sing N N 189 
LEU CD2 HD21 sing N N 190 
LEU CD2 HD22 sing N N 191 
LEU CD2 HD23 sing N N 192 
LEU OXT HXT  sing N N 193 
LYS N   CA   sing N N 194 
LYS N   H    sing N N 195 
LYS N   H2   sing N N 196 
LYS CA  C    sing N N 197 
LYS CA  CB   sing N N 198 
LYS CA  HA   sing N N 199 
LYS C   O    doub N N 200 
LYS C   OXT  sing N N 201 
LYS CB  CG   sing N N 202 
LYS CB  HB2  sing N N 203 
LYS CB  HB3  sing N N 204 
LYS CG  CD   sing N N 205 
LYS CG  HG2  sing N N 206 
LYS CG  HG3  sing N N 207 
LYS CD  CE   sing N N 208 
LYS CD  HD2  sing N N 209 
LYS CD  HD3  sing N N 210 
LYS CE  NZ   sing N N 211 
LYS CE  HE2  sing N N 212 
LYS CE  HE3  sing N N 213 
LYS NZ  HZ1  sing N N 214 
LYS NZ  HZ2  sing N N 215 
LYS NZ  HZ3  sing N N 216 
LYS OXT HXT  sing N N 217 
MET N   CA   sing N N 218 
MET N   H    sing N N 219 
MET N   H2   sing N N 220 
MET CA  C    sing N N 221 
MET CA  CB   sing N N 222 
MET CA  HA   sing N N 223 
MET C   O    doub N N 224 
MET C   OXT  sing N N 225 
MET CB  CG   sing N N 226 
MET CB  HB2  sing N N 227 
MET CB  HB3  sing N N 228 
MET CG  SD   sing N N 229 
MET CG  HG2  sing N N 230 
MET CG  HG3  sing N N 231 
MET SD  CE   sing N N 232 
MET CE  HE1  sing N N 233 
MET CE  HE2  sing N N 234 
MET CE  HE3  sing N N 235 
MET OXT HXT  sing N N 236 
PHE N   CA   sing N N 237 
PHE N   H    sing N N 238 
PHE N   H2   sing N N 239 
PHE CA  C    sing N N 240 
PHE CA  CB   sing N N 241 
PHE CA  HA   sing N N 242 
PHE C   O    doub N N 243 
PHE C   OXT  sing N N 244 
PHE CB  CG   sing N N 245 
PHE CB  HB2  sing N N 246 
PHE CB  HB3  sing N N 247 
PHE CG  CD1  doub Y N 248 
PHE CG  CD2  sing Y N 249 
PHE CD1 CE1  sing Y N 250 
PHE CD1 HD1  sing N N 251 
PHE CD2 CE2  doub Y N 252 
PHE CD2 HD2  sing N N 253 
PHE CE1 CZ   doub Y N 254 
PHE CE1 HE1  sing N N 255 
PHE CE2 CZ   sing Y N 256 
PHE CE2 HE2  sing N N 257 
PHE CZ  HZ   sing N N 258 
PHE OXT HXT  sing N N 259 
POL O   C1   sing N N 260 
POL O   HO   sing N N 261 
POL C1  C2   sing N N 262 
POL C1  H11  sing N N 263 
POL C1  H12  sing N N 264 
POL C2  C3   sing N N 265 
POL C2  H21  sing N N 266 
POL C2  H22  sing N N 267 
POL C3  H31  sing N N 268 
POL C3  H32  sing N N 269 
POL C3  H33  sing N N 270 
PRO N   CA   sing N N 271 
PRO N   CD   sing N N 272 
PRO N   H    sing N N 273 
PRO CA  C    sing N N 274 
PRO CA  CB   sing N N 275 
PRO CA  HA   sing N N 276 
PRO C   O    doub N N 277 
PRO C   OXT  sing N N 278 
PRO CB  CG   sing N N 279 
PRO CB  HB2  sing N N 280 
PRO CB  HB3  sing N N 281 
PRO CG  CD   sing N N 282 
PRO CG  HG2  sing N N 283 
PRO CG  HG3  sing N N 284 
PRO CD  HD2  sing N N 285 
PRO CD  HD3  sing N N 286 
PRO OXT HXT  sing N N 287 
SER N   CA   sing N N 288 
SER N   H    sing N N 289 
SER N   H2   sing N N 290 
SER CA  C    sing N N 291 
SER CA  CB   sing N N 292 
SER CA  HA   sing N N 293 
SER C   O    doub N N 294 
SER C   OXT  sing N N 295 
SER CB  OG   sing N N 296 
SER CB  HB2  sing N N 297 
SER CB  HB3  sing N N 298 
SER OG  HG   sing N N 299 
SER OXT HXT  sing N N 300 
THR N   CA   sing N N 301 
THR N   H    sing N N 302 
THR N   H2   sing N N 303 
THR CA  C    sing N N 304 
THR CA  CB   sing N N 305 
THR CA  HA   sing N N 306 
THR C   O    doub N N 307 
THR C   OXT  sing N N 308 
THR CB  OG1  sing N N 309 
THR CB  CG2  sing N N 310 
THR CB  HB   sing N N 311 
THR OG1 HG1  sing N N 312 
THR CG2 HG21 sing N N 313 
THR CG2 HG22 sing N N 314 
THR CG2 HG23 sing N N 315 
THR OXT HXT  sing N N 316 
TRP N   CA   sing N N 317 
TRP N   H    sing N N 318 
TRP N   H2   sing N N 319 
TRP CA  C    sing N N 320 
TRP CA  CB   sing N N 321 
TRP CA  HA   sing N N 322 
TRP C   O    doub N N 323 
TRP C   OXT  sing N N 324 
TRP CB  CG   sing N N 325 
TRP CB  HB2  sing N N 326 
TRP CB  HB3  sing N N 327 
TRP CG  CD1  doub Y N 328 
TRP CG  CD2  sing Y N 329 
TRP CD1 NE1  sing Y N 330 
TRP CD1 HD1  sing N N 331 
TRP CD2 CE2  doub Y N 332 
TRP CD2 CE3  sing Y N 333 
TRP NE1 CE2  sing Y N 334 
TRP NE1 HE1  sing N N 335 
TRP CE2 CZ2  sing Y N 336 
TRP CE3 CZ3  doub Y N 337 
TRP CE3 HE3  sing N N 338 
TRP CZ2 CH2  doub Y N 339 
TRP CZ2 HZ2  sing N N 340 
TRP CZ3 CH2  sing Y N 341 
TRP CZ3 HZ3  sing N N 342 
TRP CH2 HH2  sing N N 343 
TRP OXT HXT  sing N N 344 
TYR N   CA   sing N N 345 
TYR N   H    sing N N 346 
TYR N   H2   sing N N 347 
TYR CA  C    sing N N 348 
TYR CA  CB   sing N N 349 
TYR CA  HA   sing N N 350 
TYR C   O    doub N N 351 
TYR C   OXT  sing N N 352 
TYR CB  CG   sing N N 353 
TYR CB  HB2  sing N N 354 
TYR CB  HB3  sing N N 355 
TYR CG  CD1  doub Y N 356 
TYR CG  CD2  sing Y N 357 
TYR CD1 CE1  sing Y N 358 
TYR CD1 HD1  sing N N 359 
TYR CD2 CE2  doub Y N 360 
TYR CD2 HD2  sing N N 361 
TYR CE1 CZ   doub Y N 362 
TYR CE1 HE1  sing N N 363 
TYR CE2 CZ   sing Y N 364 
TYR CE2 HE2  sing N N 365 
TYR CZ  OH   sing N N 366 
TYR OH  HH   sing N N 367 
TYR OXT HXT  sing N N 368 
VAL N   CA   sing N N 369 
VAL N   H    sing N N 370 
VAL N   H2   sing N N 371 
VAL CA  C    sing N N 372 
VAL CA  CB   sing N N 373 
VAL CA  HA   sing N N 374 
VAL C   O    doub N N 375 
VAL C   OXT  sing N N 376 
VAL CB  CG1  sing N N 377 
VAL CB  CG2  sing N N 378 
VAL CB  HB   sing N N 379 
VAL CG1 HG11 sing N N 380 
VAL CG1 HG12 sing N N 381 
VAL CG1 HG13 sing N N 382 
VAL CG2 HG21 sing N N 383 
VAL CG2 HG22 sing N N 384 
VAL CG2 HG23 sing N N 385 
VAL OXT HXT  sing N N 386 
# 
_pdbx_initial_refinement_model.id               1 
_pdbx_initial_refinement_model.entity_id_list   ? 
_pdbx_initial_refinement_model.type             'experimental model' 
_pdbx_initial_refinement_model.source_name      PDB 
_pdbx_initial_refinement_model.accession_code   1LZ3 
_pdbx_initial_refinement_model.details          'PDB ENTRY 1LZ3' 
# 
_atom_sites.entry_id                    1JSE 
_atom_sites.fract_transf_matrix[1][1]   0.01064321 
_atom_sites.fract_transf_matrix[1][2]   0.00956741 
_atom_sites.fract_transf_matrix[1][3]   0.02397218 
_atom_sites.fract_transf_matrix[2][1]   -0.01294618 
_atom_sites.fract_transf_matrix[2][2]   -0.02267488 
_atom_sites.fract_transf_matrix[2][3]   0.01479752 
_atom_sites.fract_transf_matrix[3][1]   0.02070705 
_atom_sites.fract_transf_matrix[3][2]   -0.00935710 
_atom_sites.fract_transf_matrix[3][3]   0.00377809 
_atom_sites.fract_transf_vector[1]      0.722995 
_atom_sites.fract_transf_vector[2]      0.352408 
_atom_sites.fract_transf_vector[3]      0.767567 
# 
loop_
_atom_type.symbol 
C 
N 
O 
S 
# 
loop_
_atom_site.group_PDB 
_atom_site.id 
_atom_site.type_symbol 
_atom_site.label_atom_id 
_atom_site.label_alt_id 
_atom_site.label_comp_id 
_atom_site.label_asym_id 
_atom_site.label_entity_id 
_atom_site.label_seq_id 
_atom_site.pdbx_PDB_ins_code 
_atom_site.Cartn_x 
_atom_site.Cartn_y 
_atom_site.Cartn_z 
_atom_site.occupancy 
_atom_site.B_iso_or_equiv 
_atom_site.pdbx_formal_charge 
_atom_site.auth_seq_id 
_atom_site.auth_comp_id 
_atom_site.auth_asym_id 
_atom_site.auth_atom_id 
_atom_site.pdbx_PDB_model_num 
ATOM   1    N N   . LYS A 1 1   ? -8.133  -0.095  11.662  1.00 23.40 ? 1   LYS A N   1 
ATOM   2    C CA  . LYS A 1 1   ? -8.326  1.383   11.776  1.00 19.40 ? 1   LYS A CA  1 
ATOM   3    C C   . LYS A 1 1   ? -8.676  1.881   10.368  1.00 17.61 ? 1   LYS A C   1 
ATOM   4    O O   . LYS A 1 1   ? -8.077  1.447   9.401   1.00 18.70 ? 1   LYS A O   1 
ATOM   5    C CB  . LYS A 1 1   ? -7.027  2.023   12.261  1.00 21.86 ? 1   LYS A CB  1 
ATOM   6    C CG  . LYS A 1 1   ? -7.012  3.535   12.230  1.00 21.63 ? 1   LYS A CG  1 
ATOM   7    C CD  . LYS A 1 1   ? -5.819  4.144   12.901  1.00 22.00 ? 1   LYS A CD  1 
ATOM   8    C CE  . LYS A 1 1   ? -5.652  5.636   12.624  1.00 23.44 ? 1   LYS A CE  1 
ATOM   9    N NZ  . LYS A 1 1   ? -6.594  6.503   13.305  1.00 26.32 ? 1   LYS A NZ  1 
ATOM   10   N N   . VAL A 1 2   ? -9.636  2.775   10.307  1.00 18.70 ? 2   VAL A N   1 
ATOM   11   C CA  . VAL A 1 2   ? -9.911  3.524   9.080   1.00 17.04 ? 2   VAL A CA  1 
ATOM   12   C C   . VAL A 1 2   ? -9.314  4.918   9.238   1.00 17.03 ? 2   VAL A C   1 
ATOM   13   O O   . VAL A 1 2   ? -9.709  5.678   10.093  1.00 20.29 ? 2   VAL A O   1 
ATOM   14   C CB  . VAL A 1 2   ? -11.401 3.627   8.770   1.00 20.89 ? 2   VAL A CB  1 
ATOM   15   C CG1 . VAL A 1 2   ? -11.679 4.488   7.546   1.00 21.30 ? 2   VAL A CG1 1 
ATOM   16   C CG2 . VAL A 1 2   ? -12.091 2.292   8.703   1.00 21.84 ? 2   VAL A CG2 1 
ATOM   17   N N   . TYR A 1 3   ? -8.314  5.217   8.420   1.00 14.98 ? 3   TYR A N   1 
ATOM   18   C CA  . TYR A 1 3   ? -7.641  6.508   8.449   1.00 14.18 ? 3   TYR A CA  1 
ATOM   19   C C   . TYR A 1 3   ? -8.463  7.587   7.768   1.00 14.97 ? 3   TYR A C   1 
ATOM   20   O O   . TYR A 1 3   ? -9.145  7.305   6.776   1.00 17.41 ? 3   TYR A O   1 
ATOM   21   C CB  . TYR A 1 3   ? -6.301  6.401   7.679   1.00 15.18 ? 3   TYR A CB  1 
ATOM   22   C CG  . TYR A 1 3   ? -5.159  5.940   8.566   1.00 13.82 ? 3   TYR A CG  1 
ATOM   23   C CD1 . TYR A 1 3   ? -4.985  4.607   8.855   1.00 15.00 ? 3   TYR A CD1 1 
ATOM   24   C CD2 . TYR A 1 3   ? -4.282  6.855   9.100   1.00 14.86 ? 3   TYR A CD2 1 
ATOM   25   C CE1 . TYR A 1 3   ? -3.931  4.183   9.678   1.00 15.94 ? 3   TYR A CE1 1 
ATOM   26   C CE2 . TYR A 1 3   ? -3.232  6.474   9.905   1.00 15.44 ? 3   TYR A CE2 1 
ATOM   27   C CZ  . TYR A 1 3   ? -3.064  5.118   10.177  1.00 15.94 ? 3   TYR A CZ  1 
ATOM   28   O OH  . TYR A 1 3   ? -2.046  4.762   11.012  1.00 19.77 ? 3   TYR A OH  1 
ATOM   29   N N   . GLY A 1 4   ? -8.299  8.828   8.198   1.00 15.86 ? 4   GLY A N   1 
ATOM   30   C CA  . GLY A 1 4   ? -8.722  9.977   7.405   1.00 16.15 ? 4   GLY A CA  1 
ATOM   31   C C   . GLY A 1 4   ? -7.684  10.221  6.290   1.00 14.57 ? 4   GLY A C   1 
ATOM   32   O O   . GLY A 1 4   ? -6.535  9.795   6.387   1.00 15.01 ? 4   GLY A O   1 
ATOM   33   N N   . ARG A 1 5   ? -8.095  10.908  5.253   1.00 15.02 ? 5   ARG A N   1 
ATOM   34   C CA  . ARG A 1 5   ? -7.237  11.226  4.103   1.00 14.34 ? 5   ARG A CA  1 
ATOM   35   C C   . ARG A 1 5   ? -5.987  11.967  4.528   1.00 14.06 ? 5   ARG A C   1 
ATOM   36   O O   . ARG A 1 5   ? -4.870  11.550  4.258   1.00 14.24 ? 5   ARG A O   1 
ATOM   37   C CB  . ARG A 1 5   ? -8.027  12.008  3.051   1.00 15.29 ? 5   ARG A CB  1 
ATOM   38   C CG  . ARG A 1 5   ? -7.220  12.439  1.857   1.00 16.11 ? 5   ARG A CG  1 
ATOM   39   C CD  . ARG A 1 5   ? -8.035  13.239  0.858   1.00 17.78 ? 5   ARG A CD  1 
ATOM   40   N NE  . ARG A 1 5   ? -8.597  14.449  1.439   1.00 21.30 ? 5   ARG A NE  1 
ATOM   41   C CZ  . ARG A 1 5   ? -8.056  15.662  1.368   1.00 21.85 ? 5   ARG A CZ  1 
ATOM   42   N NH1 . ARG A 1 5   ? -6.916  15.834  0.722   1.00 22.54 ? 5   ARG A NH1 1 
ATOM   43   N NH2 . ARG A 1 5   ? -8.643  16.695  1.969   1.00 27.03 ? 5   ARG A NH2 1 
ATOM   44   N N   . CYS A 1 6   ? -6.154  13.107  5.246   1.00 14.66 ? 6   CYS A N   1 
ATOM   45   C CA  . CYS A 1 6   ? -4.989  13.857  5.670   1.00 14.76 ? 6   CYS A CA  1 
ATOM   46   C C   . CYS A 1 6   ? -4.240  13.210  6.802   1.00 14.60 ? 6   CYS A C   1 
ATOM   47   O O   . CYS A 1 6   ? -2.998  13.337  6.863   1.00 14.99 ? 6   CYS A O   1 
ATOM   48   C CB  . CYS A 1 6   ? -5.382  15.297  6.061   1.00 16.48 ? 6   CYS A CB  1 
ATOM   49   S SG  . CYS A 1 6   ? -5.957  16.310  4.664   1.00 18.92 ? 6   CYS A SG  1 
ATOM   50   N N   . GLU A 1 7   ? -4.906  12.465  7.660   1.00 14.92 ? 7   GLU A N   1 
ATOM   51   C CA  . GLU A 1 7   ? -4.185  11.697  8.714   1.00 15.67 ? 7   GLU A CA  1 
ATOM   52   C C   . GLU A 1 7   ? -3.246  10.697  8.063   1.00 13.79 ? 7   GLU A C   1 
ATOM   53   O O   . GLU A 1 7   ? -2.101  10.515  8.456   1.00 14.40 ? 7   GLU A O   1 
ATOM   54   C CB  . GLU A 1 7   ? -5.254  10.957  9.537   1.00 16.70 ? 7   GLU A CB  1 
ATOM   55   C CG  . GLU A 1 7   ? -4.721  10.179  10.688  1.00 17.73 ? 7   GLU A CG  1 
ATOM   56   C CD  . GLU A 1 7   ? -5.740  9.317   11.393  1.00 20.49 ? 7   GLU A CD  1 
ATOM   57   O OE1 . GLU A 1 7   ? -6.788  8.981   10.781  1.00 21.61 ? 7   GLU A OE1 1 
ATOM   58   O OE2 . GLU A 1 7   ? -5.511  8.980   12.566  1.00 24.74 ? 7   GLU A OE2 1 
ATOM   59   N N   . LEU A 1 8   ? -3.724  9.990   7.028   1.00 12.44 ? 8   LEU A N   1 
ATOM   60   C CA  . LEU A 1 8   ? -2.884  9.037   6.321   1.00 12.77 ? 8   LEU A CA  1 
ATOM   61   C C   . LEU A 1 8   ? -1.738  9.721   5.575   1.00 11.75 ? 8   LEU A C   1 
ATOM   62   O O   . LEU A 1 8   ? -0.576  9.281   5.561   1.00 12.86 ? 8   LEU A O   1 
ATOM   63   C CB  . LEU A 1 8   ? -3.711  8.197   5.350   1.00 12.95 ? 8   LEU A CB  1 
ATOM   64   C CG  . LEU A 1 8   ? -2.908  7.131   4.603   1.00 13.09 ? 8   LEU A CG  1 
ATOM   65   C CD1 . LEU A 1 8   ? -2.336  6.093   5.574   1.00 16.23 ? 8   LEU A CD1 1 
ATOM   66   C CD2 . LEU A 1 8   ? -3.713  6.472   3.512   1.00 17.46 ? 8   LEU A CD2 1 
ATOM   67   N N   . ALA A 1 9   ? -2.055  10.838  4.917   1.00 12.47 ? 9   ALA A N   1 
ATOM   68   C CA  . ALA A 1 9   ? -1.034  11.582  4.197   1.00 12.23 ? 9   ALA A CA  1 
ATOM   69   C C   . ALA A 1 9   ? 0.113   11.969  5.119   1.00 12.49 ? 9   ALA A C   1 
ATOM   70   O O   . ALA A 1 9   ? 1.290   11.825  4.758   1.00 13.13 ? 9   ALA A O   1 
ATOM   71   C CB  . ALA A 1 9   ? -1.673  12.812  3.565   1.00 14.11 ? 9   ALA A CB  1 
ATOM   72   N N   . ALA A 1 10  ? -0.207  12.450  6.318   1.00 12.46 ? 10  ALA A N   1 
ATOM   73   C CA  . ALA A 1 10  ? 0.820   12.842  7.271   1.00 13.36 ? 10  ALA A CA  1 
ATOM   74   C C   . ALA A 1 10  ? 1.641   11.664  7.729   1.00 12.68 ? 10  ALA A C   1 
ATOM   75   O O   . ALA A 1 10  ? 2.881   11.716  7.855   1.00 14.11 ? 10  ALA A O   1 
ATOM   76   C CB  . ALA A 1 10  ? 0.159   13.553  8.470   1.00 16.55 ? 10  ALA A CB  1 
ATOM   77   N N   . ALA A 1 11  ? 0.968   10.528  8.010   1.00 12.68 ? 11  ALA A N   1 
ATOM   78   C CA  . ALA A 1 11  ? 1.685   9.328   8.450   1.00 12.06 ? 11  ALA A CA  1 
ATOM   79   C C   . ALA A 1 11  ? 2.615   8.812   7.361   1.00 11.53 ? 11  ALA A C   1 
ATOM   80   O O   . ALA A 1 11  ? 3.740   8.364   7.650   1.00 14.25 ? 11  ALA A O   1 
ATOM   81   C CB  . ALA A 1 11  ? 0.698   8.263   8.887   1.00 14.35 ? 11  ALA A CB  1 
ATOM   82   N N   . MET A 1 12  ? 2.211   8.859   6.112   1.00 10.84 ? 12  MET A N   1 
ATOM   83   C CA  . MET A 1 12  ? 2.992   8.448   4.992   1.00 11.39 ? 12  MET A CA  1 
ATOM   84   C C   . MET A 1 12  ? 4.198   9.375   4.728   1.00 11.16 ? 12  MET A C   1 
ATOM   85   O O   . MET A 1 12  ? 5.276   8.929   4.432   1.00 12.52 ? 12  MET A O   1 
ATOM   86   C CB  . MET A 1 12  ? 2.176   8.311   3.715   1.00 11.08 ? 12  MET A CB  1 
ATOM   87   C CG  . MET A 1 12  ? 1.256   7.089   3.731   1.00 10.91 ? 12  MET A CG  1 
ATOM   88   S SD  . MET A 1 12  ? 0.298   7.049   2.199   1.00 12.92 ? 12  MET A SD  1 
ATOM   89   C CE  . MET A 1 12  ? -0.060  5.266   2.122   1.00 16.64 ? 12  MET A CE  1 
ATOM   90   N N   . LYS A 1 13  ? 3.958   10.678  4.888   1.00 11.36 ? 13  LYS A N   1 
ATOM   91   C CA  . LYS A 1 13  ? 5.025   11.654  4.755   1.00 12.76 ? 13  LYS A CA  1 
ATOM   92   C C   . LYS A 1 13  ? 6.105   11.377  5.783   1.00 11.99 ? 13  LYS A C   1 
ATOM   93   O O   . LYS A 1 13  ? 7.300   11.435  5.473   1.00 12.58 ? 13  LYS A O   1 
ATOM   94   C CB  . LYS A 1 13  ? 4.506   13.075  4.886   1.00 13.93 ? 13  LYS A CB  1 
ATOM   95   C CG  . LYS A 1 13  ? 5.598   14.116  4.753   1.00 18.87 ? 13  LYS A CG  1 
ATOM   96   C CD  . LYS A 1 13  ? 5.180   15.433  4.319   1.00 29.17 ? 13  LYS A CD  1 
ATOM   97   C CE  . LYS A 1 13  ? 6.356   16.384  4.128   1.00 42.62 ? 13  LYS A CE  1 
ATOM   98   N NZ  . LYS A 1 13  ? 6.661   16.621  2.693   1.00 54.93 ? 13  LYS A NZ  1 
ATOM   99   N N   . ARG A 1 14  ? 5.712   11.110  7.032   1.00 11.40 ? 14  ARG A N   1 
ATOM   100  C CA  . ARG A 1 14  ? 6.703   10.874  8.080   1.00 12.49 ? 14  ARG A CA  1 
ATOM   101  C C   . ARG A 1 14  ? 7.511   9.608   7.881   1.00 12.50 ? 14  ARG A C   1 
ATOM   102  O O   . ARG A 1 14  ? 8.573   9.438   8.497   1.00 14.28 ? 14  ARG A O   1 
ATOM   103  C CB  . ARG A 1 14  ? 6.040   10.862  9.465   1.00 15.50 ? 14  ARG A CB  1 
ATOM   104  C CG  . ARG A 1 14  ? 5.465   12.197  9.874   1.00 27.33 ? 14  ARG A CG  1 
ATOM   105  C CD  . ARG A 1 14  ? 4.564   12.046  11.109  1.00 33.34 ? 14  ARG A CD  1 
ATOM   106  N NE  . ARG A 1 14  ? 3.937   10.733  11.157  1.00 47.17 ? 14  ARG A NE  1 
ATOM   107  C CZ  . ARG A 1 14  ? 2.776   10.391  11.662  1.00 49.81 ? 14  ARG A CZ  1 
ATOM   108  N NH1 . ARG A 1 14  ? 1.761   11.265  11.735  1.00 48.35 ? 14  ARG A NH1 1 
ATOM   109  N NH2 . ARG A 1 14  ? 2.559   9.122   12.028  1.00 43.90 ? 14  ARG A NH2 1 
ATOM   110  N N   . LEU A 1 15  ? 7.066   8.709   7.015   1.00 12.60 ? 15  LEU A N   1 
ATOM   111  C CA  . LEU A 1 15  ? 7.706   7.469   6.707   1.00 12.69 ? 15  LEU A CA  1 
ATOM   112  C C   . LEU A 1 15  ? 8.483   7.474   5.409   1.00 12.94 ? 15  LEU A C   1 
ATOM   113  O O   . LEU A 1 15  ? 8.963   6.450   4.922   1.00 15.29 ? 15  LEU A O   1 
ATOM   114  C CB  . LEU A 1 15  ? 6.728   6.316   6.774   1.00 14.69 ? 15  LEU A CB  1 
ATOM   115  C CG  . LEU A 1 15  ? 6.303   5.886   8.192   1.00 16.52 ? 15  LEU A CG  1 
ATOM   116  C CD1 . LEU A 1 15  ? 5.046   5.047   8.115   1.00 19.80 ? 15  LEU A CD1 1 
ATOM   117  C CD2 . LEU A 1 15  ? 7.448   5.162   8.859   1.00 26.48 ? 15  LEU A CD2 1 
ATOM   118  N N   . GLY A 1 16  ? 8.603   8.649   4.796   1.00 12.67 ? 16  GLY A N   1 
ATOM   119  C CA  . GLY A 1 16  ? 9.487   8.803   3.673   1.00 14.57 ? 16  GLY A CA  1 
ATOM   120  C C   . GLY A 1 16  ? 8.925   8.539   2.310   1.00 13.38 ? 16  GLY A C   1 
ATOM   121  O O   . GLY A 1 16  ? 9.712   8.343   1.389   1.00 16.30 ? 16  GLY A O   1 
ATOM   122  N N   . LEU A 1 17  ? 7.608   8.572   2.125   1.00 12.28 ? 17  LEU A N   1 
ATOM   123  C CA  . LEU A 1 17  ? 7.025   8.253   0.819   1.00 12.58 ? 17  LEU A CA  1 
ATOM   124  C C   . LEU A 1 17  ? 6.990   9.371   -0.180  1.00 15.00 ? 17  LEU A C   1 
ATOM   125  O O   . LEU A 1 17  ? 6.851   9.125   -1.387  1.00 16.68 ? 17  LEU A O   1 
ATOM   126  C CB  . LEU A 1 17  ? 5.655   7.606   0.941   1.00 12.52 ? 17  LEU A CB  1 
ATOM   127  C CG  . LEU A 1 17  ? 5.628   6.160   1.355   1.00 12.42 ? 17  LEU A CG  1 
ATOM   128  C CD1 . LEU A 1 17  ? 4.175   5.687   1.482   1.00 15.07 ? 17  LEU A CD1 1 
ATOM   129  C CD2 . LEU A 1 17  ? 6.360   5.250   0.386   1.00 14.61 ? 17  LEU A CD2 1 
ATOM   130  N N   . ASP A 1 18  ? 7.037   10.629  0.290   1.00 14.61 ? 18  ASP A N   1 
ATOM   131  C CA  . ASP A 1 18  ? 6.936   11.732  -0.698  1.00 16.00 ? 18  ASP A CA  1 
ATOM   132  C C   . ASP A 1 18  ? 8.165   11.713  -1.602  1.00 15.37 ? 18  ASP A C   1 
ATOM   133  O O   . ASP A 1 18  ? 9.296   11.845  -1.148  1.00 19.41 ? 18  ASP A O   1 
ATOM   134  C CB  . ASP A 1 18  ? 6.818   13.053  0.004   1.00 18.58 ? 18  ASP A CB  1 
ATOM   135  C CG  . ASP A 1 18  ? 6.318   14.213  -0.880  1.00 20.09 ? 18  ASP A CG  1 
ATOM   136  O OD1 . ASP A 1 18  ? 5.845   13.938  -2.014  1.00 21.96 ? 18  ASP A OD1 1 
ATOM   137  O OD2 . ASP A 1 18  ? 6.445   15.344  -0.421  1.00 25.36 ? 18  ASP A OD2 1 
ATOM   138  N N   . ASN A 1 19  ? 7.942   11.572  -2.888  1.00 15.33 ? 19  ASN A N   1 
ATOM   139  C CA  . ASN A 1 19  ? 8.951   11.582  -3.895  1.00 16.56 ? 19  ASN A CA  1 
ATOM   140  C C   . ASN A 1 19  ? 9.799   10.342  -3.894  1.00 17.62 ? 19  ASN A C   1 
ATOM   141  O O   . ASN A 1 19  ? 10.843  10.286  -4.528  1.00 25.04 ? 19  ASN A O   1 
ATOM   142  C CB  . ASN A 1 19  ? 9.696   12.852  -4.032  1.00 19.57 ? 19  ASN A CB  1 
ATOM   143  C CG  . ASN A 1 19  ? 8.827   14.076  -4.338  1.00 20.16 ? 19  ASN A CG  1 
ATOM   144  O OD1 . ASN A 1 19  ? 7.938   14.001  -5.178  1.00 26.63 ? 19  ASN A OD1 1 
ATOM   145  N ND2 . ASN A 1 19  ? 9.098   15.168  -3.633  1.00 26.81 ? 19  ASN A ND2 1 
ATOM   146  N N   . TYR A 1 20  ? 9.275   9.240   -3.349  1.00 14.91 ? 20  TYR A N   1 
ATOM   147  C CA  . TYR A 1 20  ? 10.031  8.011   -3.347  1.00 13.88 ? 20  TYR A CA  1 
ATOM   148  C C   . TYR A 1 20  ? 9.996   7.389   -4.768  1.00 14.45 ? 20  TYR A C   1 
ATOM   149  O O   . TYR A 1 20  ? 8.911   7.223   -5.320  1.00 14.29 ? 20  TYR A O   1 
ATOM   150  C CB  . TYR A 1 20  ? 9.417   7.023   -2.332  1.00 14.17 ? 20  TYR A CB  1 
ATOM   151  C CG  . TYR A 1 20  ? 10.200  5.744   -2.278  1.00 14.97 ? 20  TYR A CG  1 
ATOM   152  C CD1 . TYR A 1 20  ? 11.406  5.672   -1.588  1.00 18.54 ? 20  TYR A CD1 1 
ATOM   153  C CD2 . TYR A 1 20  ? 9.758   4.588   -2.946  1.00 15.70 ? 20  TYR A CD2 1 
ATOM   154  C CE1 . TYR A 1 20  ? 12.156  4.532   -1.546  1.00 20.31 ? 20  TYR A CE1 1 
ATOM   155  C CE2 . TYR A 1 20  ? 10.505  3.428   -2.887  1.00 16.93 ? 20  TYR A CE2 1 
ATOM   156  C CZ  . TYR A 1 20  ? 11.702  3.402   -2.195  1.00 18.54 ? 20  TYR A CZ  1 
ATOM   157  O OH  . TYR A 1 20  ? 12.467  2.265   -2.159  1.00 24.32 ? 20  TYR A OH  1 
ATOM   158  N N   . ARG A 1 21  ? 11.156  7.197   -5.364  1.00 15.90 ? 21  ARG A N   1 
ATOM   159  C CA  . ARG A 1 21  ? 11.290  6.696   -6.732  1.00 16.92 ? 21  ARG A CA  1 
ATOM   160  C C   . ARG A 1 21  ? 10.441  7.528   -7.693  1.00 16.33 ? 21  ARG A C   1 
ATOM   161  O O   . ARG A 1 21  ? 9.921   6.999   -8.678  1.00 18.35 ? 21  ARG A O   1 
ATOM   162  C CB  A ARG A 1 21  ? 10.934  5.225   -6.830  0.50 19.61 ? 21  ARG A CB  1 
ATOM   163  C CB  B ARG A 1 21  ? 11.053  5.228   -6.889  0.50 18.50 ? 21  ARG A CB  1 
ATOM   164  C CG  A ARG A 1 21  ? 12.017  4.282   -6.349  0.50 23.53 ? 21  ARG A CG  1 
ATOM   165  C CG  B ARG A 1 21  ? 11.622  4.303   -5.853  0.50 22.11 ? 21  ARG A CG  1 
ATOM   166  C CD  A ARG A 1 21  ? 11.770  2.861   -6.854  0.50 26.66 ? 21  ARG A CD  1 
ATOM   167  C CD  B ARG A 1 21  ? 12.106  2.984   -6.402  0.50 24.64 ? 21  ARG A CD  1 
ATOM   168  N NE  A ARG A 1 21  ? 12.605  2.523   -7.985  0.50 28.44 ? 21  ARG A NE  1 
ATOM   169  N NE  B ARG A 1 21  ? 13.458  2.641   -5.994  0.50 27.46 ? 21  ARG A NE  1 
ATOM   170  C CZ  A ARG A 1 21  ? 12.218  1.925   -9.099  0.50 29.09 ? 21  ARG A CZ  1 
ATOM   171  C CZ  B ARG A 1 21  ? 14.427  2.339   -6.869  0.50 27.02 ? 21  ARG A CZ  1 
ATOM   172  N NH1 A ARG A 1 21  ? 10.924  1.781   -9.387  0.50 30.37 ? 21  ARG A NH1 1 
ATOM   173  N NH1 B ARG A 1 21  ? 15.320  3.261   -7.177  0.50 31.67 ? 21  ARG A NH1 1 
ATOM   174  N NH2 A ARG A 1 21  ? 13.127  1.434   -9.926  0.50 25.48 ? 21  ARG A NH2 1 
ATOM   175  N NH2 B ARG A 1 21  ? 14.442  1.162   -7.456  0.50 32.34 ? 21  ARG A NH2 1 
ATOM   176  N N   . GLY A 1 22  ? 10.413  8.831   -7.472  1.00 16.43 ? 22  GLY A N   1 
ATOM   177  C CA  . GLY A 1 22  ? 9.762   9.781   -8.325  1.00 19.71 ? 22  GLY A CA  1 
ATOM   178  C C   . GLY A 1 22  ? 8.290   9.903   -8.165  1.00 18.61 ? 22  GLY A C   1 
ATOM   179  O O   . GLY A 1 22  ? 7.628   10.586  -8.934  1.00 26.27 ? 22  GLY A O   1 
ATOM   180  N N   . TYR A 1 23  ? 7.706   9.198   -7.190  1.00 14.05 ? 23  TYR A N   1 
ATOM   181  C CA  . TYR A 1 23  ? 6.252   9.274   -6.988  1.00 12.92 ? 23  TYR A CA  1 
ATOM   182  C C   . TYR A 1 23  ? 5.917   10.238  -5.839  1.00 12.70 ? 23  TYR A C   1 
ATOM   183  O O   . TYR A 1 23  ? 6.206   9.958   -4.674  1.00 14.18 ? 23  TYR A O   1 
ATOM   184  C CB  . TYR A 1 23  ? 5.739   7.879   -6.637  1.00 13.22 ? 23  TYR A CB  1 
ATOM   185  C CG  . TYR A 1 23  ? 5.823   6.889   -7.766  1.00 13.30 ? 23  TYR A CG  1 
ATOM   186  C CD1 . TYR A 1 23  ? 4.914   6.892   -8.819  1.00 13.80 ? 23  TYR A CD1 1 
ATOM   187  C CD2 . TYR A 1 23  ? 6.819   5.923   -7.810  1.00 13.31 ? 23  TYR A CD2 1 
ATOM   188  C CE1 . TYR A 1 23  ? 4.973   5.985   -9.858  1.00 15.18 ? 23  TYR A CE1 1 
ATOM   189  C CE2 . TYR A 1 23  ? 6.892   4.994   -8.824  1.00 14.82 ? 23  TYR A CE2 1 
ATOM   190  C CZ  . TYR A 1 23  ? 5.979   5.038   -9.845  1.00 14.26 ? 23  TYR A CZ  1 
ATOM   191  O OH  . TYR A 1 23  ? 6.030   4.096   -10.856 1.00 15.71 ? 23  TYR A OH  1 
ATOM   192  N N   . SER A 1 24  ? 5.199   11.318  -6.181  1.00 11.80 ? 24  SER A N   1 
ATOM   193  C CA  . SER A 1 24  ? 4.781   12.278  -5.169  1.00 12.41 ? 24  SER A CA  1 
ATOM   194  C C   . SER A 1 24  ? 3.778   11.635  -4.205  1.00 10.21 ? 24  SER A C   1 
ATOM   195  O O   . SER A 1 24  ? 3.125   10.669  -4.520  1.00 11.18 ? 24  SER A O   1 
ATOM   196  C CB  . SER A 1 24  ? 4.179   13.527  -5.790  1.00 13.71 ? 24  SER A CB  1 
ATOM   197  O OG  . SER A 1 24  ? 2.926   13.260  -6.358  1.00 15.86 ? 24  SER A OG  1 
ATOM   198  N N   . LEU A 1 25  ? 3.701   12.249  -3.019  1.00 11.21 ? 25  LEU A N   1 
ATOM   199  C CA  . LEU A 1 25  ? 2.893   11.697  -1.930  1.00 10.77 ? 25  LEU A CA  1 
ATOM   200  C C   . LEU A 1 25  ? 1.477   11.372  -2.334  1.00 9.85  ? 25  LEU A C   1 
ATOM   201  O O   . LEU A 1 25  ? 0.904   10.367  -1.874  1.00 11.22 ? 25  LEU A O   1 
ATOM   202  C CB  . LEU A 1 25  ? 2.895   12.704  -0.751  1.00 11.88 ? 25  LEU A CB  1 
ATOM   203  C CG  . LEU A 1 25  ? 2.234   12.241  0.525   1.00 13.30 ? 25  LEU A CG  1 
ATOM   204  C CD1 . LEU A 1 25  ? 2.964   11.019  1.114   1.00 18.06 ? 25  LEU A CD1 1 
ATOM   205  C CD2 . LEU A 1 25  ? 2.317   13.370  1.581   1.00 16.62 ? 25  LEU A CD2 1 
ATOM   206  N N   . GLY A 1 26  ? 0.814   12.214  -3.104  1.00 10.71 ? 26  GLY A N   1 
ATOM   207  C CA  . GLY A 1 26  ? -0.566  11.949  -3.473  1.00 10.95 ? 26  GLY A CA  1 
ATOM   208  C C   . GLY A 1 26  ? -0.806  10.657  -4.195  1.00 10.21 ? 26  GLY A C   1 
ATOM   209  O O   . GLY A 1 26  ? -1.891  10.072  -4.099  1.00 11.25 ? 26  GLY A O   1 
ATOM   210  N N   . ASN A 1 27  ? 0.205   10.142  -4.904  1.00 9.79  ? 27  ASN A N   1 
ATOM   211  C CA  . ASN A 1 27  ? 0.075   8.807   -5.511  1.00 9.60  ? 27  ASN A CA  1 
ATOM   212  C C   . ASN A 1 27  ? -0.227  7.735   -4.480  1.00 9.96  ? 27  ASN A C   1 
ATOM   213  O O   . ASN A 1 27  ? -1.044  6.845   -4.742  1.00 10.12 ? 27  ASN A O   1 
ATOM   214  C CB  . ASN A 1 27  ? 1.376   8.432   -6.239  1.00 10.10 ? 27  ASN A CB  1 
ATOM   215  C CG  . ASN A 1 27  ? 1.501   9.148   -7.551  1.00 10.88 ? 27  ASN A CG  1 
ATOM   216  O OD1 . ASN A 1 27  ? 0.789   8.841   -8.494  1.00 11.98 ? 27  ASN A OD1 1 
ATOM   217  N ND2 . ASN A 1 27  ? 2.400   10.105  -7.631  1.00 13.92 ? 27  ASN A ND2 1 
ATOM   218  N N   . TRP A 1 28  ? 0.488   7.773   -3.365  1.00 8.98  ? 28  TRP A N   1 
ATOM   219  C CA  . TRP A 1 28  ? 0.372   6.753   -2.327  1.00 10.07 ? 28  TRP A CA  1 
ATOM   220  C C   . TRP A 1 28  ? -0.955  6.844   -1.621  1.00 9.71  ? 28  TRP A C   1 
ATOM   221  O O   . TRP A 1 28  ? -1.558  5.837   -1.246  1.00 10.28 ? 28  TRP A O   1 
ATOM   222  C CB  . TRP A 1 28  ? 1.545   6.860   -1.359  1.00 10.57 ? 28  TRP A CB  1 
ATOM   223  C CG  . TRP A 1 28  ? 2.885   6.818   -2.046  1.00 10.68 ? 28  TRP A CG  1 
ATOM   224  C CD1 . TRP A 1 28  ? 3.621   7.884   -2.468  1.00 12.60 ? 28  TRP A CD1 1 
ATOM   225  C CD2 . TRP A 1 28  ? 3.641   5.652   -2.445  1.00 12.86 ? 28  TRP A CD2 1 
ATOM   226  N NE1 . TRP A 1 28  ? 4.757   7.493   -3.049  1.00 14.11 ? 28  TRP A NE1 1 
ATOM   227  C CE2 . TRP A 1 28  ? 4.831   6.150   -3.056  1.00 13.22 ? 28  TRP A CE2 1 
ATOM   228  C CE3 . TRP A 1 28  ? 3.437   4.304   -2.317  1.00 15.32 ? 28  TRP A CE3 1 
ATOM   229  C CZ2 . TRP A 1 28  ? 5.816   5.299   -3.556  1.00 16.85 ? 28  TRP A CZ2 1 
ATOM   230  C CZ3 . TRP A 1 28  ? 4.464   3.432   -2.809  1.00 17.27 ? 28  TRP A CZ3 1 
ATOM   231  C CH2 . TRP A 1 28  ? 5.579   3.973   -3.389  1.00 18.19 ? 28  TRP A CH2 1 
ATOM   232  N N   . VAL A 1 29  ? -1.431  8.077   -1.384  1.00 10.16 ? 29  VAL A N   1 
ATOM   233  C CA  . VAL A 1 29  ? -2.726  8.311   -0.765  1.00 10.03 ? 29  VAL A CA  1 
ATOM   234  C C   . VAL A 1 29  ? -3.846  7.817   -1.661  1.00 10.46 ? 29  VAL A C   1 
ATOM   235  O O   . VAL A 1 29  ? -4.762  7.108   -1.243  1.00 10.44 ? 29  VAL A O   1 
ATOM   236  C CB  . VAL A 1 29  ? -2.890  9.799   -0.385  1.00 10.80 ? 29  VAL A CB  1 
ATOM   237  C CG1 . VAL A 1 29  ? -4.266  10.045  0.235   1.00 12.98 ? 29  VAL A CG1 1 
ATOM   238  C CG2 . VAL A 1 29  ? -1.787  10.206  0.593   1.00 12.75 ? 29  VAL A CG2 1 
ATOM   239  N N   . CYS A 1 30  ? -3.751  8.145   -2.952  1.00 10.03 ? 30  CYS A N   1 
ATOM   240  C CA  . CYS A 1 30  ? -4.726  7.710   -3.926  1.00 9.19  ? 30  CYS A CA  1 
ATOM   241  C C   . CYS A 1 30  ? -4.737  6.186   -4.039  1.00 9.62  ? 30  CYS A C   1 
ATOM   242  O O   . CYS A 1 30  ? -5.808  5.561   -4.052  1.00 10.24 ? 30  CYS A O   1 
ATOM   243  C CB  . CYS A 1 30  ? -4.481  8.361   -5.267  1.00 10.99 ? 30  CYS A CB  1 
ATOM   244  S SG  . CYS A 1 30  ? -5.713  8.057   -6.550  1.00 10.96 ? 30  CYS A SG  1 
ATOM   245  N N   . ALA A 1 31  ? -3.559  5.564   -4.058  1.00 9.41  ? 31  ALA A N   1 
ATOM   246  C CA  . ALA A 1 31  ? -3.495  4.111   -4.098  1.00 9.90  ? 31  ALA A CA  1 
ATOM   247  C C   . ALA A 1 31  ? -4.209  3.467   -2.922  1.00 9.76  ? 31  ALA A C   1 
ATOM   248  O O   . ALA A 1 31  ? -4.967  2.518   -3.049  1.00 10.44 ? 31  ALA A O   1 
ATOM   249  C CB  . ALA A 1 31  ? -2.048  3.627   -4.138  1.00 10.84 ? 31  ALA A CB  1 
ATOM   250  N N   . ALA A 1 32  ? -3.919  3.987   -1.729  1.00 9.67  ? 32  ALA A N   1 
ATOM   251  C CA  . ALA A 1 32  ? -4.565  3.458   -0.513  1.00 9.61  ? 32  ALA A CA  1 
ATOM   252  C C   . ALA A 1 32  ? -6.067  3.590   -0.564  1.00 10.22 ? 32  ALA A C   1 
ATOM   253  O O   . ALA A 1 32  ? -6.820  2.699   -0.114  1.00 11.40 ? 32  ALA A O   1 
ATOM   254  C CB  . ALA A 1 32  ? -3.984  4.101   0.703   1.00 12.47 ? 32  ALA A CB  1 
ATOM   255  N N   . LYS A 1 33  ? -6.541  4.738   -1.063  1.00 10.06 ? 33  LYS A N   1 
ATOM   256  C CA  . LYS A 1 33  ? -7.980  4.959   -1.150  1.00 10.80 ? 33  LYS A CA  1 
ATOM   257  C C   . LYS A 1 33  ? -8.652  3.902   -1.984  1.00 10.53 ? 33  LYS A C   1 
ATOM   258  O O   . LYS A 1 33  ? -9.629  3.256   -1.605  1.00 11.75 ? 33  LYS A O   1 
ATOM   259  C CB  . LYS A 1 33  ? -8.252  6.371   -1.731  1.00 13.26 ? 33  LYS A CB  1 
ATOM   260  C CG  . LYS A 1 33  ? -9.755  6.733   -1.526  1.00 23.96 ? 33  LYS A CG  1 
ATOM   261  C CD  . LYS A 1 33  ? -10.509 6.642   -2.802  1.00 24.61 ? 33  LYS A CD  1 
ATOM   262  C CE  . LYS A 1 33  ? -11.988 6.950   -2.551  1.00 30.83 ? 33  LYS A CE  1 
ATOM   263  N NZ  . LYS A 1 33  ? -12.812 6.613   -3.770  1.00 26.30 ? 33  LYS A NZ  1 
ATOM   264  N N   . PHE A 1 34  ? -8.135  3.679   -3.220  1.00 10.06 ? 34  PHE A N   1 
ATOM   265  C CA  . PHE A 1 34  ? -8.800  2.736   -4.128  1.00 10.33 ? 34  PHE A CA  1 
ATOM   266  C C   . PHE A 1 34  ? -8.521  1.295   -3.831  1.00 10.24 ? 34  PHE A C   1 
ATOM   267  O O   . PHE A 1 34  ? -9.267  0.397   -4.236  1.00 12.57 ? 34  PHE A O   1 
ATOM   268  C CB  . PHE A 1 34  ? -8.499  3.120   -5.599  1.00 11.23 ? 34  PHE A CB  1 
ATOM   269  C CG  . PHE A 1 34  ? -9.304  4.337   -6.009  1.00 11.16 ? 34  PHE A CG  1 
ATOM   270  C CD1 . PHE A 1 34  ? -10.641 4.230   -6.302  1.00 13.94 ? 34  PHE A CD1 1 
ATOM   271  C CD2 . PHE A 1 34  ? -8.697  5.588   -6.133  1.00 12.64 ? 34  PHE A CD2 1 
ATOM   272  C CE1 . PHE A 1 34  ? -11.397 5.307   -6.713  1.00 16.41 ? 34  PHE A CE1 1 
ATOM   273  C CE2 . PHE A 1 34  ? -9.441  6.657   -6.547  1.00 15.22 ? 34  PHE A CE2 1 
ATOM   274  C CZ  . PHE A 1 34  ? -10.789 6.526   -6.906  1.00 16.95 ? 34  PHE A CZ  1 
ATOM   275  N N   . GLU A 1 35  ? -7.423  1.006   -3.125  1.00 9.83  ? 35  GLU A N   1 
ATOM   276  C CA  . GLU A 1 35  ? -7.129  -0.342  -2.660  1.00 9.86  ? 35  GLU A CA  1 
ATOM   277  C C   . GLU A 1 35  ? -8.006  -0.748  -1.507  1.00 10.00 ? 35  GLU A C   1 
ATOM   278  O O   . GLU A 1 35  ? -8.447  -1.906  -1.456  1.00 12.64 ? 35  GLU A O   1 
ATOM   279  C CB  . GLU A 1 35  ? -5.659  -0.544  -2.326  1.00 9.82  ? 35  GLU A CB  1 
ATOM   280  C CG  . GLU A 1 35  ? -4.765  -0.539  -3.553  1.00 11.24 ? 35  GLU A CG  1 
ATOM   281  C CD  . GLU A 1 35  ? -4.905  -1.710  -4.453  1.00 12.36 ? 35  GLU A CD  1 
ATOM   282  O OE1 . GLU A 1 35  ? -5.629  -2.682  -4.123  1.00 13.93 ? 35  GLU A OE1 1 
ATOM   283  O OE2 . GLU A 1 35  ? -4.323  -1.666  -5.580  1.00 15.17 ? 35  GLU A OE2 1 
ATOM   284  N N   . SER A 1 36  ? -8.201  0.114   -0.497  1.00 10.94 ? 36  SER A N   1 
ATOM   285  C CA  . SER A 1 36  ? -8.774  -0.303  0.746   1.00 11.15 ? 36  SER A CA  1 
ATOM   286  C C   . SER A 1 36  ? -9.744  0.676   1.354   1.00 11.21 ? 36  SER A C   1 
ATOM   287  O O   . SER A 1 36  ? -10.246 0.396   2.461   1.00 11.93 ? 36  SER A O   1 
ATOM   288  C CB  . SER A 1 36  ? -7.637  -0.520  1.789   1.00 12.43 ? 36  SER A CB  1 
ATOM   289  O OG  . SER A 1 36  ? -7.036  0.732   2.089   1.00 11.21 ? 36  SER A OG  1 
ATOM   290  N N   . ASN A 1 37  ? -9.984  1.826   0.744   1.00 10.82 ? 37  ASN A N   1 
ATOM   291  C CA  . ASN A 1 37  ? -10.746 2.892   1.366   1.00 11.66 ? 37  ASN A CA  1 
ATOM   292  C C   . ASN A 1 37  ? -10.170 3.290   2.707   1.00 11.60 ? 37  ASN A C   1 
ATOM   293  O O   . ASN A 1 37  ? -10.874 3.650   3.622   1.00 12.94 ? 37  ASN A O   1 
ATOM   294  C CB  . ASN A 1 37  ? -12.239 2.572   1.490   1.00 13.89 ? 37  ASN A CB  1 
ATOM   295  C CG  . ASN A 1 37  ? -13.117 3.788   1.679   1.00 16.82 ? 37  ASN A CG  1 
ATOM   296  O OD1 . ASN A 1 37  ? -14.211 3.693   2.340   1.00 22.46 ? 37  ASN A OD1 1 
ATOM   297  N ND2 . ASN A 1 37  ? -12.743 4.862   1.105   1.00 19.23 ? 37  ASN A ND2 1 
ATOM   298  N N   . PHE A 1 38  ? -8.851  3.229   2.828   1.00 10.55 ? 38  PHE A N   1 
ATOM   299  C CA  . PHE A 1 38  ? -8.119  3.643   4.002   1.00 11.80 ? 38  PHE A CA  1 
ATOM   300  C C   . PHE A 1 38  ? -8.279  2.734   5.222   1.00 11.82 ? 38  PHE A C   1 
ATOM   301  O O   . PHE A 1 38  ? -7.991  3.143   6.348   1.00 13.31 ? 38  PHE A O   1 
ATOM   302  C CB  . PHE A 1 38  ? -8.345  5.086   4.384   1.00 12.35 ? 38  PHE A CB  1 
ATOM   303  C CG  . PHE A 1 38  ? -8.159  6.139   3.325   1.00 11.93 ? 38  PHE A CG  1 
ATOM   304  C CD1 . PHE A 1 38  ? -7.069  6.121   2.450   1.00 13.81 ? 38  PHE A CD1 1 
ATOM   305  C CD2 . PHE A 1 38  ? -9.024  7.192   3.245   1.00 16.15 ? 38  PHE A CD2 1 
ATOM   306  C CE1 . PHE A 1 38  ? -6.878  7.123   1.539   1.00 15.46 ? 38  PHE A CE1 1 
ATOM   307  C CE2 . PHE A 1 38  ? -8.838  8.215   2.329   1.00 16.71 ? 38  PHE A CE2 1 
ATOM   308  C CZ  . PHE A 1 38  ? -7.747  8.206   1.506   1.00 14.72 ? 38  PHE A CZ  1 
ATOM   309  N N   . ASN A 1 39  ? -8.711  1.506   4.997   1.00 13.17 ? 39  ASN A N   1 
ATOM   310  C CA  . ASN A 1 39  ? -8.998  0.556   6.055   1.00 12.91 ? 39  ASN A CA  1 
ATOM   311  C C   . ASN A 1 39  ? -7.853  -0.424  6.226   1.00 11.96 ? 39  ASN A C   1 
ATOM   312  O O   . ASN A 1 39  ? -7.592  -1.244  5.330   1.00 12.53 ? 39  ASN A O   1 
ATOM   313  C CB  . ASN A 1 39  ? -10.270 -0.219  5.702   1.00 15.22 ? 39  ASN A CB  1 
ATOM   314  C CG  . ASN A 1 39  ? -10.773 -1.068  6.824   1.00 22.27 ? 39  ASN A CG  1 
ATOM   315  O OD1 . ASN A 1 39  ? -10.115 -1.372  7.801   1.00 19.57 ? 39  ASN A OD1 1 
ATOM   316  N ND2 . ASN A 1 39  ? -12.059 -1.408  6.720   1.00 43.52 ? 39  ASN A ND2 1 
ATOM   317  N N   . THR A 1 40  ? -7.165  -0.354  7.383   1.00 12.15 ? 40  THR A N   1 
ATOM   318  C CA  . THR A 1 40  ? -6.056  -1.260  7.609   1.00 12.48 ? 40  THR A CA  1 
ATOM   319  C C   . THR A 1 40  ? -6.496  -2.725  7.741   1.00 12.20 ? 40  THR A C   1 
ATOM   320  O O   . THR A 1 40  ? -5.602  -3.575  7.628   1.00 14.42 ? 40  THR A O   1 
ATOM   321  C CB  . THR A 1 40  ? -5.179  -0.878  8.806   1.00 15.81 ? 40  THR A CB  1 
ATOM   322  O OG1 . THR A 1 40  ? -5.891  -1.087  10.020  1.00 19.05 ? 40  THR A OG1 1 
ATOM   323  C CG2 . THR A 1 40  ? -4.718  0.554   8.711   1.00 16.92 ? 40  THR A CG2 1 
ATOM   324  N N   . HIS A 1 41  ? -7.746  -3.032  7.972   1.00 12.67 ? 41  HIS A N   1 
ATOM   325  C CA  . HIS A 1 41  ? -8.221  -4.395  8.076   1.00 13.13 ? 41  HIS A CA  1 
ATOM   326  C C   . HIS A 1 41  ? -8.693  -4.983  6.759   1.00 14.67 ? 41  HIS A C   1 
ATOM   327  O O   . HIS A 1 41  ? -9.124  -6.157  6.732   1.00 16.88 ? 41  HIS A O   1 
ATOM   328  C CB  . HIS A 1 41  ? -9.324  -4.501  9.119   1.00 16.15 ? 41  HIS A CB  1 
ATOM   329  C CG  . HIS A 1 41  ? -8.840  -4.312  10.513  1.00 20.87 ? 41  HIS A CG  1 
ATOM   330  N ND1 . HIS A 1 41  ? -9.688  -4.205  11.587  1.00 26.08 ? 41  HIS A ND1 1 
ATOM   331  C CD2 . HIS A 1 41  ? -7.575  -4.178  10.992  1.00 24.96 ? 41  HIS A CD2 1 
ATOM   332  C CE1 . HIS A 1 41  ? -8.970  -4.041  12.675  1.00 27.97 ? 41  HIS A CE1 1 
ATOM   333  N NE2 . HIS A 1 41  ? -7.690  -4.035  12.372  1.00 29.14 ? 41  HIS A NE2 1 
ATOM   334  N N   . ALA A 1 42  ? -8.605  -4.274  5.661   1.00 13.03 ? 42  ALA A N   1 
ATOM   335  C CA  . ALA A 1 42  ? -9.038  -4.770  4.373   1.00 13.06 ? 42  ALA A CA  1 
ATOM   336  C C   . ALA A 1 42  ? -8.270  -6.046  4.003   1.00 12.31 ? 42  ALA A C   1 
ATOM   337  O O   . ALA A 1 42  ? -7.047  -6.091  4.083   1.00 12.70 ? 42  ALA A O   1 
ATOM   338  C CB  . ALA A 1 42  ? -8.887  -3.728  3.295   1.00 14.17 ? 42  ALA A CB  1 
ATOM   339  N N   . THR A 1 43  ? -8.995  -7.045  3.514   1.00 12.63 ? 43  THR A N   1 
ATOM   340  C CA  . THR A 1 43  ? -8.421  -8.249  2.959   1.00 12.85 ? 43  THR A CA  1 
ATOM   341  C C   . THR A 1 43  ? -9.264  -8.661  1.734   1.00 13.21 ? 43  THR A C   1 
ATOM   342  O O   . THR A 1 43  ? -10.490 -8.485  1.747   1.00 17.17 ? 43  THR A O   1 
ATOM   343  C CB  . THR A 1 43  ? -8.362  -9.415  3.962   1.00 16.02 ? 43  THR A CB  1 
ATOM   344  O OG1 . THR A 1 43  ? -9.646  -9.839  4.296   1.00 23.35 ? 43  THR A OG1 1 
ATOM   345  C CG2 . THR A 1 43  ? -7.598  -9.017  5.215   1.00 19.34 ? 43  THR A CG2 1 
ATOM   346  N N   . ASN A 1 44  ? -8.626  -9.264  0.748   1.00 14.33 ? 44  ASN A N   1 
ATOM   347  C CA  . ASN A 1 44  ? -9.318  -9.813  -0.412  1.00 15.96 ? 44  ASN A CA  1 
ATOM   348  C C   . ASN A 1 44  ? -8.586  -11.068 -0.864  1.00 16.62 ? 44  ASN A C   1 
ATOM   349  O O   . ASN A 1 44  ? -7.359  -11.061 -0.949  1.00 16.55 ? 44  ASN A O   1 
ATOM   350  C CB  . ASN A 1 44  ? -9.464  -8.828  -1.552  1.00 18.06 ? 44  ASN A CB  1 
ATOM   351  C CG  . ASN A 1 44  ? -10.495 -7.743  -1.298  1.00 20.14 ? 44  ASN A CG  1 
ATOM   352  O OD1 . ASN A 1 44  ? -11.710 -7.959  -1.304  1.00 24.09 ? 44  ASN A OD1 1 
ATOM   353  N ND2 . ASN A 1 44  ? -10.000 -6.539  -1.027  1.00 22.15 ? 44  ASN A ND2 1 
ATOM   354  N N   . ARG A 1 45  ? -9.330  -12.129 -1.162  1.00 21.06 ? 45  ARG A N   1 
ATOM   355  C CA  . ARG A 1 45  ? -8.700  -13.342 -1.681  1.00 23.23 ? 45  ARG A CA  1 
ATOM   356  C C   . ARG A 1 45  ? -8.364  -13.143 -3.160  1.00 24.32 ? 45  ARG A C   1 
ATOM   357  O O   . ARG A 1 45  ? -9.104  -12.412 -3.831  1.00 32.27 ? 45  ARG A O   1 
ATOM   358  C CB  . ARG A 1 45  ? -9.684  -14.512 -1.552  1.00 31.03 ? 45  ARG A CB  1 
ATOM   359  C CG  . ARG A 1 45  ? -9.678  -15.090 -0.130  1.00 38.76 ? 45  ARG A CG  1 
ATOM   360  C CD  . ARG A 1 45  ? -8.308  -15.638 0.214   1.00 47.78 ? 45  ARG A CD  1 
ATOM   361  N NE  . ARG A 1 45  ? -7.929  -16.748 -0.676  1.00 56.49 ? 45  ARG A NE  1 
ATOM   362  C CZ  . ARG A 1 45  ? -6.785  -17.415 -0.559  1.00 61.89 ? 45  ARG A CZ  1 
ATOM   363  N NH1 . ARG A 1 45  ? -6.516  -18.077 0.568   1.00 70.09 ? 45  ARG A NH1 1 
ATOM   364  N NH2 . ARG A 1 45  ? -5.890  -17.390 -1.536  1.00 67.44 ? 45  ARG A NH2 1 
ATOM   365  N N   . ASN A 1 46  ? -7.291  -13.777 -3.575  1.00 29.16 ? 46  ASN A N   1 
ATOM   366  C CA  . ASN A 1 46  ? -6.897  -14.022 -4.939  1.00 31.26 ? 46  ASN A CA  1 
ATOM   367  C C   . ASN A 1 46  ? -7.202  -15.462 -5.371  1.00 33.91 ? 46  ASN A C   1 
ATOM   368  O O   . ASN A 1 46  ? -7.204  -16.395 -4.563  1.00 45.34 ? 46  ASN A O   1 
ATOM   369  C CB  . ASN A 1 46  ? -5.411  -13.710 -5.151  1.00 33.11 ? 46  ASN A CB  1 
ATOM   370  C CG  . ASN A 1 46  ? -5.063  -12.312 -4.634  1.00 31.59 ? 46  ASN A CG  1 
ATOM   371  O OD1 . ASN A 1 46  ? -4.038  -12.129 -3.997  1.00 35.15 ? 46  ASN A OD1 1 
ATOM   372  N ND2 . ASN A 1 46  ? -5.951  -11.366 -4.856  1.00 34.79 ? 46  ASN A ND2 1 
ATOM   373  N N   . THR A 1 47  ? -7.548  -15.635 -6.644  1.00 45.85 ? 47  THR A N   1 
ATOM   374  C CA  . THR A 1 47  ? -7.999  -16.897 -7.187  1.00 48.46 ? 47  THR A CA  1 
ATOM   375  C C   . THR A 1 47  ? -6.902  -17.953 -7.241  1.00 48.85 ? 47  THR A C   1 
ATOM   376  O O   . THR A 1 47  ? -7.106  -19.033 -7.799  1.00 43.68 ? 47  THR A O   1 
ATOM   377  C CB  . THR A 1 47  ? -8.538  -16.702 -8.635  1.00 48.14 ? 47  THR A CB  1 
ATOM   378  O OG1 . THR A 1 47  ? -7.431  -16.888 -9.540  1.00 49.72 ? 47  THR A OG1 1 
ATOM   379  C CG2 . THR A 1 47  ? -8.992  -15.250 -8.810  1.00 61.40 ? 47  THR A CG2 1 
ATOM   380  N N   . ASP A 1 48  ? -5.751  -17.621 -6.662  1.00 46.16 ? 48  ASP A N   1 
ATOM   381  C CA  . ASP A 1 48  ? -4.595  -18.478 -6.661  1.00 37.06 ? 48  ASP A CA  1 
ATOM   382  C C   . ASP A 1 48  ? -4.180  -18.951 -5.294  1.00 39.12 ? 48  ASP A C   1 
ATOM   383  O O   . ASP A 1 48  ? -3.083  -19.511 -5.105  1.00 46.13 ? 48  ASP A O   1 
ATOM   384  C CB  . ASP A 1 48  ? -3.438  -17.818 -7.409  1.00 38.58 ? 48  ASP A CB  1 
ATOM   385  C CG  . ASP A 1 48  ? -3.019  -16.516 -6.732  1.00 40.24 ? 48  ASP A CG  1 
ATOM   386  O OD1 . ASP A 1 48  ? -3.425  -16.350 -5.572  1.00 37.12 ? 48  ASP A OD1 1 
ATOM   387  O OD2 . ASP A 1 48  ? -2.306  -15.710 -7.366  1.00 59.45 ? 48  ASP A OD2 1 
ATOM   388  N N   . GLY A 1 49  ? -5.039  -18.767 -4.295  1.00 36.66 ? 49  GLY A N   1 
ATOM   389  C CA  . GLY A 1 49  ? -4.702  -19.191 -2.936  1.00 35.63 ? 49  GLY A CA  1 
ATOM   390  C C   . GLY A 1 49  ? -4.024  -18.135 -2.112  1.00 26.35 ? 49  GLY A C   1 
ATOM   391  O O   . GLY A 1 49  ? -3.855  -18.255 -0.895  1.00 30.00 ? 49  GLY A O   1 
ATOM   392  N N   . SER A 1 50  ? -3.558  -17.041 -2.746  1.00 20.63 ? 50  SER A N   1 
ATOM   393  C CA  . SER A 1 50  ? -2.990  -15.945 -2.035  1.00 17.40 ? 50  SER A CA  1 
ATOM   394  C C   . SER A 1 50  ? -4.088  -14.943 -1.618  1.00 15.71 ? 50  SER A C   1 
ATOM   395  O O   . SER A 1 50  ? -5.207  -14.946 -2.139  1.00 19.23 ? 50  SER A O   1 
ATOM   396  C CB  . SER A 1 50  ? -1.916  -15.239 -2.842  1.00 17.84 ? 50  SER A CB  1 
ATOM   397  O OG  . SER A 1 50  ? -2.444  -14.499 -3.927  1.00 19.41 ? 50  SER A OG  1 
ATOM   398  N N   . THR A 1 51  ? -3.682  -14.047 -0.732  1.00 12.94 ? 51  THR A N   1 
ATOM   399  C CA  . THR A 1 51  ? -4.584  -13.035 -0.162  1.00 12.84 ? 51  THR A CA  1 
ATOM   400  C C   . THR A 1 51  ? -3.856  -11.680 -0.162  1.00 10.38 ? 51  THR A C   1 
ATOM   401  O O   . THR A 1 51  ? -2.641  -11.638 0.018   1.00 11.63 ? 51  THR A O   1 
ATOM   402  C CB  . THR A 1 51  ? -4.978  -13.422 1.263   1.00 13.03 ? 51  THR A CB  1 
ATOM   403  O OG1 . THR A 1 51  ? -5.692  -14.680 1.233   1.00 16.56 ? 51  THR A OG1 1 
ATOM   404  C CG2 . THR A 1 51  ? -5.905  -12.420 1.908   1.00 14.73 ? 51  THR A CG2 1 
ATOM   405  N N   . ASP A 1 52  ? -4.602  -10.616 -0.376  1.00 11.06 ? 52  ASP A N   1 
ATOM   406  C CA  . ASP A 1 52  ? -4.121  -9.255  -0.298  1.00 10.24 ? 52  ASP A CA  1 
ATOM   407  C C   . ASP A 1 52  ? -4.485  -8.656  1.068   1.00 10.56 ? 52  ASP A C   1 
ATOM   408  O O   . ASP A 1 52  ? -5.648  -8.743  1.482   1.00 12.54 ? 52  ASP A O   1 
ATOM   409  C CB  . ASP A 1 52  ? -4.767  -8.382  -1.382  1.00 11.74 ? 52  ASP A CB  1 
ATOM   410  C CG  . ASP A 1 52  ? -4.402  -8.729  -2.781  1.00 15.41 ? 52  ASP A CG  1 
ATOM   411  O OD1 . ASP A 1 52  ? -3.397  -9.421  -3.005  1.00 16.33 ? 52  ASP A OD1 1 
ATOM   412  O OD2 . ASP A 1 52  ? -5.092  -8.258  -3.707  1.00 26.52 ? 52  ASP A OD2 1 
ATOM   413  N N   . TYR A 1 53  ? -3.522  -8.031  1.729   1.00 10.14 ? 53  TYR A N   1 
ATOM   414  C CA  . TYR A 1 53  ? -3.678  -7.575  3.107   1.00 10.84 ? 53  TYR A CA  1 
ATOM   415  C C   . TYR A 1 53  ? -3.455  -6.095  3.270   1.00 10.12 ? 53  TYR A C   1 
ATOM   416  O O   . TYR A 1 53  ? -2.405  -5.570  2.841   1.00 10.93 ? 53  TYR A O   1 
ATOM   417  C CB  . TYR A 1 53  ? -2.706  -8.327  4.025   1.00 11.49 ? 53  TYR A CB  1 
ATOM   418  C CG  . TYR A 1 53  ? -2.987  -9.789  4.187   1.00 11.09 ? 53  TYR A CG  1 
ATOM   419  C CD1 . TYR A 1 53  ? -3.857  -10.239 5.160   1.00 13.71 ? 53  TYR A CD1 1 
ATOM   420  C CD2 . TYR A 1 53  ? -2.383  -10.741 3.378   1.00 10.80 ? 53  TYR A CD2 1 
ATOM   421  C CE1 . TYR A 1 53  ? -4.144  -11.565 5.353   1.00 14.01 ? 53  TYR A CE1 1 
ATOM   422  C CE2 . TYR A 1 53  ? -2.658  -12.095 3.575   1.00 11.30 ? 53  TYR A CE2 1 
ATOM   423  C CZ  . TYR A 1 53  ? -3.527  -12.507 4.523   1.00 12.25 ? 53  TYR A CZ  1 
ATOM   424  O OH  . TYR A 1 53  ? -3.814  -13.835 4.743   1.00 14.19 ? 53  TYR A OH  1 
ATOM   425  N N   . GLY A 1 54  ? -4.322  -5.440  4.043   1.00 10.94 ? 54  GLY A N   1 
ATOM   426  C CA  . GLY A 1 54  ? -4.100  -4.143  4.543   1.00 11.87 ? 54  GLY A CA  1 
ATOM   427  C C   . GLY A 1 54  ? -4.387  -3.000  3.626   1.00 10.62 ? 54  GLY A C   1 
ATOM   428  O O   . GLY A 1 54  ? -5.001  -3.118  2.589   1.00 10.92 ? 54  GLY A O   1 
ATOM   429  N N   . ILE A 1 55  ? -3.924  -1.818  4.076   1.00 11.36 ? 55  ILE A N   1 
ATOM   430  C CA  . ILE A 1 55  ? -4.256  -0.570  3.434   1.00 11.33 ? 55  ILE A CA  1 
ATOM   431  C C   . ILE A 1 55  ? -3.778  -0.491  1.990   1.00 10.88 ? 55  ILE A C   1 
ATOM   432  O O   . ILE A 1 55  ? -4.383  0.219   1.177   1.00 13.06 ? 55  ILE A O   1 
ATOM   433  C CB  . ILE A 1 55  ? -3.766  0.624   4.245   1.00 15.64 ? 55  ILE A CB  1 
ATOM   434  C CG1 . ILE A 1 55  ? -4.570  1.874   4.155   1.00 19.09 ? 55  ILE A CG1 1 
ATOM   435  C CG2 . ILE A 1 55  ? -2.295  0.774   4.315   1.00 16.56 ? 55  ILE A CG2 1 
ATOM   436  C CD1 . ILE A 1 55  ? -4.341  2.906   5.198   1.00 23.06 ? 55  ILE A CD1 1 
ATOM   437  N N   . LEU A 1 56  ? -2.722  -1.182  1.664   1.00 10.85 ? 56  LEU A N   1 
ATOM   438  C CA  . LEU A 1 56  ? -2.135  -1.229  0.359   1.00 11.53 ? 56  LEU A CA  1 
ATOM   439  C C   . LEU A 1 56  ? -2.262  -2.587  -0.307  1.00 10.78 ? 56  LEU A C   1 
ATOM   440  O O   . LEU A 1 56  ? -1.701  -2.813  -1.388  1.00 13.27 ? 56  LEU A O   1 
ATOM   441  C CB  . LEU A 1 56  ? -0.680  -0.715  0.297   1.00 12.42 ? 56  LEU A CB  1 
ATOM   442  C CG  . LEU A 1 56  ? -0.580  0.829   0.432   1.00 14.72 ? 56  LEU A CG  1 
ATOM   443  C CD1 . LEU A 1 56  ? 0.829   1.242   0.768   1.00 19.57 ? 56  LEU A CD1 1 
ATOM   444  C CD2 . LEU A 1 56  ? -1.144  1.535   -0.747  1.00 20.58 ? 56  LEU A CD2 1 
ATOM   445  N N   . GLN A 1 57  ? -3.054  -3.484  0.274   1.00 10.52 ? 57  GLN A N   1 
ATOM   446  C CA  . GLN A 1 57  ? -3.455  -4.733  -0.408  1.00 9.49  ? 57  GLN A CA  1 
ATOM   447  C C   . GLN A 1 57  ? -2.268  -5.488  -0.941  1.00 10.81 ? 57  GLN A C   1 
ATOM   448  O O   . GLN A 1 57  ? -2.177  -5.872  -2.109  1.00 11.96 ? 57  GLN A O   1 
ATOM   449  C CB  . GLN A 1 57  ? -4.520  -4.472  -1.445  1.00 10.88 ? 57  GLN A CB  1 
ATOM   450  C CG  . GLN A 1 57  ? -5.872  -4.036  -0.856  1.00 11.91 ? 57  GLN A CG  1 
ATOM   451  C CD  . GLN A 1 57  ? -6.530  -5.233  -0.162  1.00 12.33 ? 57  GLN A CD  1 
ATOM   452  O OE1 . GLN A 1 57  ? -7.098  -6.085  -0.827  1.00 13.73 ? 57  GLN A OE1 1 
ATOM   453  N NE2 . GLN A 1 57  ? -6.369  -5.284  1.156   1.00 12.84 ? 57  GLN A NE2 1 
ATOM   454  N N   . ILE A 1 58  ? -1.328  -5.770  -0.035  1.00 10.06 ? 58  ILE A N   1 
ATOM   455  C CA  . ILE A 1 58  ? -0.099  -6.448  -0.316  1.00 9.69  ? 58  ILE A CA  1 
ATOM   456  C C   . ILE A 1 58  ? -0.290  -7.937  -0.256  1.00 9.53  ? 58  ILE A C   1 
ATOM   457  O O   . ILE A 1 58  ? -0.882  -8.494  0.668   1.00 10.81 ? 58  ILE A O   1 
ATOM   458  C CB  . ILE A 1 58  ? 1.011   -5.955  0.657   1.00 11.38 ? 58  ILE A CB  1 
ATOM   459  C CG1 . ILE A 1 58  ? 1.364   -4.490  0.384   1.00 13.29 ? 58  ILE A CG1 1 
ATOM   460  C CG2 . ILE A 1 58  ? 2.196   -6.885  0.601   1.00 11.80 ? 58  ILE A CG2 1 
ATOM   461  C CD1 . ILE A 1 58  ? 2.288   -3.839  1.386   1.00 17.47 ? 58  ILE A CD1 1 
ATOM   462  N N   . ASN A 1 59  ? 0.178   -8.642  -1.304  1.00 10.27 ? 59  ASN A N   1 
ATOM   463  C CA  . ASN A 1 59  ? -0.185  -10.050 -1.486  1.00 11.61 ? 59  ASN A CA  1 
ATOM   464  C C   . ASN A 1 59  ? 0.786   -11.016 -0.853  1.00 11.95 ? 59  ASN A C   1 
ATOM   465  O O   . ASN A 1 59  ? 1.988   -10.806 -0.718  1.00 14.67 ? 59  ASN A O   1 
ATOM   466  C CB  A ASN A 1 59  ? -0.475  -10.440 -2.911  0.60 15.24 ? 59  ASN A CB  1 
ATOM   467  C CB  B ASN A 1 59  ? -0.254  -10.215 -3.021  0.40 15.23 ? 59  ASN A CB  1 
ATOM   468  C CG  A ASN A 1 59  ? 0.793   -10.651 -3.721  0.60 13.30 ? 59  ASN A CG  1 
ATOM   469  C CG  B ASN A 1 59  ? -0.751  -11.523 -3.533  0.40 17.68 ? 59  ASN A CG  1 
ATOM   470  O OD1 A ASN A 1 59  ? 1.656   -11.472 -3.436  0.60 14.58 ? 59  ASN A OD1 1 
ATOM   471  O OD1 B ASN A 1 59  ? -1.967  -11.752 -3.648  0.40 23.31 ? 59  ASN A OD1 1 
ATOM   472  N ND2 A ASN A 1 59  ? 0.904   -9.806  -4.744  0.60 17.40 ? 59  ASN A ND2 1 
ATOM   473  N ND2 B ASN A 1 59  ? 0.164   -12.385 -3.927  0.40 15.28 ? 59  ASN A ND2 1 
ATOM   474  N N   . SER A 1 60  ? 0.249   -12.183 -0.461  1.00 11.39 ? 60  SER A N   1 
ATOM   475  C CA  . SER A 1 60  ? 0.981   -13.238 0.194   1.00 10.96 ? 60  SER A CA  1 
ATOM   476  C C   . SER A 1 60  ? 1.706   -14.205 -0.728  1.00 11.43 ? 60  SER A C   1 
ATOM   477  O O   . SER A 1 60  ? 2.413   -15.084 -0.221  1.00 14.60 ? 60  SER A O   1 
ATOM   478  C CB  . SER A 1 60  ? 0.055   -14.026 1.121   1.00 12.67 ? 60  SER A CB  1 
ATOM   479  O OG  . SER A 1 60  ? -0.966  -14.665 0.357   1.00 12.75 ? 60  SER A OG  1 
ATOM   480  N N   . ARG A 1 61  ? 1.556   -14.068 -2.049  1.00 11.30 ? 61  ARG A N   1 
ATOM   481  C CA  . ARG A 1 61  ? 2.366   -14.909 -2.944  1.00 11.83 ? 61  ARG A CA  1 
ATOM   482  C C   . ARG A 1 61  ? 3.805   -14.444 -2.947  1.00 10.85 ? 61  ARG A C   1 
ATOM   483  O O   . ARG A 1 61  ? 4.731   -15.242 -2.879  1.00 12.70 ? 61  ARG A O   1 
ATOM   484  C CB  . ARG A 1 61  ? 1.799   -14.871 -4.365  1.00 16.06 ? 61  ARG A CB  1 
ATOM   485  C CG  . ARG A 1 61  ? 2.640   -15.547 -5.417  1.00 18.23 ? 61  ARG A CG  1 
ATOM   486  C CD  . ARG A 1 61  ? 1.726   -15.905 -6.618  1.00 33.34 ? 61  ARG A CD  1 
ATOM   487  N NE  . ARG A 1 61  ? 2.469   -16.551 -7.687  1.00 32.57 ? 61  ARG A NE  1 
ATOM   488  C CZ  . ARG A 1 61  ? 2.644   -15.973 -8.884  1.00 35.99 ? 61  ARG A CZ  1 
ATOM   489  N NH1 . ARG A 1 61  ? 2.538   -14.642 -8.963  1.00 40.21 ? 61  ARG A NH1 1 
ATOM   490  N NH2 . ARG A 1 61  ? 2.971   -16.686 -9.916  1.00 40.48 ? 61  ARG A NH2 1 
ATOM   491  N N   . TRP A 1 62  ? 3.999   -13.115 -3.054  1.00 11.24 ? 62  TRP A N   1 
ATOM   492  C CA  . TRP A 1 62  ? 5.350   -12.572 -3.190  1.00 11.01 ? 62  TRP A CA  1 
ATOM   493  C C   . TRP A 1 62  ? 5.832   -11.926 -1.924  1.00 10.37 ? 62  TRP A C   1 
ATOM   494  O O   . TRP A 1 62  ? 7.065   -11.943 -1.717  1.00 11.74 ? 62  TRP A O   1 
ATOM   495  C CB  . TRP A 1 62  ? 5.383   -11.503 -4.290  1.00 14.03 ? 62  TRP A CB  1 
ATOM   496  C CG  . TRP A 1 62  ? 5.155   -11.964 -5.664  1.00 18.48 ? 62  TRP A CG  1 
ATOM   497  C CD1 . TRP A 1 62  ? 4.062   -11.628 -6.467  1.00 30.64 ? 62  TRP A CD1 1 
ATOM   498  C CD2 . TRP A 1 62  ? 5.972   -12.801 -6.473  1.00 20.02 ? 62  TRP A CD2 1 
ATOM   499  N NE1 . TRP A 1 62  ? 4.173   -12.243 -7.664  1.00 33.80 ? 62  TRP A NE1 1 
ATOM   500  C CE2 . TRP A 1 62  ? 5.348   -12.950 -7.712  1.00 27.59 ? 62  TRP A CE2 1 
ATOM   501  C CE3 . TRP A 1 62  ? 7.196   -13.435 -6.238  1.00 24.06 ? 62  TRP A CE3 1 
ATOM   502  C CZ2 . TRP A 1 62  ? 5.875   -13.705 -8.763  1.00 31.14 ? 62  TRP A CZ2 1 
ATOM   503  C CZ3 . TRP A 1 62  ? 7.730   -14.191 -7.288  1.00 28.58 ? 62  TRP A CZ3 1 
ATOM   504  C CH2 . TRP A 1 62  ? 7.076   -14.317 -8.506  1.00 30.24 ? 62  TRP A CH2 1 
ATOM   505  N N   . TRP A 1 63  ? 5.022   -11.259 -1.140  1.00 9.38  ? 63  TRP A N   1 
ATOM   506  C CA  . TRP A 1 63  ? 5.524   -10.223 -0.241  1.00 9.17  ? 63  TRP A CA  1 
ATOM   507  C C   . TRP A 1 63  ? 5.507   -10.524 1.238   1.00 9.85  ? 63  TRP A C   1 
ATOM   508  O O   . TRP A 1 63  ? 6.411   -10.112 1.938   1.00 11.84 ? 63  TRP A O   1 
ATOM   509  C CB  . TRP A 1 63  ? 4.771   -8.880  -0.493  1.00 9.85  ? 63  TRP A CB  1 
ATOM   510  C CG  . TRP A 1 63  ? 4.866   -8.517  -1.949  1.00 10.49 ? 63  TRP A CG  1 
ATOM   511  C CD1 . TRP A 1 63  ? 3.832   -8.526  -2.854  1.00 11.86 ? 63  TRP A CD1 1 
ATOM   512  C CD2 . TRP A 1 63  ? 6.027   -8.117  -2.676  1.00 10.65 ? 63  TRP A CD2 1 
ATOM   513  N NE1 . TRP A 1 63  ? 4.280   -8.162  -4.091  1.00 12.47 ? 63  TRP A NE1 1 
ATOM   514  C CE2 . TRP A 1 63  ? 5.642   -7.910  -4.021  1.00 10.99 ? 63  TRP A CE2 1 
ATOM   515  C CE3 . TRP A 1 63  ? 7.363   -7.882  -2.311  1.00 11.29 ? 63  TRP A CE3 1 
ATOM   516  C CZ2 . TRP A 1 63  ? 6.531   -7.532  -4.993  1.00 13.45 ? 63  TRP A CZ2 1 
ATOM   517  C CZ3 . TRP A 1 63  ? 8.255   -7.481  -3.306  1.00 13.79 ? 63  TRP A CZ3 1 
ATOM   518  C CH2 . TRP A 1 63  ? 7.841   -7.298  -4.617  1.00 14.34 ? 63  TRP A CH2 1 
ATOM   519  N N   . CYS A 1 64  ? 4.486   -11.214 1.731   1.00 10.83 ? 64  CYS A N   1 
ATOM   520  C CA  . CYS A 1 64  ? 4.394   -11.529 3.154   1.00 10.32 ? 64  CYS A CA  1 
ATOM   521  C C   . CYS A 1 64  ? 3.933   -12.965 3.307   1.00 10.32 ? 64  CYS A C   1 
ATOM   522  O O   . CYS A 1 64  ? 3.404   -13.534 2.391   1.00 12.01 ? 64  CYS A O   1 
ATOM   523  C CB  . CYS A 1 64  ? 3.428   -10.578 3.888   1.00 10.80 ? 64  CYS A CB  1 
ATOM   524  S SG  . CYS A 1 64  ? 1.704   -10.646 3.305   1.00 11.51 ? 64  CYS A SG  1 
ATOM   525  N N   . ASN A 1 65  ? 4.242   -13.569 4.443   1.00 11.23 ? 65  ASN A N   1 
ATOM   526  C CA  . ASN A 1 65  ? 3.801   -14.956 4.694   1.00 11.48 ? 65  ASN A CA  1 
ATOM   527  C C   . ASN A 1 65  ? 2.635   -14.958 5.662   1.00 11.67 ? 65  ASN A C   1 
ATOM   528  O O   . ASN A 1 65  ? 2.718   -14.399 6.763   1.00 13.30 ? 65  ASN A O   1 
ATOM   529  C CB  . ASN A 1 65  ? 4.998   -15.736 5.242   1.00 15.63 ? 65  ASN A CB  1 
ATOM   530  C CG  . ASN A 1 65  ? 4.685   -17.201 5.455   1.00 20.18 ? 65  ASN A CG  1 
ATOM   531  O OD1 . ASN A 1 65  ? 3.660   -17.713 5.052   1.00 23.70 ? 65  ASN A OD1 1 
ATOM   532  N ND2 . ASN A 1 65  ? 5.608   -17.875 6.132   1.00 41.36 ? 65  ASN A ND2 1 
ATOM   533  N N   . ASP A 1 66  ? 1.525   -15.559 5.273   1.00 11.81 ? 66  ASP A N   1 
ATOM   534  C CA  . ASP A 1 66  ? 0.346   -15.720 6.092   1.00 12.86 ? 66  ASP A CA  1 
ATOM   535  C C   . ASP A 1 66  ? 0.185   -17.127 6.642   1.00 15.58 ? 66  ASP A C   1 
ATOM   536  O O   . ASP A 1 66  ? -0.815  -17.404 7.317   1.00 19.65 ? 66  ASP A O   1 
ATOM   537  C CB  . ASP A 1 66  ? -0.923  -15.254 5.399   1.00 13.45 ? 66  ASP A CB  1 
ATOM   538  C CG  . ASP A 1 66  ? -1.273  -15.992 4.134   1.00 12.86 ? 66  ASP A CG  1 
ATOM   539  O OD1 . ASP A 1 66  ? -0.544  -16.931 3.775   1.00 13.58 ? 66  ASP A OD1 1 
ATOM   540  O OD2 . ASP A 1 66  ? -2.270  -15.591 3.489   1.00 13.95 ? 66  ASP A OD2 1 
ATOM   541  N N   . GLY A 1 67  ? 1.143   -18.019 6.395   1.00 16.04 ? 67  GLY A N   1 
ATOM   542  C CA  . GLY A 1 67  ? 1.122   -19.368 6.857   1.00 22.98 ? 67  GLY A CA  1 
ATOM   543  C C   . GLY A 1 67  ? 0.107   -20.252 6.205   1.00 23.27 ? 67  GLY A C   1 
ATOM   544  O O   . GLY A 1 67  ? -0.176  -21.331 6.725   1.00 33.19 ? 67  GLY A O   1 
ATOM   545  N N   . ARG A 1 68  ? -0.623  -19.797 5.193   1.00 19.83 ? 68  ARG A N   1 
ATOM   546  C CA  . ARG A 1 68  ? -1.601  -20.584 4.475   1.00 21.52 ? 68  ARG A CA  1 
ATOM   547  C C   . ARG A 1 68  ? -1.471  -20.466 2.954   1.00 19.55 ? 68  ARG A C   1 
ATOM   548  O O   . ARG A 1 68  ? -2.266  -21.026 2.195   1.00 21.53 ? 68  ARG A O   1 
ATOM   549  C CB  . ARG A 1 68  ? -3.011  -20.280 4.931   1.00 22.23 ? 68  ARG A CB  1 
ATOM   550  C CG  . ARG A 1 68  ? -3.538  -18.924 4.496   1.00 24.59 ? 68  ARG A CG  1 
ATOM   551  C CD  . ARG A 1 68  ? -5.043  -18.805 4.766   1.00 29.44 ? 68  ARG A CD  1 
ATOM   552  N NE  . ARG A 1 68  ? -5.630  -17.724 3.940   1.00 38.65 ? 68  ARG A NE  1 
ATOM   553  C CZ  . ARG A 1 68  ? -6.390  -16.780 4.497   1.00 32.31 ? 68  ARG A CZ  1 
ATOM   554  N NH1 . ARG A 1 68  ? -6.915  -17.065 5.687   1.00 35.67 ? 68  ARG A NH1 1 
ATOM   555  N NH2 . ARG A 1 68  ? -6.635  -15.624 3.935   1.00 38.48 ? 68  ARG A NH2 1 
ATOM   556  N N   . THR A 1 69  ? -0.422  -19.797 2.497   1.00 18.31 ? 69  THR A N   1 
ATOM   557  C CA  . THR A 1 69  ? -0.177  -19.643 1.051   1.00 16.59 ? 69  THR A CA  1 
ATOM   558  C C   . THR A 1 69  ? 1.010   -20.519 0.644   1.00 18.05 ? 69  THR A C   1 
ATOM   559  O O   . THR A 1 69  ? 2.155   -20.205 0.975   1.00 21.14 ? 69  THR A O   1 
ATOM   560  C CB  . THR A 1 69  ? 0.145   -18.178 0.708   1.00 15.92 ? 69  THR A CB  1 
ATOM   561  O OG1 . THR A 1 69  ? -0.929  -17.331 1.130   1.00 15.05 ? 69  THR A OG1 1 
ATOM   562  C CG2 . THR A 1 69  ? 0.200   -17.958 -0.809  1.00 17.88 ? 69  THR A CG2 1 
ATOM   563  N N   . PRO A 1 70  ? 0.758   -21.595 -0.091  1.00 17.56 ? 70  PRO A N   1 
ATOM   564  C CA  . PRO A 1 70  ? 1.917   -22.454 -0.447  1.00 18.40 ? 70  PRO A CA  1 
ATOM   565  C C   . PRO A 1 70  ? 2.926   -21.666 -1.285  1.00 18.42 ? 70  PRO A C   1 
ATOM   566  O O   . PRO A 1 70  ? 2.565   -20.968 -2.226  1.00 19.94 ? 70  PRO A O   1 
ATOM   567  C CB  . PRO A 1 70  ? 1.319   -23.602 -1.179  1.00 21.53 ? 70  PRO A CB  1 
ATOM   568  C CG  . PRO A 1 70  ? -0.053  -23.233 -1.568  1.00 25.68 ? 70  PRO A CG  1 
ATOM   569  C CD  . PRO A 1 70  ? -0.476  -22.076 -0.693  1.00 21.21 ? 70  PRO A CD  1 
ATOM   570  N N   . GLY A 1 71  ? 4.203   -21.784 -0.925  1.00 20.77 ? 71  GLY A N   1 
ATOM   571  C CA  . GLY A 1 71  ? 5.273   -21.198 -1.668  1.00 19.63 ? 71  GLY A CA  1 
ATOM   572  C C   . GLY A 1 71  ? 5.399   -19.708 -1.586  1.00 15.60 ? 71  GLY A C   1 
ATOM   573  O O   . GLY A 1 71  ? 6.047   -19.091 -2.432  1.00 16.05 ? 71  GLY A O   1 
ATOM   574  N N   . SER A 1 72  ? 4.851   -19.075 -0.559  1.00 14.42 ? 72  SER A N   1 
ATOM   575  C CA  . SER A 1 72  ? 5.039   -17.616 -0.406  1.00 13.18 ? 72  SER A CA  1 
ATOM   576  C C   . SER A 1 72  ? 6.530   -17.290 -0.443  1.00 12.26 ? 72  SER A C   1 
ATOM   577  O O   . SER A 1 72  ? 7.323   -17.894 0.281   1.00 15.13 ? 72  SER A O   1 
ATOM   578  C CB  . SER A 1 72  ? 4.466   -17.185 0.943   1.00 14.46 ? 72  SER A CB  1 
ATOM   579  O OG  . SER A 1 72  ? 4.742   -15.795 1.158   1.00 17.22 ? 72  SER A OG  1 
ATOM   580  N N   . LYS A 1 73  ? 6.907   -16.269 -1.175  1.00 11.10 ? 73  LYS A N   1 
ATOM   581  C CA  . LYS A 1 73  ? 8.337   -15.876 -1.228  1.00 12.56 ? 73  LYS A CA  1 
ATOM   582  C C   . LYS A 1 73  ? 8.714   -14.920 -0.098  1.00 12.46 ? 73  LYS A C   1 
ATOM   583  O O   . LYS A 1 73  ? 9.902   -14.760 0.240   1.00 14.20 ? 73  LYS A O   1 
ATOM   584  C CB  . LYS A 1 73  ? 8.635   -15.227 -2.583  1.00 14.12 ? 73  LYS A CB  1 
ATOM   585  C CG  . LYS A 1 73  ? 10.146  -15.104 -2.886  1.00 19.37 ? 73  LYS A CG  1 
ATOM   586  C CD  . LYS A 1 73  ? 10.851  -14.345 -1.784  1.00 36.64 ? 73  LYS A CD  1 
ATOM   587  C CE  . LYS A 1 73  ? 12.272  -14.851 -1.537  1.00 55.10 ? 73  LYS A CE  1 
ATOM   588  N NZ  . LYS A 1 73  ? 12.582  -15.021 -0.108  1.00 46.72 ? 73  LYS A NZ  1 
ATOM   589  N N   . ASN A 1 74  ? 7.739   -14.282 0.546   1.00 11.46 ? 74  ASN A N   1 
ATOM   590  C CA  . ASN A 1 74  ? 7.929   -13.413 1.701   1.00 10.70 ? 74  ASN A CA  1 
ATOM   591  C C   . ASN A 1 74  ? 9.089   -12.444 1.500   1.00 9.72  ? 74  ASN A C   1 
ATOM   592  O O   . ASN A 1 74  ? 9.971   -12.319 2.332   1.00 10.97 ? 74  ASN A O   1 
ATOM   593  C CB  . ASN A 1 74  ? 8.137   -14.260 2.953   1.00 11.75 ? 74  ASN A CB  1 
ATOM   594  C CG  . ASN A 1 74  ? 8.083   -13.406 4.245   1.00 11.77 ? 74  ASN A CG  1 
ATOM   595  O OD1 . ASN A 1 74  ? 7.648   -12.271 4.191   1.00 13.17 ? 74  ASN A OD1 1 
ATOM   596  N ND2 . ASN A 1 74  ? 8.533   -14.010 5.324   1.00 14.12 ? 74  ASN A ND2 1 
ATOM   597  N N   . LEU A 1 75  ? 9.058   -11.700 0.386   1.00 10.38 ? 75  LEU A N   1 
ATOM   598  C CA  . LEU A 1 75  ? 10.135  -10.771 0.093   1.00 10.40 ? 75  LEU A CA  1 
ATOM   599  C C   . LEU A 1 75  ? 10.232  -9.627  1.062   1.00 10.06 ? 75  LEU A C   1 
ATOM   600  O O   . LEU A 1 75  ? 11.339  -9.075  1.205   1.00 12.64 ? 75  LEU A O   1 
ATOM   601  C CB  . LEU A 1 75  ? 10.017  -10.267 -1.341  1.00 11.02 ? 75  LEU A CB  1 
ATOM   602  C CG  . LEU A 1 75  ? 10.332  -11.274 -2.421  1.00 13.03 ? 75  LEU A CG  1 
ATOM   603  C CD1 . LEU A 1 75  ? 9.911   -10.739 -3.791  1.00 17.25 ? 75  LEU A CD1 1 
ATOM   604  C CD2 . LEU A 1 75  ? 11.842  -11.620 -2.411  1.00 17.80 ? 75  LEU A CD2 1 
ATOM   605  N N   . CYS A 1 76  ? 9.172   -9.248  1.741   1.00 9.07  ? 76  CYS A N   1 
ATOM   606  C CA  . CYS A 1 76  ? 9.239   -8.207  2.757   1.00 9.93  ? 76  CYS A CA  1 
ATOM   607  C C   . CYS A 1 76  ? 9.645   -8.705  4.126   1.00 9.78  ? 76  CYS A C   1 
ATOM   608  O O   . CYS A 1 76  ? 9.812   -7.897  5.037   1.00 11.86 ? 76  CYS A O   1 
ATOM   609  C CB  . CYS A 1 76  ? 7.900   -7.436  2.859   1.00 10.38 ? 76  CYS A CB  1 
ATOM   610  S SG  . CYS A 1 76  ? 7.643   -6.466  1.317   1.00 10.72 ? 76  CYS A SG  1 
ATOM   611  N N   . ASN A 1 77  ? 9.789   -10.028 4.293   1.00 10.02 ? 77  ASN A N   1 
ATOM   612  C CA  . ASN A 1 77  ? 10.245  -10.598 5.565   1.00 11.25 ? 77  ASN A CA  1 
ATOM   613  C C   . ASN A 1 77  ? 9.378   -10.159 6.731   1.00 11.06 ? 77  ASN A C   1 
ATOM   614  O O   . ASN A 1 77  ? 9.760   -9.624  7.722   1.00 12.42 ? 77  ASN A O   1 
ATOM   615  C CB  . ASN A 1 77  ? 11.722  -10.234 5.829   1.00 12.63 ? 77  ASN A CB  1 
ATOM   616  C CG  . ASN A 1 77  ? 12.676  -11.065 4.972   1.00 15.73 ? 77  ASN A CG  1 
ATOM   617  O OD1 . ASN A 1 77  ? 12.604  -12.278 4.989   1.00 19.13 ? 77  ASN A OD1 1 
ATOM   618  N ND2 . ASN A 1 77  ? 13.555  -10.392 4.292   1.00 24.09 ? 77  ASN A ND2 1 
ATOM   619  N N   . ILE A 1 78  ? 8.060   -10.442 6.532   1.00 11.29 ? 78  ILE A N   1 
ATOM   620  C CA  . ILE A 1 78  ? 7.088   -10.053 7.539   1.00 11.85 ? 78  ILE A CA  1 
ATOM   621  C C   . ILE A 1 78  ? 5.917   -11.029 7.503   1.00 11.18 ? 78  ILE A C   1 
ATOM   622  O O   . ILE A 1 78  ? 5.532   -11.506 6.442   1.00 12.45 ? 78  ILE A O   1 
ATOM   623  C CB  . ILE A 1 78  ? 6.546   -8.642  7.269   1.00 13.48 ? 78  ILE A CB  1 
ATOM   624  C CG1 . ILE A 1 78  ? 5.952   -8.402  5.937   1.00 13.80 ? 78  ILE A CG1 1 
ATOM   625  C CG2 . ILE A 1 78  ? 7.321   -7.560  7.897   1.00 22.70 ? 78  ILE A CG2 1 
ATOM   626  C CD1 . ILE A 1 78  ? 5.126   -7.124  5.801   1.00 25.76 ? 78  ILE A CD1 1 
ATOM   627  N N   . PRO A 1 79  ? 5.285   -11.273 8.649   1.00 11.36 ? 79  PRO A N   1 
ATOM   628  C CA  . PRO A 1 79  ? 4.002   -11.966 8.624   1.00 11.37 ? 79  PRO A CA  1 
ATOM   629  C C   . PRO A 1 79  ? 2.940   -11.003 8.062   1.00 10.80 ? 79  PRO A C   1 
ATOM   630  O O   . PRO A 1 79  ? 2.972   -9.810  8.314   1.00 11.97 ? 79  PRO A O   1 
ATOM   631  C CB  . PRO A 1 79  ? 3.707   -12.268 10.101  1.00 14.54 ? 79  PRO A CB  1 
ATOM   632  C CG  . PRO A 1 79  ? 4.524   -11.302 10.854  1.00 17.17 ? 79  PRO A CG  1 
ATOM   633  C CD  . PRO A 1 79  ? 5.642   -10.834 9.995   1.00 12.23 ? 79  PRO A CD  1 
ATOM   634  N N   . CYS A 1 80  ? 2.011   -11.562 7.260   1.00 10.33 ? 80  CYS A N   1 
ATOM   635  C CA  . CYS A 1 80  ? 0.975   -10.722 6.707   1.00 10.03 ? 80  CYS A CA  1 
ATOM   636  C C   . CYS A 1 80  ? 0.145   -10.032 7.764   1.00 11.00 ? 80  CYS A C   1 
ATOM   637  O O   . CYS A 1 80  ? -0.381  -8.946  7.531   1.00 11.83 ? 80  CYS A O   1 
ATOM   638  C CB  . CYS A 1 80  ? 0.082   -11.490 5.755   1.00 11.01 ? 80  CYS A CB  1 
ATOM   639  S SG  . CYS A 1 80  ? 0.935   -12.217 4.330   1.00 11.05 ? 80  CYS A SG  1 
ATOM   640  N N   . SER A 1 81  ? 0.009   -10.655 8.943   1.00 11.56 ? 81  SER A N   1 
ATOM   641  C CA  . SER A 1 81  ? -0.738  -10.027 10.041  1.00 14.05 ? 81  SER A CA  1 
ATOM   642  C C   . SER A 1 81  ? -0.204  -8.670  10.426  1.00 12.56 ? 81  SER A C   1 
ATOM   643  O O   . SER A 1 81  ? -0.963  -7.839  10.893  1.00 14.78 ? 81  SER A O   1 
ATOM   644  C CB  . SER A 1 81  ? -0.801  -10.928 11.260  1.00 16.00 ? 81  SER A CB  1 
ATOM   645  O OG  . SER A 1 81  ? 0.531   -11.187 11.754  1.00 18.66 ? 81  SER A OG  1 
ATOM   646  N N   . ALA A 1 82  ? 1.090   -8.430  10.222  1.00 12.65 ? 82  ALA A N   1 
ATOM   647  C CA  . ALA A 1 82  ? 1.663   -7.108  10.546  1.00 13.50 ? 82  ALA A CA  1 
ATOM   648  C C   . ALA A 1 82  ? 1.154   -6.026  9.639   1.00 13.62 ? 82  ALA A C   1 
ATOM   649  O O   . ALA A 1 82  ? 1.284   -4.846  9.976   1.00 16.01 ? 82  ALA A O   1 
ATOM   650  C CB  . ALA A 1 82  ? 3.193   -7.205  10.479  1.00 17.37 ? 82  ALA A CB  1 
ATOM   651  N N   . LEU A 1 83  ? 0.602   -6.378  8.490   1.00 12.42 ? 83  LEU A N   1 
ATOM   652  C CA  . LEU A 1 83  ? 0.034   -5.443  7.556   1.00 12.62 ? 83  LEU A CA  1 
ATOM   653  C C   . LEU A 1 83  ? -1.385  -5.055  7.904   1.00 13.36 ? 83  LEU A C   1 
ATOM   654  O O   . LEU A 1 83  ? -1.981  -4.246  7.176   1.00 17.17 ? 83  LEU A O   1 
ATOM   655  C CB  . LEU A 1 83  ? 0.096   -6.015  6.143   1.00 13.35 ? 83  LEU A CB  1 
ATOM   656  C CG  . LEU A 1 83  ? 1.484   -6.464  5.674   1.00 15.09 ? 83  LEU A CG  1 
ATOM   657  C CD1 . LEU A 1 83  ? 1.425   -7.102  4.326   1.00 18.06 ? 83  LEU A CD1 1 
ATOM   658  C CD2 . LEU A 1 83  ? 2.447   -5.293  5.724   1.00 20.43 ? 83  LEU A CD2 1 
ATOM   659  N N   . LEU A 1 84  ? -1.966  -5.612  8.950   1.00 13.11 ? 84  LEU A N   1 
ATOM   660  C CA  . LEU A 1 84  ? -3.318  -5.247  9.362   1.00 14.51 ? 84  LEU A CA  1 
ATOM   661  C C   . LEU A 1 84  ? -3.337  -4.318  10.555  1.00 18.74 ? 84  LEU A C   1 
ATOM   662  O O   . LEU A 1 84  ? -4.440  -3.924  11.012  1.00 24.31 ? 84  LEU A O   1 
ATOM   663  C CB  . LEU A 1 84  ? -4.079  -6.560  9.701   1.00 16.07 ? 84  LEU A CB  1 
ATOM   664  C CG  . LEU A 1 84  ? -4.232  -7.531  8.518   1.00 16.30 ? 84  LEU A CG  1 
ATOM   665  C CD1 . LEU A 1 84  ? -4.962  -8.798  9.032   1.00 21.52 ? 84  LEU A CD1 1 
ATOM   666  C CD2 . LEU A 1 84  ? -5.004  -6.932  7.370   1.00 18.35 ? 84  LEU A CD2 1 
ATOM   667  N N   . SER A 1 85  ? -2.208  -3.926  11.067  1.00 17.17 ? 85  SER A N   1 
ATOM   668  C CA  . SER A 1 85  ? -2.025  -3.102  12.237  1.00 19.06 ? 85  SER A CA  1 
ATOM   669  C C   . SER A 1 85  ? -2.525  -1.679  12.000  1.00 19.11 ? 85  SER A C   1 
ATOM   670  O O   . SER A 1 85  ? -2.481  -1.175  10.878  1.00 19.01 ? 85  SER A O   1 
ATOM   671  C CB  A SER A 1 85  ? -0.529  -3.042  12.591  0.65 20.56 ? 85  SER A CB  1 
ATOM   672  C CB  B SER A 1 85  ? -0.529  -3.040  12.607  0.35 21.58 ? 85  SER A CB  1 
ATOM   673  O OG  A SER A 1 85  ? -0.290  -2.172  13.669  0.65 23.27 ? 85  SER A OG  1 
ATOM   674  O OG  B SER A 1 85  ? 0.197   -2.421  11.553  0.35 27.28 ? 85  SER A OG  1 
ATOM   675  N N   . SER A 1 86  ? -2.865  -0.977  13.059  1.00 18.93 ? 86  SER A N   1 
ATOM   676  C CA  . SER A 1 86  ? -3.201  0.438   12.936  1.00 19.56 ? 86  SER A CA  1 
ATOM   677  C C   . SER A 1 86  ? -1.959  1.246   12.588  1.00 19.38 ? 86  SER A C   1 
ATOM   678  O O   . SER A 1 86  ? -2.079  2.294   11.948  1.00 22.67 ? 86  SER A O   1 
ATOM   679  C CB  . SER A 1 86  ? -3.912  0.960   14.175  1.00 23.59 ? 86  SER A CB  1 
ATOM   680  O OG  . SER A 1 86  ? -3.123  0.753   15.318  1.00 37.84 ? 86  SER A OG  1 
ATOM   681  N N   . ASP A 1 87  ? -0.789  0.772   12.972  1.00 17.13 ? 87  ASP A N   1 
ATOM   682  C CA  . ASP A 1 87  ? 0.493   1.458   12.619  1.00 19.05 ? 87  ASP A CA  1 
ATOM   683  C C   . ASP A 1 87  ? 0.895   0.968   11.214  1.00 16.86 ? 87  ASP A C   1 
ATOM   684  O O   . ASP A 1 87  ? 1.044   -0.225  10.977  1.00 19.57 ? 87  ASP A O   1 
ATOM   685  C CB  . ASP A 1 87  ? 1.549   0.987   13.618  1.00 22.54 ? 87  ASP A CB  1 
ATOM   686  C CG  . ASP A 1 87  ? 2.925   1.523   13.459  1.00 26.82 ? 87  ASP A CG  1 
ATOM   687  O OD1 . ASP A 1 87  ? 3.355   1.952   12.380  1.00 25.14 ? 87  ASP A OD1 1 
ATOM   688  O OD2 . ASP A 1 87  ? 3.659   1.599   14.473  1.00 41.86 ? 87  ASP A OD2 1 
ATOM   689  N N   . ILE A 1 88  ? 1.079   1.911   10.301  1.00 14.34 ? 88  ILE A N   1 
ATOM   690  C CA  . ILE A 1 88  ? 1.311   1.551   8.905   1.00 12.94 ? 88  ILE A CA  1 
ATOM   691  C C   . ILE A 1 88  ? 2.767   1.330   8.575   1.00 12.31 ? 88  ILE A C   1 
ATOM   692  O O   . ILE A 1 88  ? 3.106   1.129   7.389   1.00 13.02 ? 88  ILE A O   1 
ATOM   693  C CB  . ILE A 1 88  ? 0.722   2.639   7.978   1.00 14.07 ? 88  ILE A CB  1 
ATOM   694  C CG1 . ILE A 1 88  ? 1.398   3.983   8.077   1.00 14.84 ? 88  ILE A CG1 1 
ATOM   695  C CG2 . ILE A 1 88  ? -0.772  2.722   8.101   1.00 17.82 ? 88  ILE A CG2 1 
ATOM   696  C CD1 . ILE A 1 88  ? 1.047   4.958   6.965   1.00 18.45 ? 88  ILE A CD1 1 
ATOM   697  N N   . THR A 1 89  ? 3.680   1.389   9.530   1.00 13.43 ? 89  THR A N   1 
ATOM   698  C CA  . THR A 1 89  ? 5.100   1.238   9.283   1.00 12.47 ? 89  THR A CA  1 
ATOM   699  C C   . THR A 1 89  ? 5.448   0.040   8.433   1.00 12.95 ? 89  THR A C   1 
ATOM   700  O O   . THR A 1 89  ? 6.141   0.154   7.426   1.00 13.32 ? 89  THR A O   1 
ATOM   701  C CB  . THR A 1 89  ? 5.896   1.218   10.608  1.00 15.33 ? 89  THR A CB  1 
ATOM   702  O OG1 . THR A 1 89  ? 5.622   2.411   11.332  1.00 18.24 ? 89  THR A OG1 1 
ATOM   703  C CG2 . THR A 1 89  ? 7.382   1.112   10.367  1.00 19.71 ? 89  THR A CG2 1 
ATOM   704  N N   . ALA A 1 90  ? 4.940   -1.147  8.821   1.00 12.78 ? 90  ALA A N   1 
ATOM   705  C CA  . ALA A 1 90  ? 5.304   -2.363  8.085   1.00 12.28 ? 90  ALA A CA  1 
ATOM   706  C C   . ALA A 1 90  ? 4.768   -2.289  6.669   1.00 12.11 ? 90  ALA A C   1 
ATOM   707  O O   . ALA A 1 90  ? 5.435   -2.713  5.720   1.00 13.04 ? 90  ALA A O   1 
ATOM   708  C CB  . ALA A 1 90  ? 4.833   -3.595  8.807   1.00 14.31 ? 90  ALA A CB  1 
ATOM   709  N N   . SER A 1 91  ? 3.542   -1.827  6.475   1.00 11.73 ? 91  SER A N   1 
ATOM   710  C CA  . SER A 1 91  ? 2.981   -1.709  5.145   1.00 10.66 ? 91  SER A CA  1 
ATOM   711  C C   . SER A 1 91  ? 3.805   -0.771  4.271   1.00 10.48 ? 91  SER A C   1 
ATOM   712  O O   . SER A 1 91  ? 4.034   -1.058  3.106   1.00 12.13 ? 91  SER A O   1 
ATOM   713  C CB  . SER A 1 91  ? 1.534   -1.225  5.175   1.00 12.93 ? 91  SER A CB  1 
ATOM   714  O OG  . SER A 1 91  ? 0.648   -2.239  5.567   1.00 15.67 ? 91  SER A OG  1 
ATOM   715  N N   . VAL A 1 92  ? 4.208   0.369   4.789   1.00 11.52 ? 92  VAL A N   1 
ATOM   716  C CA  . VAL A 1 92  ? 5.012   1.321   4.021   1.00 11.84 ? 92  VAL A CA  1 
ATOM   717  C C   . VAL A 1 92  ? 6.371   0.783   3.676   1.00 12.43 ? 92  VAL A C   1 
ATOM   718  O O   . VAL A 1 92  ? 6.831   0.911   2.527   1.00 12.24 ? 92  VAL A O   1 
ATOM   719  C CB  . VAL A 1 92  ? 5.133   2.663   4.780   1.00 13.27 ? 92  VAL A CB  1 
ATOM   720  C CG1 . VAL A 1 92  ? 6.163   3.585   4.161   1.00 15.37 ? 92  VAL A CG1 1 
ATOM   721  C CG2 . VAL A 1 92  ? 3.741   3.342   4.745   1.00 15.16 ? 92  VAL A CG2 1 
ATOM   722  N N   . ASN A 1 93  ? 7.052   0.136   4.641   1.00 11.45 ? 93  ASN A N   1 
ATOM   723  C CA  . ASN A 1 93  ? 8.376   -0.385  4.323   1.00 12.13 ? 93  ASN A CA  1 
ATOM   724  C C   . ASN A 1 93  ? 8.297   -1.444  3.224   1.00 11.42 ? 93  ASN A C   1 
ATOM   725  O O   . ASN A 1 93  ? 9.179   -1.551  2.386   1.00 13.04 ? 93  ASN A O   1 
ATOM   726  C CB  . ASN A 1 93  ? 9.072   -0.902  5.569   1.00 16.84 ? 93  ASN A CB  1 
ATOM   727  C CG  . ASN A 1 93  ? 9.507   0.248   6.491   1.00 24.34 ? 93  ASN A CG  1 
ATOM   728  O OD1 . ASN A 1 93  ? 9.600   1.399   6.053   1.00 30.68 ? 93  ASN A OD1 1 
ATOM   729  N ND2 . ASN A 1 93  ? 9.743   -0.091  7.727   1.00 27.00 ? 93  ASN A ND2 1 
ATOM   730  N N   . CYS A 1 94  ? 7.246   -2.259  3.295   1.00 10.33 ? 94  CYS A N   1 
ATOM   731  C CA  . CYS A 1 94  ? 7.031   -3.267  2.256   1.00 9.96  ? 94  CYS A CA  1 
ATOM   732  C C   . CYS A 1 94  ? 6.680   -2.658  0.931   1.00 9.88  ? 94  CYS A C   1 
ATOM   733  O O   . CYS A 1 94  ? 7.201   -3.074  -0.121  1.00 10.95 ? 94  CYS A O   1 
ATOM   734  C CB  . CYS A 1 94  ? 6.038   -4.311  2.730   1.00 10.30 ? 94  CYS A CB  1 
ATOM   735  S SG  . CYS A 1 94  ? 5.795   -5.698  1.601   1.00 10.94 ? 94  CYS A SG  1 
ATOM   736  N N   . ALA A 1 95  ? 5.809   -1.643  0.934   1.00 10.05 ? 95  ALA A N   1 
ATOM   737  C CA  . ALA A 1 95  ? 5.424   -0.952  -0.271  1.00 10.44 ? 95  ALA A CA  1 
ATOM   738  C C   . ALA A 1 95  ? 6.622   -0.349  -0.997  1.00 10.51 ? 95  ALA A C   1 
ATOM   739  O O   . ALA A 1 95  ? 6.636   -0.326  -2.242  1.00 11.31 ? 95  ALA A O   1 
ATOM   740  C CB  . ALA A 1 95  ? 4.417   0.141   0.022   1.00 13.47 ? 95  ALA A CB  1 
ATOM   741  N N   . LYS A 1 96  ? 7.623   0.116   -0.267  1.00 10.56 ? 96  LYS A N   1 
ATOM   742  C CA  . LYS A 1 96  ? 8.816   0.657   -0.916  1.00 10.95 ? 96  LYS A CA  1 
ATOM   743  C C   . LYS A 1 96  ? 9.531   -0.419  -1.700  1.00 11.15 ? 96  LYS A C   1 
ATOM   744  O O   . LYS A 1 96  ? 10.053  -0.160  -2.794  1.00 13.93 ? 96  LYS A O   1 
ATOM   745  C CB  . LYS A 1 96  ? 9.754   1.294   0.095   1.00 12.03 ? 96  LYS A CB  1 
ATOM   746  C CG  . LYS A 1 96  ? 9.253   2.586   0.683   1.00 13.27 ? 96  LYS A CG  1 
ATOM   747  C CD  . LYS A 1 96  ? 10.187  3.103   1.767   1.00 15.48 ? 96  LYS A CD  1 
ATOM   748  C CE  . LYS A 1 96  ? 9.780   4.403   2.363   1.00 18.83 ? 96  LYS A CE  1 
ATOM   749  N NZ  . LYS A 1 96  ? 10.657  4.811   3.494   1.00 20.06 ? 96  LYS A NZ  1 
ATOM   750  N N   . LYS A 1 97  ? 9.578   -1.650  -1.158  1.00 11.69 ? 97  LYS A N   1 
ATOM   751  C CA  . LYS A 1 97  ? 10.209  -2.767  -1.886  1.00 12.75 ? 97  LYS A CA  1 
ATOM   752  C C   . LYS A 1 97  ? 9.414   -3.120  -3.133  1.00 11.80 ? 97  LYS A C   1 
ATOM   753  O O   . LYS A 1 97  ? 9.964   -3.321  -4.209  1.00 13.38 ? 97  LYS A O   1 
ATOM   754  C CB  . LYS A 1 97  ? 10.300  -3.987  -0.976  1.00 14.61 ? 97  LYS A CB  1 
ATOM   755  C CG  . LYS A 1 97  ? 11.330  -3.994  0.133   1.00 25.25 ? 97  LYS A CG  1 
ATOM   756  C CD  . LYS A 1 97  ? 11.610  -5.420  0.596   1.00 40.07 ? 97  LYS A CD  1 
ATOM   757  C CE  . LYS A 1 97  ? 12.665  -5.499  1.670   1.00 47.02 ? 97  LYS A CE  1 
ATOM   758  N NZ  . LYS A 1 97  ? 12.610  -6.840  2.396   1.00 49.92 ? 97  LYS A NZ  1 
ATOM   759  N N   . ILE A 1 98  ? 8.093   -3.138  -3.035  1.00 11.18 ? 98  ILE A N   1 
ATOM   760  C CA  . ILE A 1 98  ? 7.252   -3.428  -4.226  1.00 10.93 ? 98  ILE A CA  1 
ATOM   761  C C   . ILE A 1 98  ? 7.503   -2.376  -5.299  1.00 11.09 ? 98  ILE A C   1 
ATOM   762  O O   . ILE A 1 98  ? 7.663   -2.728  -6.479  1.00 12.88 ? 98  ILE A O   1 
ATOM   763  C CB  . ILE A 1 98  ? 5.756   -3.460  -3.810  1.00 11.50 ? 98  ILE A CB  1 
ATOM   764  C CG1 . ILE A 1 98  ? 5.494   -4.606  -2.816  1.00 12.28 ? 98  ILE A CG1 1 
ATOM   765  C CG2 . ILE A 1 98  ? 4.882   -3.608  -5.028  1.00 14.08 ? 98  ILE A CG2 1 
ATOM   766  C CD1 . ILE A 1 98  ? 4.138   -4.706  -2.236  1.00 14.82 ? 98  ILE A CD1 1 
ATOM   767  N N   . ALA A 1 99  ? 7.524   -1.109  -4.927  1.00 11.25 ? 99  ALA A N   1 
ATOM   768  C CA  . ALA A 1 99  ? 7.653   -0.015  -5.891  1.00 11.46 ? 99  ALA A CA  1 
ATOM   769  C C   . ALA A 1 99  ? 9.054   0.080   -6.472  1.00 12.10 ? 99  ALA A C   1 
ATOM   770  O O   . ALA A 1 99  ? 9.247   0.813   -7.433  1.00 14.58 ? 99  ALA A O   1 
ATOM   771  C CB  . ALA A 1 99  ? 7.234   1.307   -5.254  1.00 13.53 ? 99  ALA A CB  1 
ATOM   772  N N   . SER A 1 100 ? 9.997   -0.674  -5.934  1.00 12.67 ? 100 SER A N   1 
ATOM   773  C CA  . SER A 1 100 ? 11.358  -0.755  -6.448  1.00 13.99 ? 100 SER A CA  1 
ATOM   774  C C   . SER A 1 100 ? 11.481  -1.751  -7.595  1.00 14.85 ? 100 SER A C   1 
ATOM   775  O O   . SER A 1 100 ? 12.521  -1.846  -8.212  1.00 19.16 ? 100 SER A O   1 
ATOM   776  C CB  A SER A 1 100 ? 12.340  -1.105  -5.337  0.35 18.33 ? 100 SER A CB  1 
ATOM   777  C CB  B SER A 1 100 ? 12.346  -1.105  -5.349  0.65 16.15 ? 100 SER A CB  1 
ATOM   778  O OG  A SER A 1 100 ? 12.318  -2.483  -5.013  0.35 19.55 ? 100 SER A OG  1 
ATOM   779  O OG  B SER A 1 100 ? 12.386  -0.064  -4.392  0.65 16.48 ? 100 SER A OG  1 
ATOM   780  N N   . GLY A 1 101 ? 10.426  -2.510  -7.877  1.00 15.34 ? 101 GLY A N   1 
ATOM   781  C CA  . GLY A 1 101 ? 10.354  -3.386  -9.009  1.00 14.87 ? 101 GLY A CA  1 
ATOM   782  C C   . GLY A 1 101 ? 10.353  -2.605  -10.310 1.00 13.80 ? 101 GLY A C   1 
ATOM   783  O O   . GLY A 1 101 ? 10.133  -1.399  -10.326 1.00 14.62 ? 101 GLY A O   1 
ATOM   784  N N   . GLY A 1 102 ? 10.538  -3.280  -11.442 1.00 14.31 ? 102 GLY A N   1 
ATOM   785  C CA  . GLY A 1 102 ? 10.624  -2.635  -12.738 1.00 15.07 ? 102 GLY A CA  1 
ATOM   786  C C   . GLY A 1 102 ? 9.416   -1.774  -13.046 1.00 13.99 ? 102 GLY A C   1 
ATOM   787  O O   . GLY A 1 102 ? 9.542   -0.698  -13.607 1.00 18.28 ? 102 GLY A O   1 
ATOM   788  N N   . ASN A 1 103 ? 8.222   -2.278  -12.673 1.00 14.84 ? 103 ASN A N   1 
ATOM   789  C CA  . ASN A 1 103 ? 7.009   -1.589  -13.034 1.00 16.96 ? 103 ASN A CA  1 
ATOM   790  C C   . ASN A 1 103 ? 6.554   -0.593  -12.015 1.00 13.02 ? 103 ASN A C   1 
ATOM   791  O O   . ASN A 1 103 ? 5.466   0.024   -12.166 1.00 13.98 ? 103 ASN A O   1 
ATOM   792  C CB  . ASN A 1 103 ? 5.915   -2.500  -13.516 1.00 21.23 ? 103 ASN A CB  1 
ATOM   793  C CG  . ASN A 1 103 ? 5.252   -3.313  -12.448 1.00 27.01 ? 103 ASN A CG  1 
ATOM   794  O OD1 . ASN A 1 103 ? 5.676   -3.252  -11.278 1.00 30.01 ? 103 ASN A OD1 1 
ATOM   795  N ND2 . ASN A 1 103 ? 4.168   -4.004  -12.792 1.00 39.21 ? 103 ASN A ND2 1 
ATOM   796  N N   . GLY A 1 104 ? 7.298   -0.345  -10.959 1.00 12.95 ? 104 GLY A N   1 
ATOM   797  C CA  . GLY A 1 104 ? 6.960   0.711   -9.990  1.00 11.79 ? 104 GLY A CA  1 
ATOM   798  C C   . GLY A 1 104 ? 5.582   0.540   -9.395  1.00 11.34 ? 104 GLY A C   1 
ATOM   799  O O   . GLY A 1 104 ? 5.165   -0.548  -8.972  1.00 12.44 ? 104 GLY A O   1 
ATOM   800  N N   . MET A 1 105 ? 4.836   1.673   -9.345  1.00 10.73 ? 105 MET A N   1 
ATOM   801  C CA  . MET A 1 105 ? 3.514   1.652   -8.757  1.00 10.20 ? 105 MET A CA  1 
ATOM   802  C C   . MET A 1 105 ? 2.491   0.941   -9.603  1.00 10.12 ? 105 MET A C   1 
ATOM   803  O O   . MET A 1 105 ? 1.380   0.694   -9.130  1.00 11.06 ? 105 MET A O   1 
ATOM   804  C CB  . MET A 1 105 ? 3.035   3.040   -8.347  1.00 10.85 ? 105 MET A CB  1 
ATOM   805  C CG  . MET A 1 105 ? 3.766   3.605   -7.159  1.00 11.73 ? 105 MET A CG  1 
ATOM   806  S SD  . MET A 1 105 ? 2.957   5.058   -6.446  1.00 12.77 ? 105 MET A SD  1 
ATOM   807  C CE  . MET A 1 105 ? 1.521   4.251   -5.683  1.00 14.21 ? 105 MET A CE  1 
ATOM   808  N N   . ASN A 1 106 ? 2.833   0.555   -10.842 1.00 10.61 ? 106 ASN A N   1 
ATOM   809  C CA  . ASN A 1 106 ? 1.935   -0.232  -11.668 1.00 11.63 ? 106 ASN A CA  1 
ATOM   810  C C   . ASN A 1 106 ? 1.623   -1.608  -11.059 1.00 11.90 ? 106 ASN A C   1 
ATOM   811  O O   . ASN A 1 106 ? 0.679   -2.255  -11.471 1.00 15.58 ? 106 ASN A O   1 
ATOM   812  C CB  . ASN A 1 106 ? 2.469   -0.435  -13.079 1.00 14.01 ? 106 ASN A CB  1 
ATOM   813  C CG  . ASN A 1 106 ? 2.533   0.879   -13.844 1.00 15.39 ? 106 ASN A CG  1 
ATOM   814  O OD1 . ASN A 1 106 ? 1.486   1.433   -14.198 1.00 19.79 ? 106 ASN A OD1 1 
ATOM   815  N ND2 . ASN A 1 106 ? 3.721   1.386   -14.050 1.00 20.87 ? 106 ASN A ND2 1 
ATOM   816  N N   . ALA A 1 107 ? 2.366   -1.986  -10.027 1.00 12.61 ? 107 ALA A N   1 
ATOM   817  C CA  . ALA A 1 107 ? 2.081   -3.207  -9.280  1.00 13.38 ? 107 ALA A CA  1 
ATOM   818  C C   . ALA A 1 107 ? 0.713   -3.161  -8.634  1.00 12.75 ? 107 ALA A C   1 
ATOM   819  O O   . ALA A 1 107 ? 0.153   -4.207  -8.333  1.00 18.03 ? 107 ALA A O   1 
ATOM   820  C CB  . ALA A 1 107 ? 3.160   -3.362  -8.171  1.00 16.81 ? 107 ALA A CB  1 
ATOM   821  N N   . TRP A 1 108 ? 0.212   -1.954  -8.332  1.00 11.50 ? 108 TRP A N   1 
ATOM   822  C CA  . TRP A 1 108 ? -1.118  -1.783  -7.787  1.00 12.12 ? 108 TRP A CA  1 
ATOM   823  C C   . TRP A 1 108 ? -2.088  -1.471  -8.897  1.00 13.12 ? 108 TRP A C   1 
ATOM   824  O O   . TRP A 1 108 ? -2.129  -0.340  -9.425  1.00 12.39 ? 108 TRP A O   1 
ATOM   825  C CB  . TRP A 1 108 ? -1.130  -0.659  -6.737  1.00 12.54 ? 108 TRP A CB  1 
ATOM   826  C CG  . TRP A 1 108 ? -0.444  -1.040  -5.464  1.00 11.79 ? 108 TRP A CG  1 
ATOM   827  C CD1 . TRP A 1 108 ? -0.965  -1.780  -4.453  1.00 14.52 ? 108 TRP A CD1 1 
ATOM   828  C CD2 . TRP A 1 108 ? 0.891   -0.713  -5.074  1.00 11.19 ? 108 TRP A CD2 1 
ATOM   829  N NE1 . TRP A 1 108 ? -0.046  -1.939  -3.444  1.00 14.38 ? 108 TRP A NE1 1 
ATOM   830  C CE2 . TRP A 1 108 ? 1.116   -1.303  -3.795  1.00 11.35 ? 108 TRP A CE2 1 
ATOM   831  C CE3 . TRP A 1 108 ? 1.929   -0.010  -5.680  1.00 12.96 ? 108 TRP A CE3 1 
ATOM   832  C CZ2 . TRP A 1 108 ? 2.310   -1.176  -3.123  1.00 12.35 ? 108 TRP A CZ2 1 
ATOM   833  C CZ3 . TRP A 1 108 ? 3.124   0.103   -4.996  1.00 13.69 ? 108 TRP A CZ3 1 
ATOM   834  C CH2 . TRP A 1 108 ? 3.321   -0.483  -3.739  1.00 13.20 ? 108 TRP A CH2 1 
ATOM   835  N N   . VAL A 1 109 ? -2.934  -2.445  -9.245  1.00 14.95 ? 109 VAL A N   1 
ATOM   836  C CA  . VAL A 1 109 ? -3.833  -2.251  -10.361 1.00 17.10 ? 109 VAL A CA  1 
ATOM   837  C C   . VAL A 1 109 ? -4.830  -1.149  -10.099 1.00 14.04 ? 109 VAL A C   1 
ATOM   838  O O   . VAL A 1 109 ? -5.168  -0.377  -11.008 1.00 15.02 ? 109 VAL A O   1 
ATOM   839  C CB  . VAL A 1 109 ? -4.562  -3.577  -10.725 1.00 20.20 ? 109 VAL A CB  1 
ATOM   840  C CG1 . VAL A 1 109 ? -5.604  -3.307  -11.790 1.00 29.51 ? 109 VAL A CG1 1 
ATOM   841  C CG2 . VAL A 1 109 ? -3.524  -4.559  -11.322 1.00 26.68 ? 109 VAL A CG2 1 
ATOM   842  N N   . ALA A 1 110 ? -5.275  -0.966  -8.871  1.00 14.37 ? 110 ALA A N   1 
ATOM   843  C CA  . ALA A 1 110 ? -6.205  0.122   -8.545  1.00 13.80 ? 110 ALA A CA  1 
ATOM   844  C C   . ALA A 1 110 ? -5.557  1.466   -8.806  1.00 11.86 ? 110 ALA A C   1 
ATOM   845  O O   . ALA A 1 110 ? -6.199  2.389   -9.232  1.00 13.25 ? 110 ALA A O   1 
ATOM   846  C CB  . ALA A 1 110 ? -6.767  -0.020  -7.156  1.00 15.07 ? 110 ALA A CB  1 
ATOM   847  N N   . TRP A 1 111 ? -4.272  1.629   -8.436  1.00 11.56 ? 111 TRP A N   1 
ATOM   848  C CA  . TRP A 1 111 ? -3.557  2.862   -8.759  1.00 10.49 ? 111 TRP A CA  1 
ATOM   849  C C   . TRP A 1 111 ? -3.489  3.093   -10.267 1.00 11.50 ? 111 TRP A C   1 
ATOM   850  O O   . TRP A 1 111 ? -3.760  4.189   -10.767 1.00 11.36 ? 111 TRP A O   1 
ATOM   851  C CB  . TRP A 1 111 ? -2.165  2.840   -8.140  1.00 12.49 ? 111 TRP A CB  1 
ATOM   852  C CG  . TRP A 1 111 ? -1.333  4.047   -8.501  1.00 11.06 ? 111 TRP A CG  1 
ATOM   853  C CD1 . TRP A 1 111 ? -1.314  5.263   -7.883  1.00 11.42 ? 111 TRP A CD1 1 
ATOM   854  C CD2 . TRP A 1 111 ? -0.432  4.135   -9.598  1.00 11.21 ? 111 TRP A CD2 1 
ATOM   855  N NE1 . TRP A 1 111 ? -0.449  6.109   -8.532  1.00 11.57 ? 111 TRP A NE1 1 
ATOM   856  C CE2 . TRP A 1 111 ? 0.118   5.423   -9.572  1.00 11.87 ? 111 TRP A CE2 1 
ATOM   857  C CE3 . TRP A 1 111 ? 0.002   3.227   -10.583 1.00 12.66 ? 111 TRP A CE3 1 
ATOM   858  C CZ2 . TRP A 1 111 ? 1.071   5.849   -10.512 1.00 13.50 ? 111 TRP A CZ2 1 
ATOM   859  C CZ3 . TRP A 1 111 ? 0.953   3.645   -11.503 1.00 13.84 ? 111 TRP A CZ3 1 
ATOM   860  C CH2 . TRP A 1 111 ? 1.475   4.941   -11.463 1.00 13.73 ? 111 TRP A CH2 1 
ATOM   861  N N   . ARG A 1 112 ? -3.124  2.060   -11.021 1.00 12.24 ? 112 ARG A N   1 
ATOM   862  C CA  . ARG A 1 112 ? -3.009  2.189   -12.480 1.00 12.77 ? 112 ARG A CA  1 
ATOM   863  C C   . ARG A 1 112 ? -4.329  2.646   -13.074 1.00 14.12 ? 112 ARG A C   1 
ATOM   864  O O   . ARG A 1 112 ? -4.404  3.495   -13.961 1.00 16.26 ? 112 ARG A O   1 
ATOM   865  C CB  . ARG A 1 112 ? -2.524  0.901   -13.076 1.00 17.92 ? 112 ARG A CB  1 
ATOM   866  C CG  . ARG A 1 112 ? -2.151  0.845   -14.504 1.00 27.84 ? 112 ARG A CG  1 
ATOM   867  C CD  . ARG A 1 112 ? -2.940  1.651   -15.464 1.00 44.17 ? 112 ARG A CD  1 
ATOM   868  N NE  . ARG A 1 112 ? -2.350  1.678   -16.819 1.00 49.37 ? 112 ARG A NE  1 
ATOM   869  C CZ  . ARG A 1 112 ? -2.210  2.768   -17.542 1.00 57.60 ? 112 ARG A CZ  1 
ATOM   870  N NH1 . ARG A 1 112 ? -3.137  3.738   -17.510 1.00 75.46 ? 112 ARG A NH1 1 
ATOM   871  N NH2 . ARG A 1 112 ? -1.180  2.895   -18.377 1.00 64.41 ? 112 ARG A NH2 1 
ATOM   872  N N   . ASN A 1 113 ? -5.420  2.068   -12.539 1.00 13.70 ? 113 ASN A N   1 
ATOM   873  C CA  . ASN A 1 113 ? -6.715  2.308   -13.128 1.00 15.85 ? 113 ASN A CA  1 
ATOM   874  C C   . ASN A 1 113 ? -7.369  3.605   -12.750 1.00 14.43 ? 113 ASN A C   1 
ATOM   875  O O   . ASN A 1 113 ? -8.082  4.225   -13.576 1.00 15.99 ? 113 ASN A O   1 
ATOM   876  C CB  . ASN A 1 113 ? -7.576  1.092   -13.008 1.00 21.97 ? 113 ASN A CB  1 
ATOM   877  C CG  . ASN A 1 113 ? -7.126  -0.058  -13.949 1.00 24.80 ? 113 ASN A CG  1 
ATOM   878  O OD1 . ASN A 1 113 ? -7.633  -1.133  -13.859 1.00 30.66 ? 113 ASN A OD1 1 
ATOM   879  N ND2 . ASN A 1 113 ? -6.080  0.195   -14.767 1.00 29.39 ? 113 ASN A ND2 1 
ATOM   880  N N   . ARG A 1 114 ? -7.178  4.061   -11.515 1.00 11.69 ? 114 ARG A N   1 
ATOM   881  C CA  . ARG A 1 114 ? -7.912  5.173   -10.964 1.00 11.65 ? 114 ARG A CA  1 
ATOM   882  C C   . ARG A 1 114 ? -7.073  6.381   -10.593 1.00 11.95 ? 114 ARG A C   1 
ATOM   883  O O   . ARG A 1 114 ? -7.640  7.453   -10.338 1.00 14.01 ? 114 ARG A O   1 
ATOM   884  C CB  . ARG A 1 114 ? -8.754  4.734   -9.759  1.00 13.79 ? 114 ARG A CB  1 
ATOM   885  C CG  . ARG A 1 114 ? -9.629  3.504   -9.994  1.00 16.76 ? 114 ARG A CG  1 
ATOM   886  C CD  . ARG A 1 114 ? -10.755 3.718   -10.952 1.00 18.76 ? 114 ARG A CD  1 
ATOM   887  N NE  . ARG A 1 114 ? -11.797 4.601   -10.468 1.00 18.79 ? 114 ARG A NE  1 
ATOM   888  C CZ  . ARG A 1 114 ? -12.919 4.293   -9.870  1.00 17.37 ? 114 ARG A CZ  1 
ATOM   889  N NH1 . ARG A 1 114 ? -13.189 3.024   -9.546  1.00 17.45 ? 114 ARG A NH1 1 
ATOM   890  N NH2 . ARG A 1 114 ? -13.783 5.238   -9.523  1.00 19.31 ? 114 ARG A NH2 1 
ATOM   891  N N   . CYS A 1 115 ? -5.752  6.225   -10.498 1.00 10.57 ? 115 CYS A N   1 
ATOM   892  C CA  . CYS A 1 115 ? -4.904  7.306   -10.019 1.00 10.35 ? 115 CYS A CA  1 
ATOM   893  C C   . CYS A 1 115 ? -3.906  7.772   -11.073 1.00 10.88 ? 115 CYS A C   1 
ATOM   894  O O   . CYS A 1 115 ? -3.677  8.975   -11.261 1.00 11.49 ? 115 CYS A O   1 
ATOM   895  C CB  . CYS A 1 115 ? -4.131  6.842   -8.783  1.00 11.14 ? 115 CYS A CB  1 
ATOM   896  S SG  . CYS A 1 115 ? -5.119  6.299   -7.402  1.00 11.14 ? 115 CYS A SG  1 
ATOM   897  N N   . LYS A 1 116 ? -3.218  6.835   -11.689 1.00 11.34 ? 116 LYS A N   1 
ATOM   898  C CA  . LYS A 1 116 ? -2.108  7.156   -12.602 1.00 11.90 ? 116 LYS A CA  1 
ATOM   899  C C   . LYS A 1 116 ? -2.554  8.161   -13.654 1.00 12.06 ? 116 LYS A C   1 
ATOM   900  O O   . LYS A 1 116 ? -3.622  8.042   -14.259 1.00 13.40 ? 116 LYS A O   1 
ATOM   901  C CB  . LYS A 1 116 ? -1.709  5.829   -13.293 1.00 14.43 ? 116 LYS A CB  1 
ATOM   902  C CG  . LYS A 1 116 ? -0.536  5.996   -14.252 1.00 17.04 ? 116 LYS A CG  1 
ATOM   903  C CD  . LYS A 1 116 ? -0.185  4.663   -14.868 1.00 19.35 ? 116 LYS A CD  1 
ATOM   904  C CE  . LYS A 1 116 ? 1.050   4.723   -15.715 1.00 21.62 ? 116 LYS A CE  1 
ATOM   905  N NZ  . LYS A 1 116 ? 1.365   3.353   -16.294 1.00 26.24 ? 116 LYS A NZ  1 
ATOM   906  N N   . GLY A 1 117 ? -1.700  9.161   -13.849 1.00 13.05 ? 117 GLY A N   1 
ATOM   907  C CA  . GLY A 1 117 ? -1.883  10.150  -14.864 1.00 13.40 ? 117 GLY A CA  1 
ATOM   908  C C   . GLY A 1 117 ? -2.772  11.295  -14.488 1.00 12.79 ? 117 GLY A C   1 
ATOM   909  O O   . GLY A 1 117 ? -2.697  12.358  -15.116 1.00 15.10 ? 117 GLY A O   1 
ATOM   910  N N   . THR A 1 118 ? -3.535  11.184  -13.407 1.00 12.76 ? 118 THR A N   1 
ATOM   911  C CA  . THR A 1 118 ? -4.414  12.265  -12.949 1.00 11.82 ? 118 THR A CA  1 
ATOM   912  C C   . THR A 1 118 ? -3.600  13.222  -12.066 1.00 11.43 ? 118 THR A C   1 
ATOM   913  O O   . THR A 1 118 ? -2.468  12.968  -11.699 1.00 14.09 ? 118 THR A O   1 
ATOM   914  C CB  . THR A 1 118 ? -5.631  11.750  -12.185 1.00 11.42 ? 118 THR A CB  1 
ATOM   915  O OG1 . THR A 1 118 ? -5.206  11.219  -10.903 1.00 12.37 ? 118 THR A OG1 1 
ATOM   916  C CG2 . THR A 1 118 ? -6.344  10.672  -12.942 1.00 14.31 ? 118 THR A CG2 1 
ATOM   917  N N   . ASP A 1 119 ? -4.241  14.343  -11.728 1.00 11.86 ? 119 ASP A N   1 
ATOM   918  C CA  . ASP A 1 119 ? -3.593  15.292  -10.816 1.00 12.68 ? 119 ASP A CA  1 
ATOM   919  C C   . ASP A 1 119 ? -3.683  14.765  -9.375  1.00 11.92 ? 119 ASP A C   1 
ATOM   920  O O   . ASP A 1 119 ? -4.567  15.136  -8.628  1.00 13.92 ? 119 ASP A O   1 
ATOM   921  C CB  . ASP A 1 119 ? -4.255  16.666  -10.881 1.00 13.58 ? 119 ASP A CB  1 
ATOM   922  C CG  . ASP A 1 119 ? -3.582  17.672  -9.970  1.00 15.12 ? 119 ASP A CG  1 
ATOM   923  O OD1 . ASP A 1 119 ? -2.445  17.372  -9.514  1.00 16.57 ? 119 ASP A OD1 1 
ATOM   924  O OD2 . ASP A 1 119 ? -4.136  18.757  -9.820  1.00 20.58 ? 119 ASP A OD2 1 
ATOM   925  N N   . VAL A 1 120 ? -2.744  13.883  -9.022  1.00 11.96 ? 120 VAL A N   1 
ATOM   926  C CA  . VAL A 1 120 ? -2.789  13.267  -7.708  1.00 13.67 ? 120 VAL A CA  1 
ATOM   927  C C   . VAL A 1 120 ? -2.436  14.224  -6.597  1.00 13.27 ? 120 VAL A C   1 
ATOM   928  O O   . VAL A 1 120 ? -2.612  13.886  -5.419  1.00 14.35 ? 120 VAL A O   1 
ATOM   929  C CB  . VAL A 1 120 ? -1.899  12.027  -7.630  1.00 13.24 ? 120 VAL A CB  1 
ATOM   930  C CG1 . VAL A 1 120 ? -2.439  10.934  -8.510  1.00 16.97 ? 120 VAL A CG1 1 
ATOM   931  C CG2 . VAL A 1 120 ? -0.471  12.394  -7.850  1.00 16.94 ? 120 VAL A CG2 1 
ATOM   932  N N   . HIS A 1 121 ? -1.955  15.435  -6.915  1.00 15.39 ? 121 HIS A N   1 
ATOM   933  C CA  . HIS A 1 121 ? -1.762  16.433  -5.879  1.00 18.50 ? 121 HIS A CA  1 
ATOM   934  C C   . HIS A 1 121 ? -3.054  16.706  -5.143  1.00 17.87 ? 121 HIS A C   1 
ATOM   935  O O   . HIS A 1 121 ? -3.048  17.149  -3.984  1.00 20.04 ? 121 HIS A O   1 
ATOM   936  C CB  . HIS A 1 121 ? -1.191  17.723  -6.482  1.00 22.99 ? 121 HIS A CB  1 
ATOM   937  C CG  . HIS A 1 121 ? 0.113   17.535  -7.210  1.00 28.67 ? 121 HIS A CG  1 
ATOM   938  N ND1 . HIS A 1 121 ? 0.787   18.593  -7.820  1.00 30.73 ? 121 HIS A ND1 1 
ATOM   939  C CD2 . HIS A 1 121 ? 0.835   16.448  -7.502  1.00 29.45 ? 121 HIS A CD2 1 
ATOM   940  C CE1 . HIS A 1 121 ? 1.866   18.157  -8.414  1.00 28.64 ? 121 HIS A CE1 1 
ATOM   941  N NE2 . HIS A 1 121 ? 1.946   16.850  -8.206  1.00 31.05 ? 121 HIS A NE2 1 
ATOM   942  N N   . ALA A 1 122 ? -4.202  16.523  -5.801  1.00 17.71 ? 122 ALA A N   1 
ATOM   943  C CA  . ALA A 1 122 ? -5.488  16.749  -5.158  1.00 19.40 ? 122 ALA A CA  1 
ATOM   944  C C   . ALA A 1 122 ? -5.642  15.958  -3.871  1.00 18.12 ? 122 ALA A C   1 
ATOM   945  O O   . ALA A 1 122 ? -6.344  16.371  -2.937  1.00 20.42 ? 122 ALA A O   1 
ATOM   946  C CB  . ALA A 1 122 ? -6.643  16.448  -6.102  1.00 25.14 ? 122 ALA A CB  1 
ATOM   947  N N   . TRP A 1 123 ? -5.029  14.775  -3.769  1.00 15.38 ? 123 TRP A N   1 
ATOM   948  C CA  . TRP A 1 123 ? -5.165  13.928  -2.633  1.00 14.94 ? 123 TRP A CA  1 
ATOM   949  C C   . TRP A 1 123 ? -4.557  14.428  -1.353  1.00 15.01 ? 123 TRP A C   1 
ATOM   950  O O   . TRP A 1 123 ? -4.887  13.901  -0.276  1.00 17.32 ? 123 TRP A O   1 
ATOM   951  C CB  . TRP A 1 123 ? -4.703  12.480  -2.922  1.00 13.84 ? 123 TRP A CB  1 
ATOM   952  C CG  . TRP A 1 123 ? -5.613  11.854  -3.930  1.00 13.38 ? 123 TRP A CG  1 
ATOM   953  C CD1 . TRP A 1 123 ? -5.486  11.841  -5.275  1.00 15.53 ? 123 TRP A CD1 1 
ATOM   954  C CD2 . TRP A 1 123 ? -6.857  11.209  -3.635  1.00 13.82 ? 123 TRP A CD2 1 
ATOM   955  N NE1 . TRP A 1 123 ? -6.557  11.209  -5.846  1.00 15.35 ? 123 TRP A NE1 1 
ATOM   956  C CE2 . TRP A 1 123 ? -7.412  10.816  -4.871  1.00 15.16 ? 123 TRP A CE2 1 
ATOM   957  C CE3 . TRP A 1 123 ? -7.530  10.955  -2.438  1.00 16.02 ? 123 TRP A CE3 1 
ATOM   958  C CZ2 . TRP A 1 123 ? -8.639  10.155  -4.942  1.00 18.85 ? 123 TRP A CZ2 1 
ATOM   959  C CZ3 . TRP A 1 123 ? -8.746  10.294  -2.527  1.00 20.37 ? 123 TRP A CZ3 1 
ATOM   960  C CH2 . TRP A 1 123 ? -9.276  9.905   -3.758  1.00 19.50 ? 123 TRP A CH2 1 
ATOM   961  N N   . ILE A 1 124 ? -3.667  15.399  -1.449  1.00 16.23 ? 124 ILE A N   1 
ATOM   962  C CA  . ILE A 1 124 ? -3.054  15.981  -0.260  1.00 16.51 ? 124 ILE A CA  1 
ATOM   963  C C   . ILE A 1 124 ? -3.399  17.443  -0.087  1.00 18.92 ? 124 ILE A C   1 
ATOM   964  O O   . ILE A 1 124 ? -2.907  18.102  0.851   1.00 21.07 ? 124 ILE A O   1 
ATOM   965  C CB  . ILE A 1 124 ? -1.533  15.780  -0.291  1.00 18.72 ? 124 ILE A CB  1 
ATOM   966  C CG1 . ILE A 1 124 ? -0.866  16.469  -1.480  1.00 22.24 ? 124 ILE A CG1 1 
ATOM   967  C CG2 . ILE A 1 124 ? -1.179  14.303  -0.241  1.00 19.91 ? 124 ILE A CG2 1 
ATOM   968  C CD1 . ILE A 1 124 ? 0.625   16.627  -1.342  1.00 28.16 ? 124 ILE A CD1 1 
ATOM   969  N N   . ARG A 1 125 ? -4.283  17.966  -0.933  1.00 22.47 ? 125 ARG A N   1 
ATOM   970  C CA  . ARG A 1 125 ? -4.766  19.342  -0.774  1.00 26.47 ? 125 ARG A CA  1 
ATOM   971  C C   . ARG A 1 125 ? -5.541  19.557  0.504   1.00 27.61 ? 125 ARG A C   1 
ATOM   972  O O   . ARG A 1 125 ? -6.385  18.743  0.909   1.00 28.36 ? 125 ARG A O   1 
ATOM   973  C CB  . ARG A 1 125 ? -5.627  19.711  -1.998  1.00 34.92 ? 125 ARG A CB  1 
ATOM   974  C CG  . ARG A 1 125 ? -6.044  21.166  -2.020  1.00 43.30 ? 125 ARG A CG  1 
ATOM   975  C CD  . ARG A 1 125 ? -6.580  21.555  -3.396  1.00 48.92 ? 125 ARG A CD  1 
ATOM   976  N NE  . ARG A 1 125 ? -5.455  21.944  -4.271  1.00 49.56 ? 125 ARG A NE  1 
ATOM   977  C CZ  . ARG A 1 125 ? -4.815  21.072  -5.041  1.00 51.65 ? 125 ARG A CZ  1 
ATOM   978  N NH1 . ARG A 1 125 ? -3.502  20.965  -4.959  1.00 66.36 ? 125 ARG A NH1 1 
ATOM   979  N NH2 . ARG A 1 125 ? -5.505  20.320  -5.897  1.00 62.30 ? 125 ARG A NH2 1 
ATOM   980  N N   . GLY A 1 126 ? -5.271  20.667  1.217   1.00 29.20 ? 126 GLY A N   1 
ATOM   981  C CA  . GLY A 1 126 ? -6.004  20.882  2.460   1.00 30.06 ? 126 GLY A CA  1 
ATOM   982  C C   . GLY A 1 126 ? -5.416  20.186  3.650   1.00 27.74 ? 126 GLY A C   1 
ATOM   983  O O   . GLY A 1 126 ? -5.906  20.356  4.778   1.00 29.61 ? 126 GLY A O   1 
ATOM   984  N N   . CYS A 1 127 ? -4.338  19.420  3.474   1.00 23.92 ? 127 CYS A N   1 
ATOM   985  C CA  . CYS A 1 127 ? -3.709  18.725  4.597   1.00 21.92 ? 127 CYS A CA  1 
ATOM   986  C C   . CYS A 1 127 ? -2.566  19.568  5.150   1.00 24.28 ? 127 CYS A C   1 
ATOM   987  O O   . CYS A 1 127 ? -1.881  20.271  4.392   1.00 28.19 ? 127 CYS A O   1 
ATOM   988  C CB  . CYS A 1 127 ? -3.162  17.365  4.138   1.00 20.84 ? 127 CYS A CB  1 
ATOM   989  S SG  . CYS A 1 127 ? -4.398  16.281  3.386   1.00 20.13 ? 127 CYS A SG  1 
ATOM   990  N N   . ARG A 1 128 ? -2.379  19.573  6.448   1.00 30.92 ? 128 ARG A N   1 
ATOM   991  C CA  . ARG A 1 128 ? -1.195  20.368  6.940   1.00 37.41 ? 128 ARG A CA  1 
ATOM   992  C C   . ARG A 1 128 ? -0.072  19.301  7.103   1.00 40.87 ? 128 ARG A C   1 
ATOM   993  O O   . ARG A 1 128 ? -0.330  18.343  7.830   1.00 52.53 ? 128 ARG A O   1 
ATOM   994  C CB  A ARG A 1 128 ? -1.539  20.911  8.328   0.40 42.00 ? 128 ARG A CB  1 
ATOM   995  C CB  B ARG A 1 128 ? -1.487  21.036  8.236   0.60 41.07 ? 128 ARG A CB  1 
ATOM   996  C CG  A ARG A 1 128 ? -0.383  20.861  9.314   0.40 44.05 ? 128 ARG A CG  1 
ATOM   997  C CG  B ARG A 1 128 ? -2.651  21.970  8.346   0.60 42.81 ? 128 ARG A CG  1 
ATOM   998  C CD  A ARG A 1 128 ? -0.876  20.625  10.734  0.40 45.11 ? 128 ARG A CD  1 
ATOM   999  C CD  B ARG A 1 128 ? -2.620  23.144  7.414   0.60 45.01 ? 128 ARG A CD  1 
ATOM   1000 N NE  A ARG A 1 128 ? -1.335  21.883  11.352  0.40 46.96 ? 128 ARG A NE  1 
ATOM   1001 N NE  B ARG A 1 128 ? -1.298  23.737  7.256   0.60 48.66 ? 128 ARG A NE  1 
ATOM   1002 C CZ  A ARG A 1 128 ? -2.374  21.945  12.177  0.40 52.36 ? 128 ARG A CZ  1 
ATOM   1003 C CZ  B ARG A 1 128 ? -0.877  24.321  6.135   0.60 46.89 ? 128 ARG A CZ  1 
ATOM   1004 N NH1 A ARG A 1 128 ? -3.350  21.054  12.071  0.40 47.30 ? 128 ARG A NH1 1 
ATOM   1005 N NH1 B ARG A 1 128 ? -1.656  24.295  5.058   0.60 43.08 ? 128 ARG A NH1 1 
ATOM   1006 N NH2 A ARG A 1 128 ? -2.419  22.871  13.129  0.40 53.59 ? 128 ARG A NH2 1 
ATOM   1007 N NH2 B ARG A 1 128 ? 0.314   24.896  6.076   0.60 50.13 ? 128 ARG A NH2 1 
ATOM   1008 N N   . LEU A 1 129 ? 0.968   19.417  6.332   1.00 43.58 ? 129 LEU A N   1 
ATOM   1009 C CA  . LEU A 1 129 ? 2.002   18.386  6.171   1.00 46.91 ? 129 LEU A CA  1 
ATOM   1010 C C   . LEU A 1 129 ? 3.350   18.878  6.676   1.00 52.21 ? 129 LEU A C   1 
ATOM   1011 O O   . LEU A 1 129 ? 3.404   20.035  7.139   1.00 55.99 ? 129 LEU A O   1 
ATOM   1012 C CB  . LEU A 1 129 ? 2.128   18.110  4.637   1.00 44.25 ? 129 LEU A CB  1 
ATOM   1013 C CG  . LEU A 1 129 ? 0.943   17.333  4.081   1.00 39.24 ? 129 LEU A CG  1 
ATOM   1014 C CD1 . LEU A 1 129 ? 0.929   17.279  2.590   1.00 51.02 ? 129 LEU A CD1 1 
ATOM   1015 C CD2 . LEU A 1 129 ? 0.827   15.979  4.737   1.00 50.08 ? 129 LEU A CD2 1 
ATOM   1016 O OXT . LEU A 1 129 ? 4.335   18.108  6.631   1.00 55.95 ? 129 LEU A OXT 1 
HETATM 1017 O O   A POL B 2 .   ? 4.580   11.990  -8.919  0.60 23.97 ? 130 POL A O   1 
HETATM 1018 O O   B POL B 2 .   ? 0.340   13.999  -10.707 0.40 22.16 ? 130 POL A O   1 
HETATM 1019 C C1  A POL B 2 .   ? 3.864   12.855  -9.707  0.60 14.25 ? 130 POL A C1  1 
HETATM 1020 C C1  B POL B 2 .   ? 1.660   14.178  -11.147 0.40 16.12 ? 130 POL A C1  1 
HETATM 1021 C C2  A POL B 2 .   ? 2.755   13.675  -9.206  0.60 23.43 ? 130 POL A C2  1 
HETATM 1022 C C2  B POL B 2 .   ? 2.654   13.594  -10.140 0.40 12.81 ? 130 POL A C2  1 
HETATM 1023 C C3  A POL B 2 .   ? 1.674   13.831  -10.329 0.60 19.26 ? 130 POL A C3  1 
HETATM 1024 C C3  B POL B 2 .   ? 2.398   12.119  -9.915  0.40 18.26 ? 130 POL A C3  1 
HETATM 1025 O O   . HOH C 3 .   ? -0.965  -3.047  3.228   1.00 13.69 ? 201 HOH A O   1 
HETATM 1026 O O   . HOH C 3 .   ? -3.900  -16.679 1.578   1.00 16.97 ? 202 HOH A O   1 
HETATM 1027 O O   . HOH C 3 .   ? 3.711   -1.497  11.468  1.00 20.19 ? 203 HOH A O   1 
HETATM 1028 O O   . HOH C 3 .   ? 1.444   -2.077  8.790   1.00 19.96 ? 204 HOH A O   1 
HETATM 1029 O O   . HOH C 3 .   ? 8.236   11.778  2.871   1.00 18.34 ? 205 HOH A O   1 
HETATM 1030 O O   . HOH C 3 .   ? -5.666  6.272   -14.344 1.00 22.49 ? 206 HOH A O   1 
HETATM 1031 O O   . HOH C 3 .   ? 2.690   -4.040  12.295  1.00 25.47 ? 207 HOH A O   1 
HETATM 1032 O O   . HOH C 3 .   ? -12.482 -1.293  2.798   1.00 21.92 ? 208 HOH A O   1 
HETATM 1033 O O   . HOH C 3 .   ? 7.528   -4.502  6.318   1.00 25.26 ? 209 HOH A O   1 
HETATM 1034 O O   . HOH C 3 .   ? -8.968  9.353   -8.852  1.00 27.38 ? 210 HOH A O   1 
HETATM 1035 O O   . HOH C 3 .   ? -9.538  8.401   -12.131 1.00 21.47 ? 211 HOH A O   1 
HETATM 1036 O O   . HOH C 3 .   ? 1.300   14.575  -4.553  1.00 17.83 ? 212 HOH A O   1 
HETATM 1037 O O   . HOH C 3 .   ? -11.825 -5.960  2.259   1.00 20.37 ? 213 HOH A O   1 
HETATM 1038 O O   . HOH C 3 .   ? 2.804   -18.618 -3.751  1.00 20.19 ? 214 HOH A O   1 
HETATM 1039 O O   . HOH C 3 .   ? 9.594   -5.052  4.705   1.00 21.70 ? 215 HOH A O   1 
HETATM 1040 O O   . HOH C 3 .   ? 0.163   -13.556 8.971   1.00 22.92 ? 216 HOH A O   1 
HETATM 1041 O O   . HOH C 3 .   ? 5.192   -24.956 -2.205  1.00 24.48 ? 217 HOH A O   1 
HETATM 1042 O O   . HOH C 3 .   ? 11.068  -7.065  7.733   1.00 25.33 ? 218 HOH A O   1 
HETATM 1043 O O   . HOH C 3 .   ? 0.442   -6.910  -3.665  1.00 26.97 ? 219 HOH A O   1 
HETATM 1044 O O   . HOH C 3 .   ? -14.304 -13.154 4.122   1.00 28.60 ? 220 HOH A O   1 
HETATM 1045 O O   . HOH C 3 .   ? -1.186  -0.908  8.517   1.00 22.98 ? 221 HOH A O   1 
HETATM 1046 O O   . HOH C 3 .   ? -1.131  11.054  11.060  1.00 25.83 ? 222 HOH A O   1 
HETATM 1047 O O   . HOH C 3 .   ? -5.069  -3.445  -7.364  1.00 31.36 ? 223 HOH A O   1 
HETATM 1048 O O   . HOH C 3 .   ? -10.677 6.017   -13.818 1.00 33.67 ? 224 HOH A O   1 
HETATM 1049 O O   . HOH C 3 .   ? 8.681   -16.973 5.094   1.00 28.60 ? 225 HOH A O   1 
HETATM 1050 O O   . HOH C 3 .   ? -12.542 -10.674 -1.647  1.00 28.44 ? 226 HOH A O   1 
HETATM 1051 O O   . HOH C 3 .   ? -7.867  13.258  8.186   1.00 29.52 ? 227 HOH A O   1 
HETATM 1052 O O   . HOH C 3 .   ? 3.932   7.566   10.415  1.00 28.70 ? 228 HOH A O   1 
HETATM 1053 O O   . HOH C 3 .   ? 1.507   4.706   11.414  1.00 39.42 ? 229 HOH A O   1 
HETATM 1054 O O   . HOH C 3 .   ? 2.810   -7.293  -6.494  1.00 30.62 ? 230 HOH A O   1 
HETATM 1055 O O   . HOH C 3 .   ? -2.271  -1.790  6.484   1.00 31.76 ? 231 HOH A O   1 
HETATM 1056 O O   . HOH C 3 .   ? 13.825  7.640   -4.172  1.00 28.56 ? 232 HOH A O   1 
HETATM 1057 O O   . HOH C 3 .   ? -11.664 8.040   5.721   1.00 25.90 ? 233 HOH A O   1 
HETATM 1058 O O   . HOH C 3 .   ? -7.860  4.000   -16.429 1.00 36.09 ? 234 HOH A O   1 
HETATM 1059 O O   . HOH C 3 .   ? -8.768  14.257  5.963   1.00 36.43 ? 235 HOH A O   1 
HETATM 1060 O O   . HOH C 3 .   ? 11.996  -14.154 2.466   1.00 35.74 ? 236 HOH A O   1 
HETATM 1061 O O   . HOH C 3 .   ? -3.649  -4.818  -7.599  1.00 42.76 ? 237 HOH A O   1 
HETATM 1062 O O   . HOH C 3 .   ? -12.554 6.044   4.281   1.00 35.10 ? 238 HOH A O   1 
HETATM 1063 O O   . HOH C 3 .   ? 9.182   7.686   10.653  1.00 33.86 ? 239 HOH A O   1 
HETATM 1064 O O   . HOH C 3 .   ? 2.894   17.187  -4.485  1.00 44.21 ? 240 HOH A O   1 
HETATM 1065 O O   . HOH C 3 .   ? 2.521   -19.528 3.649   1.00 38.01 ? 241 HOH A O   1 
HETATM 1066 O O   . HOH C 3 .   ? 4.165   -15.700 8.970   1.00 39.81 ? 242 HOH A O   1 
HETATM 1067 O O   . HOH C 3 .   ? -10.126 -3.878  -0.708  1.00 32.99 ? 243 HOH A O   1 
HETATM 1068 O O   . HOH C 3 .   ? 12.401  8.144   1.376   1.00 47.27 ? 244 HOH A O   1 
HETATM 1069 O O   . HOH C 3 .   ? -4.340  18.084  8.123   1.00 45.48 ? 245 HOH A O   1 
HETATM 1070 O O   . HOH C 3 .   ? -2.878  -5.356  -4.691  1.00 40.25 ? 246 HOH A O   1 
HETATM 1071 O O   . HOH C 3 .   ? 11.776  -0.844  2.592   1.00 30.20 ? 247 HOH A O   1 
HETATM 1072 O O   . HOH C 3 .   ? -7.260  -6.340  -3.582  1.00 31.08 ? 248 HOH A O   1 
HETATM 1073 O O   . HOH C 3 .   ? 1.345   21.511  -5.717  1.00 52.77 ? 249 HOH A O   1 
HETATM 1074 O O   . HOH C 3 .   ? 2.126   -22.249 -4.814  1.00 50.44 ? 250 HOH A O   1 
HETATM 1075 O O   . HOH C 3 .   ? -8.958  -8.472  8.514   1.00 47.71 ? 251 HOH A O   1 
HETATM 1076 O O   . HOH C 3 .   ? -9.221  -3.631  -3.531  1.00 43.03 ? 252 HOH A O   1 
HETATM 1077 O O   . HOH C 3 .   ? -11.089 3.490   12.760  1.00 39.97 ? 253 HOH A O   1 
HETATM 1078 O O   . HOH C 3 .   ? -6.531  19.091  -8.784  1.00 43.31 ? 254 HOH A O   1 
HETATM 1079 O O   . HOH C 3 .   ? -6.685  5.696   -17.713 1.00 42.22 ? 255 HOH A O   1 
HETATM 1080 O O   . HOH C 3 .   ? 13.803  -9.429  0.366   1.00 57.15 ? 256 HOH A O   1 
HETATM 1081 O O   . HOH C 3 .   ? -10.415 -1.063  10.572  1.00 26.60 ? 257 HOH A O   1 
HETATM 1082 O O   . HOH C 3 .   ? 1.362   -13.775 12.513  1.00 25.46 ? 258 HOH A O   1 
HETATM 1083 O O   . HOH C 3 .   ? 4.863   -4.805  13.284  1.00 49.72 ? 259 HOH A O   1 
HETATM 1084 O O   . HOH C 3 .   ? 7.320   4.189   12.677  1.00 49.00 ? 260 HOH A O   1 
HETATM 1085 O O   . HOH C 3 .   ? -4.053  -21.313 0.308   1.00 48.71 ? 261 HOH A O   1 
HETATM 1086 O O   . HOH C 3 .   ? 12.781  -6.411  5.594   1.00 53.20 ? 262 HOH A O   1 
HETATM 1087 O O   . HOH C 3 .   ? 0.758   -4.702  -5.329  1.00 61.97 ? 263 HOH A O   1 
HETATM 1088 O O   . HOH C 3 .   ? -5.759  -4.977  -5.464  1.00 42.19 ? 264 HOH A O   1 
HETATM 1089 O O   . HOH C 3 .   ? -2.668  13.654  11.699  1.00 48.83 ? 265 HOH A O   1 
HETATM 1090 O O   . HOH C 3 .   ? 11.118  -5.414  -5.692  1.00 47.15 ? 266 HOH A O   1 
HETATM 1091 O O   . HOH C 3 .   ? 3.531   14.629  8.609   1.00 48.53 ? 267 HOH A O   1 
HETATM 1092 O O   . HOH C 3 .   ? 13.069  5.538   2.356   1.00 48.60 ? 268 HOH A O   1 
HETATM 1093 O O   . HOH C 3 .   ? 1.034   -9.430  13.711  1.00 42.92 ? 269 HOH A O   1 
HETATM 1094 O O   . HOH C 3 .   ? 8.852   -3.665  8.448   1.00 47.12 ? 270 HOH A O   1 
HETATM 1095 O O   . HOH C 3 .   ? -8.298  17.402  -9.332  1.00 35.36 ? 271 HOH A O   1 
HETATM 1096 O O   . HOH C 3 .   ? -1.680  -7.221  13.457  1.00 57.56 ? 272 HOH A O   1 
HETATM 1097 O O   . HOH C 3 .   ? -9.038  13.247  14.378  1.00 58.48 ? 273 HOH A O   1 
HETATM 1098 O O   . HOH C 3 .   ? -1.158  -13.529 -6.483  1.00 54.32 ? 274 HOH A O   1 
HETATM 1099 O O   . HOH C 3 .   ? -1.087  19.696  1.342   1.00 56.62 ? 275 HOH A O   1 
HETATM 1100 O O   . HOH C 3 .   ? -2.820  -2.379  15.825  1.00 47.57 ? 276 HOH A O   1 
HETATM 1101 O O   . HOH C 3 .   ? -9.901  17.139  -7.276  1.00 54.18 ? 277 HOH A O   1 
HETATM 1102 O O   . HOH C 3 .   ? 12.271  -14.872 -5.886  1.00 55.32 ? 278 HOH A O   1 
HETATM 1103 O O   . HOH C 3 .   ? -2.926  -12.402 8.259   1.00 50.40 ? 279 HOH A O   1 
HETATM 1104 O O   . HOH C 3 .   ? -0.669  -16.103 9.806   1.00 54.36 ? 280 HOH A O   1 
HETATM 1105 O O   . HOH C 3 .   ? 7.162   -17.871 3.364   1.00 40.46 ? 281 HOH A O   1 
HETATM 1106 O O   . HOH C 3 .   ? -13.248 -3.911  -3.975  1.00 24.74 ? 282 HOH A O   1 
HETATM 1107 O O   . HOH C 3 .   ? 7.071   17.770  -2.039  0.63 67.08 ? 283 HOH A O   1 
HETATM 1108 O O   . HOH C 3 .   ? 12.078  10.968  -6.743  0.69 59.91 ? 284 HOH A O   1 
HETATM 1109 O O   . HOH C 3 .   ? 2.848   -22.030 3.569   0.70 52.45 ? 285 HOH A O   1 
HETATM 1110 O O   . HOH C 3 .   ? -9.470  1.788   -14.046 0.57 47.76 ? 286 HOH A O   1 
HETATM 1111 O O   . HOH C 3 .   ? 13.777  9.422   -2.701  0.92 55.85 ? 287 HOH A O   1 
HETATM 1112 O O   . HOH C 3 .   ? 6.359   -2.109  12.695  0.70 52.52 ? 288 HOH A O   1 
HETATM 1113 O O   . HOH C 3 .   ? 12.273  -12.151 -6.108  0.96 57.05 ? 289 HOH A O   1 
HETATM 1114 O O   . HOH C 3 .   ? 2.066   -23.936 6.195   0.82 52.87 ? 290 HOH A O   1 
HETATM 1115 O O   . HOH C 3 .   ? 4.679   16.360  0.926   0.82 49.59 ? 291 HOH A O   1 
HETATM 1116 O O   . HOH C 3 .   ? 5.680   16.843  -5.447  0.81 52.98 ? 292 HOH A O   1 
HETATM 1117 O O   . HOH C 3 .   ? 11.414  -3.395  5.491   0.76 55.81 ? 293 HOH A O   1 
HETATM 1118 O O   . HOH C 3 .   ? 4.499   -3.761  15.540  0.79 50.44 ? 294 HOH A O   1 
HETATM 1119 O O   . HOH C 3 .   ? -11.149 12.517  5.720   0.81 52.20 ? 295 HOH A O   1 
HETATM 1120 O O   . HOH C 3 .   ? -6.543  22.772  5.854   0.76 54.13 ? 296 HOH A O   1 
HETATM 1121 O O   . HOH C 3 .   ? -5.578  -2.383  12.302  0.59 43.89 ? 297 HOH A O   1 
HETATM 1122 O O   . HOH C 3 .   ? 5.748   15.561  8.646   1.00 48.09 ? 298 HOH A O   1 
HETATM 1123 O O   . HOH C 3 .   ? 11.460  2.709   4.912   0.86 42.87 ? 299 HOH A O   1 
HETATM 1124 O O   . HOH C 3 .   ? -5.145  17.078  12.114  0.79 54.84 ? 300 HOH A O   1 
HETATM 1125 O O   . HOH C 3 .   ? 14.756  -13.121 -4.447  0.78 47.75 ? 301 HOH A O   1 
HETATM 1126 O O   . HOH C 3 .   ? -2.459  8.815   12.947  0.77 60.73 ? 302 HOH A O   1 
HETATM 1127 O O   . HOH C 3 .   ? -0.296  24.016  9.815   0.80 50.66 ? 303 HOH A O   1 
HETATM 1128 O O   . HOH C 3 .   ? 12.065  11.256  -0.977  0.41 56.52 ? 304 HOH A O   1 
HETATM 1129 O O   . HOH C 3 .   ? 4.544   15.786  -2.801  0.80 63.56 ? 305 HOH A O   1 
HETATM 1130 O O   . HOH C 3 .   ? -10.358 -0.219  -12.584 0.84 51.57 ? 306 HOH A O   1 
HETATM 1131 O O   . HOH C 3 .   ? 12.508  -16.335 -3.984  0.85 50.46 ? 307 HOH A O   1 
HETATM 1132 O O   . HOH C 3 .   ? -10.326 -20.844 -6.007  0.62 52.97 ? 308 HOH A O   1 
HETATM 1133 O O   . HOH C 3 .   ? -5.913  9.853   15.712  0.73 57.84 ? 309 HOH A O   1 
HETATM 1134 O O   . HOH C 3 .   ? -1.161  19.454  -4.061  0.71 62.66 ? 310 HOH A O   1 
HETATM 1135 O O   . HOH C 3 .   ? -11.927 -11.569 -4.258  0.88 62.91 ? 311 HOH A O   1 
HETATM 1136 O O   . HOH C 3 .   ? 7.505   -23.943 -0.501  0.66 56.96 ? 312 HOH A O   1 
HETATM 1137 O O   . HOH C 3 .   ? 3.281   25.070  1.929   0.44 46.67 ? 313 HOH A O   1 
HETATM 1138 O O   . HOH C 3 .   ? -0.372  7.809   12.208  0.53 55.58 ? 314 HOH A O   1 
HETATM 1139 O O   . HOH C 3 .   ? -1.643  4.960   19.962  0.58 55.68 ? 315 HOH A O   1 
HETATM 1140 O O   . HOH C 3 .   ? 2.839   6.061   17.363  0.42 56.63 ? 316 HOH A O   1 
HETATM 1141 O O   . HOH C 3 .   ? -7.277  -0.964  14.196  0.67 52.90 ? 317 HOH A O   1 
HETATM 1142 O O   . HOH C 3 .   ? 1.925   -0.485  2.412   0.68 57.58 ? 318 HOH A O   1 
HETATM 1143 O O   . HOH C 3 .   ? 16.522  -20.382 0.844   0.68 50.96 ? 319 HOH A O   1 
HETATM 1144 O O   . HOH C 3 .   ? -8.966  17.391  -2.761  0.77 49.92 ? 320 HOH A O   1 
HETATM 1145 O O   . HOH C 3 .   ? -1.694  -8.046  -5.467  0.73 56.63 ? 321 HOH A O   1 
HETATM 1146 O O   . HOH C 3 .   ? 2.087   -15.379 10.497  0.90 44.01 ? 322 HOH A O   1 
HETATM 1147 O O   . HOH C 3 .   ? 1.964   -3.171  14.562  0.72 55.85 ? 323 HOH A O   1 
HETATM 1148 O O   . HOH C 3 .   ? 12.543  -17.842 -6.743  0.56 49.20 ? 324 HOH A O   1 
HETATM 1149 O O   . HOH C 3 .   ? -8.931  17.184  6.220   0.52 57.43 ? 325 HOH A O   1 
HETATM 1150 O O   . HOH C 3 .   ? 2.280   -16.542 2.301   0.48 55.00 ? 326 HOH A O   1 
HETATM 1151 O O   . HOH C 3 .   ? -1.949  -5.264  -6.879  0.58 45.97 ? 327 HOH A O   1 
HETATM 1152 O O   . HOH C 3 .   ? -2.557  -4.585  19.063  0.44 52.42 ? 328 HOH A O   1 
HETATM 1153 O O   . HOH C 3 .   ? -5.868  24.657  -6.577  0.52 54.40 ? 329 HOH A O   1 
HETATM 1154 O O   . HOH C 3 .   ? -2.694  15.788  8.323   0.57 56.25 ? 330 HOH A O   1 
HETATM 1155 O O   . HOH C 3 .   ? -0.513  -0.992  15.966  0.86 48.26 ? 331 HOH A O   1 
HETATM 1156 O O   A HOH C 3 .   ? 8.647   13.009  -7.416  0.69 38.14 ? 400 HOH A O   1 
HETATM 1157 O O   B HOH C 3 .   ? 6.918   13.912  -8.669  0.31 36.55 ? 400 HOH A O   1 
HETATM 1158 O O   A HOH C 3 .   ? 10.572  1.351   -10.689 0.53 37.03 ? 401 HOH A O   1 
HETATM 1159 O O   B HOH C 3 .   ? 9.760   1.785   -12.854 0.47 31.48 ? 401 HOH A O   1 
HETATM 1160 O O   A HOH C 3 .   ? 11.045  -17.288 3.310   0.52 50.96 ? 402 HOH A O   1 
HETATM 1161 O O   B HOH C 3 .   ? 11.389  -19.595 4.700   0.48 43.93 ? 402 HOH A O   1 
HETATM 1162 O O   A HOH C 3 .   ? 4.997   -23.533 -4.371  0.47 23.25 ? 403 HOH A O   1 
HETATM 1163 O O   B HOH C 3 .   ? 6.659   -22.330 -5.166  0.53 18.24 ? 403 HOH A O   1 
HETATM 1164 O O   A HOH C 3 .   ? -13.915 -15.642 5.120   0.70 20.61 ? 404 HOH A O   1 
HETATM 1165 O O   B HOH C 3 .   ? -13.535 -15.993 3.237   0.30 23.16 ? 404 HOH A O   1 
HETATM 1166 O O   A HOH C 3 .   ? -13.396 -14.281 -0.797  0.49 36.09 ? 405 HOH A O   1 
HETATM 1167 O O   B HOH C 3 .   ? -12.873 -13.111 1.511   0.51 31.60 ? 405 HOH A O   1 
HETATM 1168 O O   A HOH C 3 .   ? -12.048 -11.044 2.924   0.36 31.14 ? 406 HOH A O   1 
HETATM 1169 O O   B HOH C 3 .   ? -10.391 -12.025 2.396   0.64 29.92 ? 406 HOH A O   1 
HETATM 1170 O O   A HOH C 3 .   ? -15.394 -18.069 -1.557  0.60 48.05 ? 407 HOH A O   1 
HETATM 1171 O O   B HOH C 3 .   ? -16.615 -19.597 -2.333  0.40 41.47 ? 407 HOH A O   1 
HETATM 1172 O O   A HOH C 3 .   ? 14.894  -19.592 -8.242  0.59 27.80 ? 408 HOH A O   1 
HETATM 1173 O O   B HOH C 3 .   ? 15.463  -18.522 -6.450  0.41 31.75 ? 408 HOH A O   1 
HETATM 1174 O O   C HOH C 3 .   ? 15.682  -16.893 -5.708  0.59 24.23 ? 408 HOH A O   1 
HETATM 1175 O O   A HOH C 3 .   ? 13.273  -0.618  -0.196  0.65 50.42 ? 409 HOH A O   1 
HETATM 1176 O O   B HOH C 3 .   ? 14.273  -2.024  0.844   0.35 40.17 ? 409 HOH A O   1 
HETATM 1177 O O   A HOH C 3 .   ? 0.015   -3.217  18.420  0.76 55.59 ? 410 HOH A O   1 
HETATM 1178 O O   B HOH C 3 .   ? 0.159   -3.431  20.661  0.24 55.01 ? 410 HOH A O   1 
HETATM 1179 O O   A HOH C 3 .   ? -9.447  -2.159  -5.364  0.62 32.95 ? 411 HOH A O   1 
HETATM 1180 O O   B HOH C 3 .   ? -9.929  -3.133  -6.682  0.38 30.36 ? 411 HOH A O   1 
HETATM 1181 O O   C HOH C 3 .   ? -11.031 -3.907  -5.655  0.50 35.38 ? 411 HOH A O   1 
# 
